data_1ECJ
#
_entry.id   1ECJ
#
_cell.length_a   116.800
_cell.length_b   156.000
_cell.length_c   106.900
_cell.angle_alpha   90.00
_cell.angle_beta   90.00
_cell.angle_gamma   90.00
#
_symmetry.space_group_name_H-M   'P 21 21 21'
#
loop_
_entity.id
_entity.type
_entity.pdbx_description
1 polymer 'GLUTAMINE PHOSPHORIBOSYLPYROPHOSPHATE AMIDOTRANSFERASE'
2 non-polymer 'ADENOSINE MONOPHOSPHATE'
3 water water
#
_entity_poly.entity_id   1
_entity_poly.type   'polypeptide(L)'
_entity_poly.pdbx_seq_one_letter_code
;CGIVGIAGVMPVNQSIYDALTVLQHRGQDAAGIITIDANNCFRLRKANGLVSDVFEARHMQRLQGNMGIGHVRYPTAGSS
SASEAQPFYVNSPYGITLAHNGNLTNAHELRKKLFEEKRRHINTTSDSEILLNIFASELDNFRHYPLEADNIFAAIAATN
RLIRGAYACVAMIIGHGMVAFRDPNGIRPLVLGKRDIDENRTEYMVASESVALDTLGFDFLRDVAPGEAIYITEEGQLFT
RQCADNPVSNPCLFEYVYFARPDSFIDKISVYSARVNMGTKLGEKIAREWEDLDIDVVIPIPETSCDIALEIARILGKPY
RQGFVKNRYVGRTFIMPGQQLRRKSVRRKLNANRAEFRDKNVLLVDDSIVRGTTSEQIIEMAREAGAKKVYLASAAPEIR
FPNVYGIDMPSATELIAHGREVDEIRQIIGADGLIFQDLNDLIDAVRAENPDIQQFECSVFNGVYVTKDVDQGYLDFLDT
LRNDDAKAVQRQNEVENLEMHNEG
;
_entity_poly.pdbx_strand_id   A,B,C,D
#
# COMPACT_ATOMS: atom_id res chain seq x y z
N CYS A 1 -7.76 17.29 -20.02
CA CYS A 1 -6.33 17.13 -19.65
C CYS A 1 -5.60 18.46 -19.53
N GLY A 2 -4.64 18.52 -18.61
CA GLY A 2 -3.89 19.75 -18.42
C GLY A 2 -2.40 19.46 -18.43
N ILE A 3 -1.59 20.41 -18.86
CA ILE A 3 -0.13 20.20 -18.91
C ILE A 3 0.61 21.36 -18.31
N VAL A 4 1.85 21.11 -17.91
CA VAL A 4 2.70 22.15 -17.33
C VAL A 4 4.16 21.81 -17.67
N GLY A 5 4.96 22.84 -17.87
CA GLY A 5 6.35 22.62 -18.19
C GLY A 5 7.12 23.77 -17.59
N ILE A 6 8.16 23.45 -16.83
CA ILE A 6 8.99 24.47 -16.20
C ILE A 6 10.45 24.29 -16.59
N ALA A 7 11.08 25.39 -17.01
CA ALA A 7 12.51 25.37 -17.36
C ALA A 7 13.14 26.25 -16.30
N GLY A 8 13.58 25.62 -15.22
CA GLY A 8 14.14 26.38 -14.12
C GLY A 8 15.63 26.34 -13.87
N VAL A 9 16.07 27.18 -12.94
CA VAL A 9 17.47 27.26 -12.55
C VAL A 9 17.64 26.65 -11.17
N MET A 10 16.67 25.85 -10.77
CA MET A 10 16.67 25.15 -9.48
C MET A 10 15.66 24.03 -9.58
N PRO A 11 15.71 23.05 -8.66
CA PRO A 11 14.77 21.91 -8.70
C PRO A 11 13.33 22.32 -9.02
N VAL A 12 12.65 21.52 -9.83
CA VAL A 12 11.28 21.83 -10.22
C VAL A 12 10.22 20.83 -9.80
N ASN A 13 10.60 19.68 -9.25
CA ASN A 13 9.60 18.69 -8.89
C ASN A 13 8.44 19.19 -8.00
N GLN A 14 8.71 19.91 -6.92
CA GLN A 14 7.61 20.38 -6.07
C GLN A 14 6.71 21.40 -6.76
N SER A 15 7.34 22.30 -7.52
CA SER A 15 6.64 23.33 -8.28
C SER A 15 5.65 22.73 -9.31
N ILE A 16 6.12 21.71 -10.02
CA ILE A 16 5.31 21.04 -11.02
C ILE A 16 4.17 20.34 -10.29
N TYR A 17 4.48 19.78 -9.13
CA TYR A 17 3.48 19.11 -8.29
C TYR A 17 2.44 20.15 -7.89
N ASP A 18 2.92 21.36 -7.55
CA ASP A 18 2.05 22.45 -7.15
C ASP A 18 1.17 22.86 -8.30
N ALA A 19 1.78 23.05 -9.47
CA ALA A 19 1.06 23.46 -10.68
C ALA A 19 -0.09 22.50 -11.02
N LEU A 20 0.22 21.22 -11.03
CA LEU A 20 -0.78 20.20 -11.35
C LEU A 20 -1.96 20.20 -10.38
N THR A 21 -1.75 20.57 -9.12
CA THR A 21 -2.87 20.56 -8.19
C THR A 21 -3.87 21.66 -8.55
N VAL A 22 -3.40 22.79 -9.06
CA VAL A 22 -4.34 23.84 -9.44
C VAL A 22 -4.90 23.61 -10.84
N LEU A 23 -4.41 22.58 -11.51
CA LEU A 23 -4.91 22.19 -12.83
C LEU A 23 -5.59 20.82 -12.67
N GLN A 24 -5.72 20.37 -11.43
CA GLN A 24 -6.33 19.07 -11.15
C GLN A 24 -7.74 18.96 -11.73
N HIS A 25 -8.42 20.09 -11.85
CA HIS A 25 -9.78 20.09 -12.38
C HIS A 25 -9.83 19.68 -13.85
N ARG A 26 -8.67 19.72 -14.51
CA ARG A 26 -8.55 19.36 -15.93
C ARG A 26 -8.35 17.87 -16.17
N GLY A 27 -8.24 17.11 -15.09
CA GLY A 27 -8.06 15.67 -15.21
C GLY A 27 -7.71 15.08 -13.87
N GLN A 28 -8.47 14.06 -13.44
CA GLN A 28 -8.27 13.41 -12.15
C GLN A 28 -8.18 11.90 -12.26
N ASP A 29 -7.92 11.41 -13.46
CA ASP A 29 -7.82 9.97 -13.67
C ASP A 29 -6.38 9.48 -13.48
N ALA A 30 -5.43 10.29 -13.93
CA ALA A 30 -4.03 9.93 -13.81
C ALA A 30 -3.22 11.19 -13.84
N ALA A 31 -2.02 11.12 -13.28
CA ALA A 31 -1.08 12.24 -13.23
C ALA A 31 0.31 11.70 -13.58
N GLY A 32 1.18 12.57 -14.06
CA GLY A 32 2.51 12.15 -14.41
C GLY A 32 3.46 13.32 -14.45
N ILE A 33 4.69 13.10 -13.99
CA ILE A 33 5.73 14.12 -14.02
C ILE A 33 7.00 13.47 -14.53
N ILE A 34 7.78 14.25 -15.27
CA ILE A 34 9.04 13.76 -15.80
C ILE A 34 10.03 14.92 -15.82
N THR A 35 11.21 14.69 -15.28
CA THR A 35 12.26 15.69 -15.19
C THR A 35 13.53 15.15 -15.84
N ILE A 36 14.46 16.05 -16.14
CA ILE A 36 15.74 15.67 -16.71
C ILE A 36 16.70 15.95 -15.56
N ASP A 37 17.39 14.93 -15.08
CA ASP A 37 18.30 15.12 -13.97
C ASP A 37 19.65 15.64 -14.40
N ALA A 38 20.52 15.79 -13.40
CA ALA A 38 21.87 16.31 -13.56
C ALA A 38 22.74 15.49 -14.51
N ASN A 39 22.33 14.24 -14.75
CA ASN A 39 23.08 13.34 -15.62
C ASN A 39 22.42 13.27 -17.00
N ASN A 40 21.49 14.18 -17.24
CA ASN A 40 20.76 14.20 -18.51
C ASN A 40 20.02 12.90 -18.78
N CYS A 41 19.22 12.50 -17.79
CA CYS A 41 18.42 11.29 -17.86
C CYS A 41 17.02 11.65 -17.40
N PHE A 42 16.04 10.89 -17.88
CA PHE A 42 14.65 11.11 -17.55
C PHE A 42 14.25 10.47 -16.22
N ARG A 43 13.53 11.23 -15.41
CA ARG A 43 13.03 10.83 -14.10
C ARG A 43 11.54 10.83 -14.25
N LEU A 44 10.91 9.67 -14.20
CA LEU A 44 9.48 9.61 -14.38
C LEU A 44 8.70 8.92 -13.27
N ARG A 45 7.51 9.44 -13.02
CA ARG A 45 6.56 8.91 -12.05
C ARG A 45 5.19 9.29 -12.61
N LYS A 46 4.41 8.29 -12.95
CA LYS A 46 3.08 8.49 -13.49
C LYS A 46 2.22 7.29 -13.11
N ALA A 47 1.00 7.55 -12.66
CA ALA A 47 0.08 6.49 -12.26
C ALA A 47 -1.34 7.05 -12.19
N ASN A 48 -2.30 6.15 -12.04
CA ASN A 48 -3.70 6.55 -11.94
C ASN A 48 -3.98 7.18 -10.59
N GLY A 49 -4.85 8.16 -10.57
CA GLY A 49 -5.20 8.82 -9.33
C GLY A 49 -4.93 10.30 -9.33
N LEU A 50 -5.36 10.95 -8.25
CA LEU A 50 -5.14 12.37 -8.13
C LEU A 50 -3.64 12.59 -7.95
N VAL A 51 -3.23 13.83 -8.19
CA VAL A 51 -1.83 14.24 -8.04
C VAL A 51 -1.33 13.91 -6.63
N SER A 52 -2.12 14.24 -5.61
CA SER A 52 -1.76 13.98 -4.22
C SER A 52 -1.70 12.49 -3.88
N ASP A 53 -2.13 11.63 -4.79
CA ASP A 53 -2.10 10.19 -4.57
C ASP A 53 -0.98 9.51 -5.35
N VAL A 54 -0.66 10.06 -6.52
CA VAL A 54 0.36 9.52 -7.39
C VAL A 54 1.76 9.80 -6.87
N PHE A 55 1.94 10.98 -6.30
CA PHE A 55 3.24 11.42 -5.82
C PHE A 55 3.50 11.36 -4.31
N GLU A 56 4.25 10.36 -3.89
CA GLU A 56 4.64 10.18 -2.49
C GLU A 56 6.10 10.63 -2.35
N ALA A 57 6.55 10.91 -1.13
CA ALA A 57 7.92 11.37 -0.89
C ALA A 57 9.03 10.69 -1.67
N ARG A 58 9.07 9.36 -1.65
CA ARG A 58 10.10 8.61 -2.36
C ARG A 58 10.14 8.85 -3.88
N HIS A 59 9.01 9.23 -4.45
CA HIS A 59 8.94 9.50 -5.89
C HIS A 59 9.53 10.88 -6.12
N MET A 60 9.13 11.85 -5.29
CA MET A 60 9.61 13.21 -5.42
C MET A 60 11.10 13.26 -5.36
N GLN A 61 11.67 12.49 -4.43
CA GLN A 61 13.11 12.40 -4.26
C GLN A 61 13.77 11.98 -5.58
N ARG A 62 13.18 11.01 -6.28
CA ARG A 62 13.71 10.54 -7.57
C ARG A 62 13.59 11.58 -8.67
N LEU A 63 12.58 12.44 -8.61
CA LEU A 63 12.37 13.44 -9.66
C LEU A 63 13.32 14.60 -9.55
N GLN A 64 14.59 14.35 -9.87
CA GLN A 64 15.60 15.40 -9.76
C GLN A 64 15.89 16.11 -11.07
N GLY A 65 16.13 17.41 -10.98
CA GLY A 65 16.41 18.18 -12.16
C GLY A 65 15.89 19.59 -12.01
N ASN A 66 16.23 20.43 -12.98
CA ASN A 66 15.83 21.83 -13.01
C ASN A 66 14.89 22.10 -14.21
N MET A 67 14.42 21.03 -14.85
CA MET A 67 13.54 21.15 -16.01
C MET A 67 12.63 19.95 -16.04
N GLY A 68 11.32 20.17 -16.19
CA GLY A 68 10.41 19.04 -16.24
C GLY A 68 9.02 19.41 -16.71
N ILE A 69 8.22 18.39 -17.00
CA ILE A 69 6.85 18.62 -17.44
C ILE A 69 5.90 17.69 -16.69
N GLY A 70 4.66 18.15 -16.48
CA GLY A 70 3.66 17.37 -15.77
C GLY A 70 2.38 17.24 -16.56
N HIS A 71 1.55 16.27 -16.20
CA HIS A 71 0.31 16.03 -16.91
C HIS A 71 -0.76 15.34 -16.04
N VAL A 72 -1.96 15.90 -16.04
CA VAL A 72 -3.10 15.31 -15.34
C VAL A 72 -4.08 14.92 -16.44
N ARG A 73 -4.49 13.68 -16.42
CA ARG A 73 -5.37 13.12 -17.44
C ARG A 73 -6.84 13.05 -17.11
N TYR A 74 -7.64 13.15 -18.16
CA TYR A 74 -9.08 13.05 -18.09
C TYR A 74 -9.20 11.93 -19.12
N PRO A 75 -9.83 10.80 -18.74
CA PRO A 75 -9.97 9.67 -19.68
C PRO A 75 -10.72 10.04 -20.96
N THR A 76 -10.19 9.64 -22.10
CA THR A 76 -10.81 9.90 -23.40
C THR A 76 -10.76 8.63 -24.24
N ALA A 77 -11.16 8.71 -25.51
CA ALA A 77 -11.13 7.55 -26.40
C ALA A 77 -9.67 7.24 -26.69
N GLY A 78 -9.27 5.97 -26.57
CA GLY A 78 -7.89 5.62 -26.81
C GLY A 78 -7.09 5.72 -25.51
N SER A 79 -7.39 6.76 -24.72
CA SER A 79 -6.75 6.96 -23.43
C SER A 79 -7.72 6.72 -22.29
N SER A 80 -8.16 5.46 -22.15
CA SER A 80 -9.08 5.07 -21.10
C SER A 80 -8.35 5.05 -19.76
N SER A 81 -9.10 4.91 -18.68
CA SER A 81 -8.51 4.87 -17.36
C SER A 81 -7.41 3.80 -17.26
N ALA A 82 -7.70 2.61 -17.79
CA ALA A 82 -6.76 1.48 -17.74
C ALA A 82 -5.51 1.65 -18.62
N SER A 83 -5.55 2.66 -19.51
CA SER A 83 -4.45 2.93 -20.44
C SER A 83 -3.25 3.62 -19.76
N GLU A 84 -2.06 3.38 -20.30
CA GLU A 84 -0.84 3.99 -19.78
C GLU A 84 -1.02 5.49 -19.90
N ALA A 85 -0.73 6.21 -18.83
CA ALA A 85 -0.89 7.66 -18.79
C ALA A 85 0.30 8.41 -19.39
N GLN A 86 0.26 9.74 -19.30
CA GLN A 86 1.30 10.62 -19.83
C GLN A 86 2.16 11.18 -18.69
N PRO A 87 3.38 11.65 -19.01
CA PRO A 87 4.04 11.75 -20.32
C PRO A 87 4.54 10.42 -20.84
N PHE A 88 4.90 10.40 -22.12
CA PHE A 88 5.46 9.20 -22.75
C PHE A 88 6.86 9.64 -23.14
N TYR A 89 7.74 8.68 -23.42
CA TYR A 89 9.08 9.05 -23.85
C TYR A 89 9.75 8.03 -24.77
N VAL A 90 10.48 8.53 -25.75
CA VAL A 90 11.21 7.66 -26.68
C VAL A 90 12.69 7.88 -26.45
N ASN A 91 13.45 6.79 -26.48
CA ASN A 91 14.89 6.91 -26.23
C ASN A 91 15.63 7.49 -27.42
N SER A 92 14.95 7.62 -28.54
CA SER A 92 15.61 8.15 -29.73
C SER A 92 14.69 8.88 -30.70
N PRO A 93 15.21 9.91 -31.37
CA PRO A 93 16.60 10.35 -31.24
C PRO A 93 16.82 11.29 -30.05
N TYR A 94 17.99 11.21 -29.44
CA TYR A 94 18.38 12.05 -28.32
C TYR A 94 17.67 11.84 -26.98
N GLY A 95 16.39 11.47 -27.03
CA GLY A 95 15.61 11.27 -25.81
C GLY A 95 14.59 12.39 -25.77
N ILE A 96 13.34 12.05 -26.04
CA ILE A 96 12.28 13.04 -26.09
C ILE A 96 11.08 12.60 -25.25
N THR A 97 10.51 13.56 -24.52
CA THR A 97 9.32 13.33 -23.71
C THR A 97 8.30 14.39 -24.14
N LEU A 98 7.04 14.01 -24.14
CA LEU A 98 5.98 14.93 -24.57
C LEU A 98 4.71 14.67 -23.76
N ALA A 99 3.99 15.74 -23.48
CA ALA A 99 2.73 15.68 -22.74
C ALA A 99 1.81 16.64 -23.48
N HIS A 100 0.60 16.19 -23.77
CA HIS A 100 -0.32 17.04 -24.52
C HIS A 100 -1.79 17.06 -24.12
N ASN A 101 -2.44 18.19 -24.42
CA ASN A 101 -3.86 18.37 -24.18
C ASN A 101 -4.50 18.62 -25.54
N GLY A 102 -5.29 17.65 -26.00
CA GLY A 102 -5.95 17.80 -27.28
C GLY A 102 -6.26 16.45 -27.89
N ASN A 103 -6.46 16.43 -29.20
CA ASN A 103 -6.73 15.18 -29.89
C ASN A 103 -6.40 15.29 -31.37
N LEU A 104 -5.91 14.20 -31.93
CA LEU A 104 -5.55 14.14 -33.34
C LEU A 104 -6.63 13.40 -34.11
N THR A 105 -7.22 14.10 -35.06
CA THR A 105 -8.26 13.54 -35.88
C THR A 105 -7.68 12.50 -36.85
N ASN A 106 -6.47 12.75 -37.35
CA ASN A 106 -5.86 11.78 -38.26
C ASN A 106 -4.92 10.79 -37.57
N ALA A 107 -5.20 10.50 -36.30
CA ALA A 107 -4.37 9.59 -35.53
C ALA A 107 -4.22 8.22 -36.18
N HIS A 108 -5.34 7.60 -36.55
CA HIS A 108 -5.29 6.28 -37.15
C HIS A 108 -4.39 6.19 -38.39
N GLU A 109 -4.45 7.20 -39.26
CA GLU A 109 -3.65 7.18 -40.48
C GLU A 109 -2.17 7.32 -40.14
N LEU A 110 -1.91 8.23 -39.20
CA LEU A 110 -0.58 8.54 -38.75
C LEU A 110 0.12 7.30 -38.15
N ARG A 111 -0.64 6.51 -37.39
CA ARG A 111 -0.13 5.29 -36.74
C ARG A 111 0.37 4.31 -37.77
N LYS A 112 -0.31 4.29 -38.92
CA LYS A 112 0.02 3.40 -40.02
C LYS A 112 1.29 3.92 -40.69
N LYS A 113 1.35 5.23 -40.89
CA LYS A 113 2.52 5.84 -41.51
C LYS A 113 3.79 5.55 -40.72
N LEU A 114 3.70 5.80 -39.41
CA LEU A 114 4.81 5.58 -38.51
C LEU A 114 5.32 4.16 -38.66
N PHE A 115 4.42 3.19 -38.63
CA PHE A 115 4.84 1.80 -38.77
C PHE A 115 5.47 1.46 -40.12
N GLU A 116 4.85 1.88 -41.21
CA GLU A 116 5.35 1.58 -42.55
C GLU A 116 6.61 2.32 -42.98
N GLU A 117 6.69 3.60 -42.68
CA GLU A 117 7.85 4.38 -43.08
C GLU A 117 9.01 4.41 -42.10
N LYS A 118 8.71 4.32 -40.81
CA LYS A 118 9.77 4.41 -39.81
C LYS A 118 9.89 3.20 -38.89
N ARG A 119 9.03 2.20 -39.09
CA ARG A 119 9.03 1.01 -38.26
C ARG A 119 8.91 1.38 -36.78
N ARG A 120 8.21 2.47 -36.49
CA ARG A 120 8.02 2.93 -35.13
C ARG A 120 6.75 2.36 -34.55
N HIS A 121 6.91 1.48 -33.56
CA HIS A 121 5.80 0.82 -32.90
C HIS A 121 5.20 1.78 -31.89
N ILE A 122 3.87 1.76 -31.82
CA ILE A 122 3.09 2.57 -30.88
C ILE A 122 2.46 1.50 -29.99
N ASN A 123 2.79 1.53 -28.70
CA ASN A 123 2.28 0.53 -27.76
C ASN A 123 0.88 0.76 -27.20
N THR A 124 0.49 2.03 -27.07
CA THR A 124 -0.82 2.40 -26.56
C THR A 124 -1.74 2.91 -27.68
N THR A 125 -2.91 3.41 -27.31
CA THR A 125 -3.84 3.97 -28.27
C THR A 125 -3.89 5.48 -28.09
N SER A 126 -3.12 5.96 -27.12
CA SER A 126 -3.06 7.38 -26.83
C SER A 126 -2.43 8.13 -27.98
N ASP A 127 -3.18 9.05 -28.56
CA ASP A 127 -2.69 9.83 -29.68
C ASP A 127 -1.44 10.65 -29.32
N SER A 128 -1.18 10.88 -28.03
CA SER A 128 0.01 11.62 -27.60
C SER A 128 1.27 10.85 -28.03
N GLU A 129 1.22 9.53 -27.83
CA GLU A 129 2.35 8.69 -28.20
C GLU A 129 2.61 8.84 -29.68
N ILE A 130 1.55 9.00 -30.46
CA ILE A 130 1.69 9.18 -31.90
C ILE A 130 2.28 10.56 -32.18
N LEU A 131 1.78 11.56 -31.46
CA LEU A 131 2.28 12.90 -31.64
C LEU A 131 3.79 12.90 -31.35
N LEU A 132 4.18 12.20 -30.28
CA LEU A 132 5.59 12.11 -29.87
C LEU A 132 6.45 11.43 -30.93
N ASN A 133 5.98 10.29 -31.46
CA ASN A 133 6.73 9.57 -32.48
C ASN A 133 6.85 10.33 -33.79
N ILE A 134 5.81 11.09 -34.12
CA ILE A 134 5.84 11.89 -35.31
C ILE A 134 6.96 12.90 -35.14
N PHE A 135 6.92 13.63 -34.02
CA PHE A 135 7.91 14.64 -33.69
C PHE A 135 9.32 14.03 -33.71
N ALA A 136 9.47 12.90 -33.02
CA ALA A 136 10.75 12.21 -32.93
C ALA A 136 11.23 11.96 -34.35
N SER A 137 10.36 11.32 -35.11
CA SER A 137 10.61 10.99 -36.50
C SER A 137 11.16 12.22 -37.27
N GLU A 138 10.59 13.40 -37.02
CA GLU A 138 11.04 14.62 -37.70
C GLU A 138 12.41 15.10 -37.24
N LEU A 139 12.70 14.90 -35.96
CA LEU A 139 13.99 15.29 -35.39
C LEU A 139 15.08 14.33 -35.81
N ASP A 140 14.68 13.14 -36.25
CA ASP A 140 15.60 12.13 -36.69
C ASP A 140 16.25 12.51 -38.03
N ASN A 141 15.76 13.58 -38.67
CA ASN A 141 16.31 14.02 -39.96
C ASN A 141 17.60 14.83 -39.84
N PHE A 142 18.03 15.11 -38.61
CA PHE A 142 19.24 15.88 -38.45
C PHE A 142 20.46 15.10 -38.05
N ARG A 143 21.56 15.40 -38.72
CA ARG A 143 22.83 14.74 -38.50
C ARG A 143 23.63 15.39 -37.39
N HIS A 144 24.02 16.64 -37.62
CA HIS A 144 24.81 17.42 -36.68
C HIS A 144 24.24 17.48 -35.27
N TYR A 145 25.12 17.47 -34.29
CA TYR A 145 24.75 17.57 -32.90
C TYR A 145 25.59 18.70 -32.30
N PRO A 146 24.98 19.58 -31.49
CA PRO A 146 23.58 19.54 -31.09
C PRO A 146 22.67 20.15 -32.16
N LEU A 147 21.38 20.23 -31.83
CA LEU A 147 20.38 20.79 -32.72
C LEU A 147 20.29 22.29 -32.48
N GLU A 148 20.19 23.03 -33.58
CA GLU A 148 20.06 24.47 -33.51
C GLU A 148 18.56 24.69 -33.31
N ALA A 149 18.18 25.82 -32.73
CA ALA A 149 16.78 26.14 -32.52
C ALA A 149 16.02 25.96 -33.85
N ASP A 150 16.68 26.29 -34.96
CA ASP A 150 16.11 26.17 -36.32
C ASP A 150 15.69 24.78 -36.72
N ASN A 151 16.45 23.78 -36.29
CA ASN A 151 16.15 22.39 -36.61
C ASN A 151 14.92 21.91 -35.85
N ILE A 152 14.81 22.36 -34.60
CA ILE A 152 13.67 21.99 -33.79
C ILE A 152 12.40 22.60 -34.36
N PHE A 153 12.46 23.89 -34.69
CA PHE A 153 11.29 24.57 -35.25
C PHE A 153 10.93 23.96 -36.60
N ALA A 154 11.93 23.70 -37.43
CA ALA A 154 11.69 23.09 -38.73
C ALA A 154 11.00 21.75 -38.52
N ALA A 155 11.42 21.03 -37.48
CA ALA A 155 10.84 19.73 -37.16
C ALA A 155 9.40 19.91 -36.68
N ILE A 156 9.17 20.93 -35.88
CA ILE A 156 7.82 21.22 -35.38
C ILE A 156 6.88 21.58 -36.53
N ALA A 157 7.37 22.39 -37.47
CA ALA A 157 6.55 22.78 -38.61
C ALA A 157 6.19 21.54 -39.40
N ALA A 158 7.19 20.70 -39.64
CA ALA A 158 6.99 19.47 -40.39
C ALA A 158 5.89 18.64 -39.73
N THR A 159 5.90 18.64 -38.40
CA THR A 159 4.90 17.91 -37.60
C THR A 159 3.53 18.52 -37.82
N ASN A 160 3.46 19.85 -37.75
CA ASN A 160 2.20 20.59 -37.94
C ASN A 160 1.58 20.27 -39.30
N ARG A 161 2.44 20.00 -40.28
CA ARG A 161 1.98 19.68 -41.63
C ARG A 161 1.46 18.27 -41.78
N LEU A 162 1.70 17.42 -40.79
CA LEU A 162 1.25 16.03 -40.90
C LEU A 162 0.10 15.70 -39.98
N ILE A 163 0.07 16.30 -38.80
CA ILE A 163 -1.00 15.98 -37.87
C ILE A 163 -2.14 16.96 -38.00
N ARG A 164 -3.33 16.52 -37.60
CA ARG A 164 -4.51 17.38 -37.63
C ARG A 164 -5.35 17.14 -36.39
N GLY A 165 -5.85 18.22 -35.80
CA GLY A 165 -6.68 18.11 -34.61
C GLY A 165 -6.46 19.32 -33.74
N ALA A 166 -6.61 19.18 -32.44
CA ALA A 166 -6.38 20.30 -31.54
C ALA A 166 -5.27 19.85 -30.58
N TYR A 167 -4.37 20.76 -30.22
CA TYR A 167 -3.30 20.37 -29.32
C TYR A 167 -2.42 21.50 -28.77
N ALA A 168 -2.18 21.41 -27.48
CA ALA A 168 -1.31 22.32 -26.75
C ALA A 168 -0.30 21.29 -26.30
N CYS A 169 0.95 21.47 -26.68
CA CYS A 169 1.99 20.50 -26.33
C CYS A 169 3.18 21.09 -25.64
N VAL A 170 3.80 20.25 -24.80
CA VAL A 170 5.01 20.60 -24.09
C VAL A 170 5.88 19.37 -24.23
N ALA A 171 7.16 19.59 -24.55
CA ALA A 171 8.08 18.48 -24.73
C ALA A 171 9.47 18.88 -24.31
N MET A 172 10.29 17.89 -23.99
CA MET A 172 11.68 18.14 -23.61
C MET A 172 12.55 17.19 -24.42
N ILE A 173 13.65 17.72 -24.92
CA ILE A 173 14.61 16.94 -25.70
C ILE A 173 15.91 17.01 -24.94
N ILE A 174 16.44 15.87 -24.52
CA ILE A 174 17.67 15.86 -23.74
C ILE A 174 18.84 16.61 -24.39
N GLY A 175 19.62 17.29 -23.57
CA GLY A 175 20.74 18.05 -24.07
C GLY A 175 20.33 19.30 -24.85
N HIS A 176 19.04 19.60 -24.89
CA HIS A 176 18.61 20.78 -25.63
C HIS A 176 17.70 21.69 -24.85
N GLY A 177 16.52 21.21 -24.52
CA GLY A 177 15.59 22.03 -23.77
C GLY A 177 14.14 21.64 -23.89
N MET A 178 13.29 22.57 -23.51
CA MET A 178 11.86 22.33 -23.53
C MET A 178 11.25 23.12 -24.68
N VAL A 179 10.28 22.50 -25.35
CA VAL A 179 9.60 23.17 -26.44
C VAL A 179 8.10 23.07 -26.15
N ALA A 180 7.36 24.08 -26.56
CA ALA A 180 5.92 24.07 -26.35
C ALA A 180 5.30 24.65 -27.60
N PHE A 181 4.15 24.13 -28.00
CA PHE A 181 3.49 24.65 -29.18
C PHE A 181 2.01 24.42 -29.11
N ARG A 182 1.30 25.20 -29.91
CA ARG A 182 -0.16 25.18 -29.94
C ARG A 182 -0.62 24.89 -31.34
N ASP A 183 -1.73 24.17 -31.47
CA ASP A 183 -2.27 23.83 -32.79
C ASP A 183 -2.52 25.12 -33.58
N PRO A 184 -2.42 25.04 -34.92
CA PRO A 184 -2.62 26.16 -35.84
C PRO A 184 -3.96 26.89 -35.73
N ASN A 185 -4.91 26.27 -35.05
CA ASN A 185 -6.21 26.88 -34.87
C ASN A 185 -6.36 27.56 -33.52
N GLY A 186 -5.40 27.33 -32.61
CA GLY A 186 -5.46 27.90 -31.27
C GLY A 186 -6.60 27.36 -30.41
N ILE A 187 -6.92 26.08 -30.60
CA ILE A 187 -8.01 25.43 -29.89
C ILE A 187 -7.78 25.20 -28.43
N ARG A 188 -6.81 24.34 -28.14
CA ARG A 188 -6.44 24.01 -26.76
C ARG A 188 -5.65 25.17 -26.13
N PRO A 189 -5.92 25.45 -24.86
CA PRO A 189 -5.27 26.54 -24.10
C PRO A 189 -3.80 26.34 -23.69
N LEU A 190 -2.98 27.39 -23.86
CA LEU A 190 -1.56 27.34 -23.50
C LEU A 190 -0.97 28.74 -23.23
N VAL A 191 -0.48 28.96 -22.00
CA VAL A 191 0.11 30.24 -21.61
C VAL A 191 1.60 30.17 -21.25
N LEU A 192 2.29 31.29 -21.43
CA LEU A 192 3.71 31.40 -21.12
C LEU A 192 3.92 32.40 -19.97
N GLY A 193 4.76 31.99 -19.00
CA GLY A 193 5.06 32.84 -17.87
C GLY A 193 6.56 32.87 -17.61
N LYS A 194 7.00 33.80 -16.76
CA LYS A 194 8.42 33.92 -16.44
C LYS A 194 8.60 34.31 -14.99
N ARG A 195 9.72 33.88 -14.40
CA ARG A 195 10.08 34.21 -13.02
C ARG A 195 11.53 34.60 -13.04
N ASP A 196 11.79 35.85 -12.69
CA ASP A 196 13.16 36.35 -12.66
C ASP A 196 13.86 36.04 -11.33
N ILE A 197 15.02 35.39 -11.40
CA ILE A 197 15.77 35.06 -10.20
C ILE A 197 16.78 36.18 -9.92
N ASP A 198 17.53 36.56 -10.96
CA ASP A 198 18.52 37.63 -10.84
C ASP A 198 18.89 38.20 -12.20
N GLU A 199 19.74 39.22 -12.19
CA GLU A 199 20.20 39.90 -13.39
C GLU A 199 20.41 39.02 -14.60
N ASN A 200 20.98 37.85 -14.36
CA ASN A 200 21.31 36.94 -15.43
C ASN A 200 20.57 35.62 -15.52
N ARG A 201 19.52 35.44 -14.72
CA ARG A 201 18.76 34.18 -14.77
C ARG A 201 17.27 34.33 -14.65
N THR A 202 16.56 33.66 -15.55
CA THR A 202 15.11 33.68 -15.56
C THR A 202 14.59 32.30 -15.86
N GLU A 203 13.53 31.92 -15.15
CA GLU A 203 12.91 30.63 -15.35
C GLU A 203 11.63 30.91 -16.14
N TYR A 204 11.22 29.96 -16.98
CA TYR A 204 10.04 30.11 -17.78
C TYR A 204 9.15 28.92 -17.55
N MET A 205 7.87 29.09 -17.79
CA MET A 205 6.97 27.96 -17.65
C MET A 205 5.77 28.13 -18.55
N VAL A 206 5.19 27.00 -18.92
CA VAL A 206 4.02 26.99 -19.76
C VAL A 206 2.97 26.18 -19.02
N ALA A 207 1.71 26.53 -19.21
CA ALA A 207 0.66 25.78 -18.56
C ALA A 207 -0.62 25.93 -19.38
N SER A 208 -1.57 25.03 -19.19
CA SER A 208 -2.83 25.12 -19.92
C SER A 208 -3.61 26.34 -19.46
N GLU A 209 -3.51 26.65 -18.17
CA GLU A 209 -4.21 27.81 -17.60
C GLU A 209 -3.31 28.68 -16.76
N SER A 210 -3.53 29.99 -16.84
CA SER A 210 -2.74 30.96 -16.09
C SER A 210 -2.73 30.75 -14.58
N VAL A 211 -3.72 30.04 -14.05
CA VAL A 211 -3.78 29.80 -12.60
C VAL A 211 -2.53 29.11 -12.10
N ALA A 212 -1.91 28.32 -12.97
CA ALA A 212 -0.69 27.60 -12.63
C ALA A 212 0.49 28.57 -12.49
N LEU A 213 0.51 29.62 -13.33
CA LEU A 213 1.58 30.63 -13.27
C LEU A 213 1.36 31.40 -11.96
N ASP A 214 0.12 31.88 -11.78
CA ASP A 214 -0.29 32.62 -10.60
C ASP A 214 0.19 32.01 -9.30
N THR A 215 -0.14 30.74 -9.09
CA THR A 215 0.24 30.08 -7.85
C THR A 215 1.75 29.99 -7.61
N LEU A 216 2.52 29.76 -8.65
CA LEU A 216 3.95 29.64 -8.49
C LEU A 216 4.66 30.99 -8.55
N GLY A 217 3.89 32.07 -8.53
CA GLY A 217 4.51 33.38 -8.56
C GLY A 217 5.23 33.74 -9.84
N PHE A 218 4.78 33.17 -10.96
CA PHE A 218 5.38 33.47 -12.26
C PHE A 218 4.59 34.61 -12.85
N ASP A 219 5.28 35.54 -13.49
CA ASP A 219 4.58 36.63 -14.13
C ASP A 219 3.99 36.14 -15.45
N PHE A 220 2.74 36.49 -15.70
CA PHE A 220 2.10 36.10 -16.93
C PHE A 220 2.75 36.86 -18.10
N LEU A 221 3.21 36.15 -19.11
CA LEU A 221 3.81 36.82 -20.25
C LEU A 221 2.73 36.99 -21.33
N ARG A 222 2.21 35.87 -21.85
CA ARG A 222 1.19 35.90 -22.90
C ARG A 222 0.79 34.49 -23.27
N ASP A 223 -0.27 34.37 -24.07
CA ASP A 223 -0.71 33.07 -24.54
C ASP A 223 0.24 32.69 -25.65
N VAL A 224 0.44 31.41 -25.84
CA VAL A 224 1.26 30.93 -26.93
C VAL A 224 0.33 31.02 -28.17
N ALA A 225 0.70 31.87 -29.13
CA ALA A 225 -0.11 32.05 -30.32
C ALA A 225 -0.34 30.74 -31.10
N PRO A 226 -1.50 30.62 -31.80
CA PRO A 226 -1.83 29.42 -32.59
C PRO A 226 -0.73 29.15 -33.61
N GLY A 227 -0.29 27.91 -33.68
CA GLY A 227 0.76 27.55 -34.63
C GLY A 227 2.16 27.91 -34.17
N GLU A 228 2.28 28.68 -33.09
CA GLU A 228 3.59 29.09 -32.57
C GLU A 228 4.27 28.04 -31.73
N ALA A 229 5.59 28.07 -31.74
CA ALA A 229 6.40 27.15 -30.97
C ALA A 229 7.32 27.97 -30.08
N ILE A 230 7.61 27.44 -28.89
CA ILE A 230 8.46 28.09 -27.91
C ILE A 230 9.58 27.11 -27.59
N TYR A 231 10.80 27.59 -27.60
CA TYR A 231 11.96 26.76 -27.28
C TYR A 231 12.76 27.40 -26.19
N ILE A 232 13.00 26.67 -25.13
CA ILE A 232 13.78 27.19 -24.01
C ILE A 232 14.95 26.25 -23.84
N THR A 233 16.12 26.80 -24.07
CA THR A 233 17.38 26.07 -23.99
C THR A 233 17.72 25.77 -22.56
N GLU A 234 18.63 24.81 -22.36
CA GLU A 234 19.06 24.45 -21.02
C GLU A 234 19.82 25.61 -20.38
N GLU A 235 20.27 26.56 -21.20
CA GLU A 235 21.00 27.71 -20.70
C GLU A 235 20.06 28.88 -20.37
N GLY A 236 18.77 28.70 -20.60
CA GLY A 236 17.84 29.77 -20.29
C GLY A 236 17.34 30.67 -21.43
N GLN A 237 17.81 30.43 -22.64
CA GLN A 237 17.37 31.24 -23.78
C GLN A 237 16.02 30.82 -24.31
N LEU A 238 15.13 31.80 -24.45
CA LEU A 238 13.78 31.57 -24.96
C LEU A 238 13.74 31.92 -26.45
N PHE A 239 13.22 31.00 -27.26
CA PHE A 239 13.08 31.22 -28.69
C PHE A 239 11.60 31.02 -29.03
N THR A 240 11.10 31.85 -29.94
CA THR A 240 9.72 31.74 -30.35
C THR A 240 9.73 31.81 -31.87
N ARG A 241 8.93 30.96 -32.50
CA ARG A 241 8.85 30.93 -33.95
C ARG A 241 7.46 30.45 -34.35
N GLN A 242 6.94 31.05 -35.42
CA GLN A 242 5.64 30.65 -35.96
C GLN A 242 5.91 29.40 -36.80
N CYS A 243 5.28 28.28 -36.44
CA CYS A 243 5.52 27.03 -37.17
C CYS A 243 4.35 26.48 -37.97
N ALA A 244 3.38 27.34 -38.31
CA ALA A 244 2.21 26.91 -39.06
C ALA A 244 1.86 27.89 -40.16
N ASP A 245 1.22 27.38 -41.22
CA ASP A 245 0.77 28.23 -42.33
C ASP A 245 -0.65 28.70 -41.95
N ASN A 246 -0.96 29.95 -42.26
CA ASN A 246 -2.28 30.51 -41.98
C ASN A 246 -2.83 30.15 -40.59
N PRO A 247 -2.09 30.49 -39.53
CA PRO A 247 -2.63 30.17 -38.21
C PRO A 247 -3.82 31.09 -37.98
N VAL A 248 -4.75 30.64 -37.15
CA VAL A 248 -5.90 31.44 -36.83
C VAL A 248 -6.29 31.15 -35.39
N SER A 249 -6.94 32.11 -34.75
CA SER A 249 -7.34 31.95 -33.37
C SER A 249 -8.81 31.57 -33.25
N ASN A 250 -9.06 30.31 -32.91
CA ASN A 250 -10.40 29.77 -32.69
C ASN A 250 -10.37 29.06 -31.34
N PRO A 251 -10.32 29.83 -30.24
CA PRO A 251 -10.29 29.20 -28.91
C PRO A 251 -11.52 28.34 -28.62
N CYS A 252 -11.31 27.21 -27.94
CA CYS A 252 -12.40 26.31 -27.58
C CYS A 252 -13.41 27.02 -26.67
N LEU A 253 -14.65 27.05 -27.10
CA LEU A 253 -15.73 27.70 -26.37
C LEU A 253 -16.09 26.97 -25.06
N PHE A 254 -15.92 25.65 -25.06
CA PHE A 254 -16.25 24.87 -23.87
C PHE A 254 -15.34 25.15 -22.67
N GLU A 255 -14.14 25.64 -22.95
CA GLU A 255 -13.22 25.99 -21.87
C GLU A 255 -13.86 27.08 -21.03
N TYR A 256 -14.32 28.14 -21.68
CA TYR A 256 -14.95 29.27 -21.00
C TYR A 256 -16.26 28.89 -20.31
N VAL A 257 -17.02 27.99 -20.93
CA VAL A 257 -18.31 27.55 -20.41
C VAL A 257 -18.22 26.73 -19.13
N TYR A 258 -17.36 25.73 -19.13
CA TYR A 258 -17.27 24.89 -17.96
C TYR A 258 -15.90 24.36 -17.60
N PHE A 259 -15.12 23.98 -18.60
CA PHE A 259 -13.82 23.36 -18.35
C PHE A 259 -12.73 24.07 -17.60
N ALA A 260 -12.56 25.36 -17.83
CA ALA A 260 -11.50 26.12 -17.19
C ALA A 260 -11.91 26.76 -15.86
N ARG A 261 -10.92 27.24 -15.12
CA ARG A 261 -11.17 27.90 -13.84
C ARG A 261 -11.56 29.36 -14.06
N PRO A 262 -12.43 29.89 -13.20
CA PRO A 262 -12.84 31.29 -13.36
C PRO A 262 -11.72 32.32 -13.30
N ASP A 263 -10.66 32.00 -12.57
CA ASP A 263 -9.52 32.91 -12.41
C ASP A 263 -8.44 32.84 -13.50
N SER A 264 -8.76 32.17 -14.60
CA SER A 264 -7.84 32.08 -15.73
C SER A 264 -8.21 33.13 -16.79
N PHE A 265 -7.23 33.50 -17.60
CA PHE A 265 -7.44 34.46 -18.67
C PHE A 265 -6.98 33.76 -19.94
N ILE A 266 -7.89 33.00 -20.54
CA ILE A 266 -7.58 32.27 -21.76
C ILE A 266 -7.78 33.20 -22.94
N ASP A 267 -6.71 33.42 -23.70
CA ASP A 267 -6.70 34.31 -24.88
C ASP A 267 -7.26 35.70 -24.59
N LYS A 268 -6.71 36.31 -23.54
CA LYS A 268 -7.09 37.65 -23.09
C LYS A 268 -8.49 37.73 -22.49
N ILE A 269 -9.20 36.63 -22.44
CA ILE A 269 -10.55 36.62 -21.89
C ILE A 269 -10.61 35.99 -20.50
N SER A 270 -11.08 36.77 -19.53
CA SER A 270 -11.24 36.30 -18.16
C SER A 270 -12.40 35.34 -18.16
N VAL A 271 -12.16 34.11 -17.73
CA VAL A 271 -13.20 33.10 -17.68
C VAL A 271 -14.35 33.59 -16.81
N TYR A 272 -14.02 34.17 -15.65
CA TYR A 272 -15.05 34.66 -14.75
C TYR A 272 -15.98 35.62 -15.48
N SER A 273 -15.40 36.69 -16.02
CA SER A 273 -16.15 37.70 -16.75
C SER A 273 -16.98 37.11 -17.90
N ALA A 274 -16.42 36.13 -18.59
CA ALA A 274 -17.14 35.49 -19.69
C ALA A 274 -18.38 34.83 -19.11
N ARG A 275 -18.21 34.14 -17.98
CA ARG A 275 -19.31 33.44 -17.32
C ARG A 275 -20.42 34.36 -16.83
N VAL A 276 -20.03 35.49 -16.26
CA VAL A 276 -20.98 36.47 -15.78
C VAL A 276 -21.77 36.99 -17.00
N ASN A 277 -21.07 37.24 -18.10
CA ASN A 277 -21.70 37.73 -19.34
C ASN A 277 -22.77 36.78 -19.84
N MET A 278 -22.47 35.50 -19.79
CA MET A 278 -23.41 34.49 -20.24
C MET A 278 -24.72 34.62 -19.47
N GLY A 279 -24.61 34.95 -18.18
CA GLY A 279 -25.78 35.11 -17.32
C GLY A 279 -26.59 36.33 -17.71
N THR A 280 -25.92 37.32 -18.29
CA THR A 280 -26.63 38.49 -18.73
C THR A 280 -27.43 38.06 -19.96
N LYS A 281 -26.75 37.49 -20.94
CA LYS A 281 -27.42 37.05 -22.16
C LYS A 281 -28.58 36.13 -21.89
N LEU A 282 -28.37 35.13 -21.04
CA LEU A 282 -29.42 34.17 -20.71
C LEU A 282 -30.53 34.81 -19.86
N GLY A 283 -30.16 35.77 -19.01
CA GLY A 283 -31.15 36.43 -18.18
C GLY A 283 -32.06 37.27 -19.06
N GLU A 284 -31.45 38.04 -19.94
CA GLU A 284 -32.19 38.87 -20.87
C GLU A 284 -33.10 38.00 -21.70
N LYS A 285 -32.56 36.93 -22.28
CA LYS A 285 -33.37 36.02 -23.08
C LYS A 285 -34.57 35.49 -22.30
N ILE A 286 -34.36 35.08 -21.06
CA ILE A 286 -35.46 34.56 -20.26
C ILE A 286 -36.47 35.68 -20.03
N ALA A 287 -35.98 36.86 -19.73
CA ALA A 287 -36.84 38.02 -19.47
C ALA A 287 -37.72 38.35 -20.67
N ARG A 288 -37.23 38.00 -21.85
CA ARG A 288 -37.93 38.25 -23.09
C ARG A 288 -38.91 37.12 -23.43
N GLU A 289 -38.40 35.91 -23.54
CA GLU A 289 -39.21 34.76 -23.90
C GLU A 289 -40.11 34.23 -22.79
N TRP A 290 -39.60 34.19 -21.56
CA TRP A 290 -40.39 33.67 -20.44
C TRP A 290 -41.06 34.79 -19.65
N GLU A 291 -41.51 35.80 -20.39
CA GLU A 291 -42.11 36.99 -19.85
C GLU A 291 -43.33 36.76 -18.93
N ASP A 292 -44.17 35.81 -19.25
CA ASP A 292 -45.35 35.59 -18.43
C ASP A 292 -45.28 34.48 -17.39
N LEU A 293 -44.13 33.85 -17.23
CA LEU A 293 -44.00 32.76 -16.27
C LEU A 293 -43.84 33.24 -14.84
N ASP A 294 -44.38 32.48 -13.89
CA ASP A 294 -44.26 32.85 -12.49
C ASP A 294 -43.02 32.15 -11.95
N ILE A 295 -41.95 32.92 -11.79
CA ILE A 295 -40.70 32.38 -11.27
C ILE A 295 -40.47 33.05 -9.91
N ASP A 296 -40.54 32.25 -8.86
CA ASP A 296 -40.37 32.72 -7.48
C ASP A 296 -38.92 32.87 -7.06
N VAL A 297 -38.05 32.01 -7.58
CA VAL A 297 -36.64 32.06 -7.19
C VAL A 297 -35.68 31.47 -8.23
N VAL A 298 -34.47 32.01 -8.24
CA VAL A 298 -33.41 31.55 -9.15
C VAL A 298 -32.45 30.73 -8.29
N ILE A 299 -32.36 29.43 -8.56
CA ILE A 299 -31.51 28.49 -7.82
C ILE A 299 -30.47 27.84 -8.73
N PRO A 300 -29.21 28.17 -8.52
CA PRO A 300 -28.12 27.62 -9.33
C PRO A 300 -27.74 26.19 -8.97
N ILE A 301 -27.25 25.47 -9.96
CA ILE A 301 -26.78 24.11 -9.73
C ILE A 301 -25.26 24.29 -9.62
N PRO A 302 -24.68 23.96 -8.45
CA PRO A 302 -23.24 24.10 -8.25
C PRO A 302 -22.42 23.35 -9.31
N GLU A 303 -21.29 23.95 -9.69
CA GLU A 303 -20.87 25.22 -9.10
C GLU A 303 -20.69 26.26 -10.17
N THR A 304 -20.27 25.82 -11.34
CA THR A 304 -20.04 26.69 -12.48
C THR A 304 -21.17 27.72 -12.61
N SER A 305 -22.40 27.26 -12.42
CA SER A 305 -23.60 28.07 -12.54
C SER A 305 -23.87 29.18 -11.52
N CYS A 306 -23.20 29.15 -10.37
CA CYS A 306 -23.44 30.13 -9.33
C CYS A 306 -23.43 31.60 -9.71
N ASP A 307 -22.34 32.08 -10.26
CA ASP A 307 -22.25 33.49 -10.62
C ASP A 307 -23.14 33.85 -11.80
N ILE A 308 -23.36 32.88 -12.69
CA ILE A 308 -24.21 33.06 -13.85
C ILE A 308 -25.65 33.28 -13.35
N ALA A 309 -26.09 32.38 -12.47
CA ALA A 309 -27.42 32.43 -11.91
C ALA A 309 -27.62 33.75 -11.21
N LEU A 310 -26.57 34.22 -10.57
CA LEU A 310 -26.64 35.48 -9.85
C LEU A 310 -27.05 36.62 -10.79
N GLU A 311 -26.48 36.60 -11.99
CA GLU A 311 -26.74 37.61 -13.00
C GLU A 311 -28.18 37.55 -13.50
N ILE A 312 -28.63 36.34 -13.82
CA ILE A 312 -29.98 36.11 -14.30
C ILE A 312 -30.98 36.62 -13.25
N ALA A 313 -30.77 36.27 -11.98
CA ALA A 313 -31.65 36.71 -10.91
C ALA A 313 -31.71 38.22 -10.87
N ARG A 314 -30.57 38.87 -11.12
CA ARG A 314 -30.51 40.32 -11.13
C ARG A 314 -31.36 40.89 -12.25
N ILE A 315 -31.22 40.29 -13.45
CA ILE A 315 -31.95 40.72 -14.63
C ILE A 315 -33.46 40.51 -14.43
N LEU A 316 -33.84 39.32 -14.01
CA LEU A 316 -35.25 39.03 -13.77
C LEU A 316 -35.79 39.77 -12.57
N GLY A 317 -34.91 40.30 -11.71
CA GLY A 317 -35.37 40.99 -10.52
C GLY A 317 -35.99 39.99 -9.54
N LYS A 318 -35.49 38.76 -9.57
CA LYS A 318 -35.99 37.68 -8.71
C LYS A 318 -34.91 37.30 -7.70
N PRO A 319 -35.33 36.81 -6.51
CA PRO A 319 -34.37 36.41 -5.47
C PRO A 319 -33.52 35.19 -5.85
N TYR A 320 -32.23 35.30 -5.56
CA TYR A 320 -31.26 34.23 -5.81
C TYR A 320 -31.14 33.50 -4.47
N ARG A 321 -31.18 32.18 -4.51
CA ARG A 321 -31.10 31.38 -3.30
C ARG A 321 -30.39 30.07 -3.53
N GLN A 322 -29.53 29.72 -2.57
CA GLN A 322 -28.80 28.48 -2.64
C GLN A 322 -29.67 27.31 -2.22
N GLY A 323 -30.30 26.66 -3.20
CA GLY A 323 -31.16 25.53 -2.91
C GLY A 323 -30.43 24.21 -3.03
N PHE A 324 -29.28 24.22 -3.70
CA PHE A 324 -28.49 23.01 -3.88
C PHE A 324 -27.07 23.22 -3.38
N VAL A 325 -26.57 22.21 -2.68
CA VAL A 325 -25.22 22.23 -2.12
C VAL A 325 -24.45 21.02 -2.66
N LYS A 326 -23.28 21.29 -3.20
CA LYS A 326 -22.45 20.22 -3.76
C LYS A 326 -21.66 19.59 -2.62
N ASN A 327 -21.71 18.27 -2.54
CA ASN A 327 -20.98 17.52 -1.51
C ASN A 327 -19.56 17.49 -2.03
N ARG A 328 -18.69 18.29 -1.41
CA ARG A 328 -17.30 18.37 -1.85
C ARG A 328 -16.53 17.05 -1.86
N TYR A 329 -16.97 16.09 -1.06
CA TYR A 329 -16.29 14.82 -1.03
C TYR A 329 -17.28 13.76 -1.48
N VAL A 330 -16.84 12.84 -2.31
CA VAL A 330 -17.69 11.76 -2.81
C VAL A 330 -16.86 10.48 -2.78
N GLY A 331 -17.50 9.37 -2.44
CA GLY A 331 -16.79 8.10 -2.39
C GLY A 331 -17.23 7.15 -3.46
N ARG A 332 -16.76 5.90 -3.39
CA ARG A 332 -17.12 4.90 -4.38
C ARG A 332 -18.22 4.00 -3.82
N THR A 333 -18.94 3.32 -4.71
CA THR A 333 -20.00 2.40 -4.31
C THR A 333 -19.31 1.05 -4.26
N PHE A 334 -19.72 0.18 -3.33
CA PHE A 334 -19.08 -1.12 -3.20
C PHE A 334 -19.83 -2.36 -3.71
N ILE A 335 -19.07 -3.26 -4.32
CA ILE A 335 -19.61 -4.51 -4.85
C ILE A 335 -19.41 -5.60 -3.79
N MET A 336 -20.42 -5.78 -2.95
CA MET A 336 -20.37 -6.79 -1.89
C MET A 336 -21.36 -7.92 -2.22
N PRO A 337 -21.02 -9.18 -1.86
CA PRO A 337 -21.91 -10.32 -2.13
C PRO A 337 -23.24 -10.25 -1.37
N GLY A 338 -24.35 -10.50 -2.07
CA GLY A 338 -25.67 -10.48 -1.45
C GLY A 338 -26.41 -9.16 -1.32
N GLN A 339 -25.69 -8.04 -1.23
CA GLN A 339 -26.32 -6.74 -1.10
C GLN A 339 -26.96 -6.24 -2.39
N GLN A 340 -27.97 -5.38 -2.25
CA GLN A 340 -28.68 -4.85 -3.41
C GLN A 340 -28.05 -3.54 -3.86
N LEU A 341 -27.85 -3.41 -5.17
CA LEU A 341 -27.27 -2.20 -5.71
C LEU A 341 -28.32 -1.10 -5.82
N ARG A 342 -27.96 0.09 -5.37
CA ARG A 342 -28.81 1.27 -5.42
C ARG A 342 -27.95 2.36 -6.06
N ARG A 343 -27.19 1.93 -7.07
CA ARG A 343 -26.26 2.75 -7.83
C ARG A 343 -26.96 3.63 -8.89
N LYS A 344 -27.72 4.61 -8.40
CA LYS A 344 -28.46 5.55 -9.24
C LYS A 344 -28.65 6.84 -8.45
N SER A 345 -27.55 7.53 -8.15
CA SER A 345 -27.67 8.75 -7.38
C SER A 345 -26.87 9.98 -7.75
N VAL A 346 -27.58 11.10 -7.74
CA VAL A 346 -27.03 12.42 -7.95
C VAL A 346 -27.08 12.97 -6.53
N ARG A 347 -27.85 12.28 -5.68
CA ARG A 347 -28.00 12.65 -4.28
C ARG A 347 -26.65 12.47 -3.60
N ARG A 348 -25.83 11.60 -4.16
CA ARG A 348 -24.49 11.37 -3.65
C ARG A 348 -23.60 12.57 -3.96
N LYS A 349 -23.90 13.25 -5.07
CA LYS A 349 -23.13 14.41 -5.51
C LYS A 349 -23.75 15.75 -5.11
N LEU A 350 -25.03 15.74 -4.74
CA LEU A 350 -25.76 16.96 -4.42
C LEU A 350 -26.81 16.78 -3.30
N ASN A 351 -27.10 17.84 -2.58
CA ASN A 351 -28.15 17.76 -1.56
C ASN A 351 -29.03 18.97 -1.71
N ALA A 352 -30.34 18.76 -1.58
CA ALA A 352 -31.30 19.84 -1.72
C ALA A 352 -31.76 20.39 -0.38
N ASN A 353 -31.80 21.72 -0.31
CA ASN A 353 -32.25 22.40 0.89
C ASN A 353 -33.76 22.57 0.74
N ARG A 354 -34.48 21.61 1.30
CA ARG A 354 -35.95 21.56 1.26
C ARG A 354 -36.67 22.91 1.37
N ALA A 355 -36.36 23.66 2.43
CA ALA A 355 -36.98 24.95 2.68
C ALA A 355 -36.91 25.94 1.52
N GLU A 356 -36.00 25.70 0.58
CA GLU A 356 -35.84 26.62 -0.52
C GLU A 356 -36.65 26.27 -1.77
N PHE A 357 -37.40 25.16 -1.72
CA PHE A 357 -38.20 24.72 -2.85
C PHE A 357 -39.71 24.72 -2.57
N ARG A 358 -40.09 24.48 -1.32
CA ARG A 358 -41.49 24.43 -0.90
C ARG A 358 -42.43 25.43 -1.50
N ASP A 359 -43.48 24.91 -2.15
CA ASP A 359 -44.51 25.71 -2.77
C ASP A 359 -43.96 26.88 -3.58
N LYS A 360 -42.90 26.61 -4.34
CA LYS A 360 -42.31 27.65 -5.15
C LYS A 360 -42.07 27.18 -6.56
N ASN A 361 -42.12 28.16 -7.48
CA ASN A 361 -41.85 27.91 -8.89
C ASN A 361 -40.37 28.28 -8.99
N VAL A 362 -39.52 27.26 -9.12
CA VAL A 362 -38.09 27.48 -9.17
C VAL A 362 -37.49 27.46 -10.57
N LEU A 363 -36.52 28.34 -10.78
CA LEU A 363 -35.81 28.39 -12.05
C LEU A 363 -34.43 27.84 -11.75
N LEU A 364 -34.20 26.59 -12.12
CA LEU A 364 -32.92 25.96 -11.92
C LEU A 364 -32.00 26.39 -13.06
N VAL A 365 -30.77 26.78 -12.72
CA VAL A 365 -29.79 27.18 -13.73
C VAL A 365 -28.61 26.22 -13.69
N ASP A 366 -28.26 25.66 -14.85
CA ASP A 366 -27.14 24.75 -14.96
C ASP A 366 -26.25 25.28 -16.05
N ASP A 367 -25.00 24.83 -16.07
CA ASP A 367 -24.05 25.30 -17.07
C ASP A 367 -24.30 24.62 -18.42
N SER A 368 -24.63 23.34 -18.40
CA SER A 368 -24.86 22.62 -19.64
C SER A 368 -25.65 21.35 -19.43
N ILE A 369 -26.06 20.75 -20.55
CA ILE A 369 -26.81 19.50 -20.52
C ILE A 369 -26.22 18.61 -21.61
N VAL A 370 -25.80 17.43 -21.19
CA VAL A 370 -25.17 16.45 -22.05
C VAL A 370 -26.07 15.23 -22.27
N ARG A 371 -26.10 14.34 -21.28
CA ARG A 371 -26.93 13.13 -21.34
C ARG A 371 -28.35 13.37 -20.81
N GLY A 372 -28.50 14.40 -19.98
CA GLY A 372 -29.80 14.71 -19.41
C GLY A 372 -30.15 13.87 -18.20
N THR A 373 -29.39 12.82 -17.98
CA THR A 373 -29.60 11.94 -16.84
C THR A 373 -29.52 12.74 -15.54
N THR A 374 -28.48 13.56 -15.43
CA THR A 374 -28.29 14.37 -14.24
C THR A 374 -29.44 15.33 -14.03
N SER A 375 -29.75 16.12 -15.06
CA SER A 375 -30.82 17.09 -14.97
C SER A 375 -32.16 16.49 -14.61
N GLU A 376 -32.45 15.29 -15.10
CA GLU A 376 -33.70 14.65 -14.73
C GLU A 376 -33.76 14.46 -13.23
N GLN A 377 -32.70 13.91 -12.67
CA GLN A 377 -32.65 13.69 -11.24
C GLN A 377 -32.58 14.97 -10.44
N ILE A 378 -32.03 16.03 -11.02
CA ILE A 378 -31.96 17.30 -10.31
C ILE A 378 -33.40 17.80 -10.19
N ILE A 379 -34.11 17.80 -11.32
CA ILE A 379 -35.50 18.25 -11.35
C ILE A 379 -36.36 17.40 -10.41
N GLU A 380 -36.13 16.10 -10.41
CA GLU A 380 -36.85 15.19 -9.54
C GLU A 380 -36.65 15.61 -8.09
N MET A 381 -35.40 15.87 -7.71
CA MET A 381 -35.07 16.28 -6.36
C MET A 381 -35.82 17.54 -5.98
N ALA A 382 -35.80 18.52 -6.87
CA ALA A 382 -36.52 19.77 -6.65
C ALA A 382 -38.02 19.50 -6.44
N ARG A 383 -38.57 18.52 -7.16
CA ARG A 383 -39.97 18.21 -6.99
C ARG A 383 -40.17 17.50 -5.66
N GLU A 384 -39.25 16.61 -5.32
CA GLU A 384 -39.31 15.89 -4.06
C GLU A 384 -39.29 16.89 -2.90
N ALA A 385 -38.52 17.97 -3.07
CA ALA A 385 -38.38 19.01 -2.06
C ALA A 385 -39.63 19.90 -1.90
N GLY A 386 -40.61 19.70 -2.77
CA GLY A 386 -41.83 20.47 -2.69
C GLY A 386 -41.95 21.65 -3.61
N ALA A 387 -41.20 21.66 -4.70
CA ALA A 387 -41.30 22.77 -5.65
C ALA A 387 -42.49 22.53 -6.58
N LYS A 388 -43.24 23.60 -6.86
CA LYS A 388 -44.40 23.47 -7.73
C LYS A 388 -43.99 23.42 -9.21
N LYS A 389 -43.49 24.53 -9.73
CA LYS A 389 -43.02 24.55 -11.11
C LYS A 389 -41.51 24.49 -11.08
N VAL A 390 -40.95 23.62 -11.91
CA VAL A 390 -39.50 23.50 -12.00
C VAL A 390 -39.11 23.81 -13.43
N TYR A 391 -38.45 24.94 -13.62
CA TYR A 391 -37.99 25.37 -14.94
C TYR A 391 -36.47 25.23 -14.98
N LEU A 392 -35.93 25.09 -16.16
CA LEU A 392 -34.50 24.91 -16.29
C LEU A 392 -33.89 25.75 -17.39
N ALA A 393 -32.80 26.43 -17.06
CA ALA A 393 -32.09 27.26 -18.00
C ALA A 393 -30.67 26.68 -18.13
N SER A 394 -30.19 26.57 -19.36
CA SER A 394 -28.85 26.05 -19.63
C SER A 394 -27.95 27.14 -20.16
N ALA A 395 -26.90 27.44 -19.41
CA ALA A 395 -25.93 28.48 -19.76
C ALA A 395 -25.29 28.25 -21.14
N ALA A 396 -25.18 26.99 -21.55
CA ALA A 396 -24.64 26.65 -22.86
C ALA A 396 -25.79 26.23 -23.77
N PRO A 397 -25.60 26.36 -25.08
CA PRO A 397 -26.63 25.95 -26.04
C PRO A 397 -26.75 24.43 -26.03
N GLU A 398 -27.51 23.87 -26.96
CA GLU A 398 -27.67 22.42 -27.01
C GLU A 398 -26.40 21.73 -27.50
N ILE A 399 -25.98 20.71 -26.77
CA ILE A 399 -24.81 19.94 -27.12
C ILE A 399 -25.33 18.76 -27.95
N ARG A 400 -25.23 18.90 -29.26
CA ARG A 400 -25.72 17.90 -30.20
C ARG A 400 -24.62 17.10 -30.85
N PHE A 401 -23.41 17.63 -30.81
CA PHE A 401 -22.30 16.94 -31.45
C PHE A 401 -21.17 16.55 -30.53
N PRO A 402 -20.48 15.47 -30.88
CA PRO A 402 -19.38 14.98 -30.06
C PRO A 402 -18.13 15.83 -30.26
N ASN A 403 -17.33 15.99 -29.21
CA ASN A 403 -16.11 16.78 -29.30
C ASN A 403 -14.97 15.82 -29.67
N VAL A 404 -14.13 16.24 -30.60
CA VAL A 404 -13.00 15.43 -31.03
C VAL A 404 -11.68 16.23 -30.94
N TYR A 405 -11.67 17.26 -30.11
CA TYR A 405 -10.52 18.12 -29.95
C TYR A 405 -9.91 18.15 -28.56
N GLY A 406 -10.08 17.09 -27.79
CA GLY A 406 -9.49 17.07 -26.47
C GLY A 406 -10.45 17.04 -25.31
N ILE A 407 -11.68 17.51 -25.51
CA ILE A 407 -12.68 17.50 -24.46
C ILE A 407 -13.45 16.18 -24.56
N ASP A 408 -13.52 15.45 -23.45
CA ASP A 408 -14.23 14.18 -23.42
C ASP A 408 -15.73 14.40 -23.46
N MET A 409 -16.42 13.60 -24.27
CA MET A 409 -17.85 13.72 -24.43
C MET A 409 -18.40 12.36 -24.85
N PRO A 410 -19.64 12.04 -24.46
CA PRO A 410 -20.19 10.75 -24.87
C PRO A 410 -20.48 10.76 -26.37
N SER A 411 -20.68 9.59 -26.97
CA SER A 411 -20.99 9.52 -28.39
C SER A 411 -22.33 10.20 -28.67
N ALA A 412 -22.50 10.73 -29.88
CA ALA A 412 -23.73 11.44 -30.28
C ALA A 412 -24.99 10.74 -29.79
N THR A 413 -24.93 9.42 -29.75
CA THR A 413 -26.03 8.58 -29.32
C THR A 413 -26.50 8.95 -27.92
N GLU A 414 -25.54 9.09 -27.00
CA GLU A 414 -25.86 9.41 -25.62
C GLU A 414 -26.14 10.88 -25.35
N LEU A 415 -26.06 11.69 -26.40
CA LEU A 415 -26.31 13.13 -26.27
C LEU A 415 -27.81 13.36 -26.46
N ILE A 416 -28.50 13.70 -25.38
CA ILE A 416 -29.95 13.90 -25.44
C ILE A 416 -30.43 14.96 -26.44
N ALA A 417 -29.67 16.03 -26.60
CA ALA A 417 -30.05 17.08 -27.52
C ALA A 417 -29.79 16.69 -28.98
N HIS A 418 -29.11 15.56 -29.18
CA HIS A 418 -28.81 15.11 -30.53
C HIS A 418 -30.07 14.50 -31.14
N GLY A 419 -30.56 15.12 -32.19
CA GLY A 419 -31.75 14.64 -32.86
C GLY A 419 -33.03 14.93 -32.11
N ARG A 420 -33.05 15.99 -31.31
CA ARG A 420 -34.24 16.35 -30.57
C ARG A 420 -34.47 17.84 -30.52
N GLU A 421 -35.71 18.22 -30.23
CA GLU A 421 -36.09 19.61 -30.12
C GLU A 421 -36.19 19.94 -28.64
N VAL A 422 -36.00 21.22 -28.30
CA VAL A 422 -36.08 21.68 -26.92
C VAL A 422 -37.26 21.08 -26.20
N ASP A 423 -38.45 21.21 -26.78
CA ASP A 423 -39.66 20.68 -26.14
C ASP A 423 -39.53 19.20 -25.80
N GLU A 424 -39.04 18.43 -26.77
CA GLU A 424 -38.84 17.00 -26.63
C GLU A 424 -37.88 16.68 -25.47
N ILE A 425 -36.81 17.45 -25.39
CA ILE A 425 -35.83 17.25 -24.33
C ILE A 425 -36.48 17.55 -22.98
N ARG A 426 -37.26 18.63 -22.94
CA ARG A 426 -37.96 19.05 -21.74
C ARG A 426 -38.86 17.94 -21.23
N GLN A 427 -39.49 17.23 -22.16
CA GLN A 427 -40.39 16.15 -21.80
C GLN A 427 -39.66 14.96 -21.25
N ILE A 428 -38.50 14.67 -21.82
CA ILE A 428 -37.72 13.53 -21.38
C ILE A 428 -37.16 13.74 -19.98
N ILE A 429 -36.77 14.97 -19.66
CA ILE A 429 -36.23 15.24 -18.32
C ILE A 429 -37.31 15.61 -17.29
N GLY A 430 -38.55 15.80 -17.76
CA GLY A 430 -39.66 16.12 -16.87
C GLY A 430 -39.71 17.54 -16.30
N ALA A 431 -39.15 18.49 -17.02
CA ALA A 431 -39.16 19.89 -16.56
C ALA A 431 -40.45 20.56 -17.05
N ASP A 432 -40.83 21.64 -16.38
CA ASP A 432 -42.03 22.37 -16.77
C ASP A 432 -41.68 23.37 -17.86
N GLY A 433 -40.39 23.67 -17.95
CA GLY A 433 -39.94 24.61 -18.95
C GLY A 433 -38.45 24.46 -19.07
N LEU A 434 -37.95 24.49 -20.29
CA LEU A 434 -36.53 24.34 -20.53
C LEU A 434 -36.10 25.41 -21.51
N ILE A 435 -35.01 26.10 -21.21
CA ILE A 435 -34.49 27.13 -22.10
C ILE A 435 -32.97 27.04 -22.23
N PHE A 436 -32.47 27.19 -23.46
CA PHE A 436 -31.03 27.15 -23.75
C PHE A 436 -30.50 28.48 -24.23
N GLN A 437 -29.21 28.69 -24.04
CA GLN A 437 -28.55 29.90 -24.46
C GLN A 437 -28.36 29.77 -25.97
N ASP A 438 -28.57 30.86 -26.69
CA ASP A 438 -28.40 30.87 -28.15
C ASP A 438 -26.91 30.94 -28.43
N LEU A 439 -26.43 30.08 -29.32
CA LEU A 439 -25.02 30.05 -29.67
C LEU A 439 -24.40 31.42 -29.97
N ASN A 440 -25.10 32.23 -30.75
CA ASN A 440 -24.64 33.57 -31.12
C ASN A 440 -24.53 34.44 -29.90
N ASP A 441 -25.42 34.22 -28.96
CA ASP A 441 -25.38 34.98 -27.72
C ASP A 441 -24.15 34.57 -26.92
N LEU A 442 -23.94 33.26 -26.79
CA LEU A 442 -22.79 32.74 -26.08
C LEU A 442 -21.51 33.40 -26.63
N ILE A 443 -21.42 33.43 -27.96
CA ILE A 443 -20.29 34.06 -28.63
C ILE A 443 -20.14 35.52 -28.25
N ASP A 444 -21.25 36.25 -28.16
CA ASP A 444 -21.19 37.66 -27.77
C ASP A 444 -20.56 37.75 -26.39
N ALA A 445 -21.15 37.04 -25.43
CA ALA A 445 -20.67 37.02 -24.06
C ALA A 445 -19.15 36.89 -23.93
N VAL A 446 -18.59 35.89 -24.60
CA VAL A 446 -17.15 35.65 -24.55
C VAL A 446 -16.36 36.64 -25.39
N ARG A 447 -16.80 36.84 -26.63
CA ARG A 447 -16.14 37.75 -27.55
C ARG A 447 -16.08 39.18 -27.00
N ALA A 448 -17.03 39.51 -26.13
CA ALA A 448 -17.08 40.85 -25.52
C ALA A 448 -15.83 41.17 -24.71
N GLU A 449 -15.17 40.14 -24.17
CA GLU A 449 -13.96 40.31 -23.37
C GLU A 449 -12.71 40.47 -24.23
N ASN A 450 -12.82 40.08 -25.50
CA ASN A 450 -11.74 40.20 -26.46
C ASN A 450 -12.36 40.14 -27.85
N PRO A 451 -12.75 41.31 -28.39
CA PRO A 451 -13.36 41.43 -29.71
C PRO A 451 -12.47 41.01 -30.86
N ASP A 452 -11.18 40.81 -30.60
CA ASP A 452 -10.28 40.40 -31.67
C ASP A 452 -10.52 38.96 -32.13
N ILE A 453 -11.14 38.16 -31.27
CA ILE A 453 -11.43 36.77 -31.61
C ILE A 453 -12.64 36.74 -32.54
N GLN A 454 -12.40 36.35 -33.78
CA GLN A 454 -13.44 36.27 -34.78
C GLN A 454 -14.33 35.07 -34.54
N GLN A 455 -13.80 33.87 -34.76
CA GLN A 455 -14.56 32.63 -34.59
C GLN A 455 -14.01 31.77 -33.47
N PHE A 456 -14.90 31.00 -32.85
CA PHE A 456 -14.52 30.10 -31.77
C PHE A 456 -14.77 28.68 -32.22
N GLU A 457 -14.32 27.73 -31.42
CA GLU A 457 -14.49 26.33 -31.71
C GLU A 457 -15.83 25.95 -31.06
N CYS A 458 -16.83 25.69 -31.90
CA CYS A 458 -18.19 25.38 -31.43
C CYS A 458 -18.78 24.05 -31.84
N SER A 459 -17.99 23.22 -32.50
CA SER A 459 -18.48 21.93 -32.98
C SER A 459 -19.53 21.18 -32.13
N VAL A 460 -19.40 21.21 -30.81
CA VAL A 460 -20.35 20.50 -29.95
C VAL A 460 -21.76 21.08 -30.09
N PHE A 461 -21.82 22.34 -30.49
CA PHE A 461 -23.08 23.05 -30.65
C PHE A 461 -23.61 23.07 -32.07
N ASN A 462 -22.73 23.37 -33.02
CA ASN A 462 -23.14 23.47 -34.43
C ASN A 462 -22.70 22.36 -35.39
N GLY A 463 -21.78 21.50 -34.96
CA GLY A 463 -21.34 20.42 -35.83
C GLY A 463 -20.37 20.85 -36.91
N VAL A 464 -19.82 22.05 -36.75
CA VAL A 464 -18.84 22.58 -37.69
C VAL A 464 -17.46 22.35 -37.07
N TYR A 465 -16.72 21.44 -37.68
CA TYR A 465 -15.37 21.09 -37.23
C TYR A 465 -14.33 21.85 -38.05
N VAL A 466 -13.72 22.85 -37.42
CA VAL A 466 -12.71 23.68 -38.06
C VAL A 466 -11.56 22.92 -38.77
N THR A 467 -11.34 21.64 -38.44
CA THR A 467 -10.27 20.89 -39.13
C THR A 467 -10.73 20.25 -40.43
N LYS A 468 -12.04 20.30 -40.70
CA LYS A 468 -12.65 19.79 -41.93
C LYS A 468 -12.30 18.38 -42.33
N ASP A 469 -12.12 17.50 -41.34
CA ASP A 469 -11.74 16.11 -41.60
C ASP A 469 -12.57 15.11 -40.80
N VAL A 470 -13.62 15.60 -40.17
CA VAL A 470 -14.49 14.75 -39.37
C VAL A 470 -15.76 14.41 -40.13
N ASP A 471 -16.11 13.13 -40.11
CA ASP A 471 -17.30 12.68 -40.79
C ASP A 471 -17.77 11.41 -40.10
N GLN A 472 -18.95 10.93 -40.46
CA GLN A 472 -19.52 9.72 -39.87
C GLN A 472 -18.54 8.56 -39.76
N GLY A 473 -17.79 8.32 -40.84
CA GLY A 473 -16.82 7.23 -40.84
C GLY A 473 -15.89 7.36 -39.64
N TYR A 474 -15.24 8.53 -39.54
CA TYR A 474 -14.34 8.80 -38.45
C TYR A 474 -15.07 8.66 -37.10
N LEU A 475 -16.26 9.24 -37.00
CA LEU A 475 -17.03 9.17 -35.76
C LEU A 475 -17.21 7.73 -35.30
N ASP A 476 -17.44 6.83 -36.26
CA ASP A 476 -17.60 5.40 -35.96
C ASP A 476 -16.31 4.81 -35.40
N PHE A 477 -15.19 5.28 -35.94
CA PHE A 477 -13.88 4.82 -35.49
C PHE A 477 -13.74 5.16 -34.01
N LEU A 478 -14.05 6.40 -33.63
CA LEU A 478 -13.96 6.82 -32.24
C LEU A 478 -14.82 5.99 -31.31
N ASP A 479 -15.93 5.49 -31.83
CA ASP A 479 -16.83 4.66 -31.06
C ASP A 479 -16.28 3.24 -30.92
N THR A 480 -15.59 2.74 -31.94
CA THR A 480 -15.01 1.40 -31.83
C THR A 480 -13.94 1.48 -30.72
N LEU A 481 -13.29 2.63 -30.63
CA LEU A 481 -12.28 2.87 -29.60
C LEU A 481 -12.92 2.89 -28.21
N ARG A 482 -14.01 3.63 -28.06
CA ARG A 482 -14.73 3.71 -26.77
C ARG A 482 -15.15 2.32 -26.33
N ASN A 483 -15.32 1.41 -27.29
CA ASN A 483 -15.70 0.04 -27.01
C ASN A 483 -14.49 -0.73 -26.49
N ASP A 484 -13.32 -0.45 -27.05
CA ASP A 484 -12.08 -1.08 -26.61
C ASP A 484 -11.72 -0.55 -25.24
N ASP A 485 -11.95 0.75 -25.05
CA ASP A 485 -11.69 1.43 -23.79
C ASP A 485 -12.51 0.77 -22.69
N ALA A 486 -13.80 0.62 -22.94
CA ALA A 486 -14.73 0.02 -22.00
C ALA A 486 -14.19 -1.32 -21.52
N LYS A 487 -13.86 -2.19 -22.46
CA LYS A 487 -13.34 -3.52 -22.16
C LYS A 487 -12.11 -3.55 -21.26
N ALA A 488 -11.17 -2.64 -21.50
CA ALA A 488 -9.96 -2.55 -20.68
C ALA A 488 -10.31 -2.14 -19.26
N VAL A 489 -11.21 -1.18 -19.13
CA VAL A 489 -11.64 -0.69 -17.81
C VAL A 489 -12.51 -1.71 -17.08
N GLN A 490 -13.39 -2.40 -17.81
CA GLN A 490 -14.27 -3.42 -17.24
C GLN A 490 -13.37 -4.52 -16.69
N ARG A 491 -12.32 -4.80 -17.45
CA ARG A 491 -11.31 -5.81 -17.14
C ARG A 491 -10.66 -5.54 -15.77
N GLN A 492 -10.20 -4.31 -15.57
CA GLN A 492 -9.57 -3.93 -14.30
C GLN A 492 -10.64 -3.84 -13.21
N CYS B 1 -15.97 17.46 14.97
CA CYS B 1 -16.16 16.01 14.67
C CYS B 1 -17.61 15.78 14.30
N GLY B 2 -17.87 14.67 13.64
CA GLY B 2 -19.21 14.33 13.23
C GLY B 2 -19.50 12.86 13.52
N ILE B 3 -20.70 12.57 14.01
CA ILE B 3 -21.09 11.20 14.32
C ILE B 3 -22.38 10.81 13.60
N VAL B 4 -22.49 9.52 13.28
CA VAL B 4 -23.67 8.97 12.62
C VAL B 4 -23.96 7.62 13.29
N GLY B 5 -25.23 7.26 13.35
CA GLY B 5 -25.65 6.00 13.96
C GLY B 5 -26.91 5.57 13.27
N ILE B 6 -26.92 4.34 12.76
CA ILE B 6 -28.06 3.80 12.04
C ILE B 6 -28.46 2.43 12.56
N ALA B 7 -29.73 2.29 12.94
CA ALA B 7 -30.26 1.01 13.40
C ALA B 7 -31.25 0.66 12.31
N GLY B 8 -30.85 -0.25 11.42
CA GLY B 8 -31.71 -0.61 10.32
C GLY B 8 -32.12 -2.06 10.29
N VAL B 9 -32.84 -2.40 9.23
CA VAL B 9 -33.32 -3.77 9.05
C VAL B 9 -32.53 -4.44 7.93
N MET B 10 -31.48 -3.75 7.47
CA MET B 10 -30.60 -4.25 6.41
C MET B 10 -29.19 -3.66 6.55
N PRO B 11 -28.19 -4.28 5.91
CA PRO B 11 -26.78 -3.83 5.97
C PRO B 11 -26.64 -2.32 5.98
N VAL B 12 -26.03 -1.80 7.03
CA VAL B 12 -25.85 -0.36 7.19
C VAL B 12 -24.49 0.22 6.79
N ASN B 13 -23.54 -0.62 6.38
CA ASN B 13 -22.23 -0.10 6.03
C ASN B 13 -22.20 1.01 4.97
N GLN B 14 -22.72 0.76 3.77
CA GLN B 14 -22.71 1.79 2.72
C GLN B 14 -23.39 3.09 3.17
N SER B 15 -24.48 2.96 3.93
CA SER B 15 -25.20 4.12 4.41
C SER B 15 -24.33 4.95 5.35
N ILE B 16 -23.66 4.25 6.28
CA ILE B 16 -22.80 4.92 7.25
C ILE B 16 -21.64 5.59 6.52
N TYR B 17 -21.16 4.93 5.47
CA TYR B 17 -20.09 5.45 4.65
C TYR B 17 -20.59 6.74 3.96
N ASP B 18 -21.71 6.64 3.24
CA ASP B 18 -22.29 7.79 2.54
C ASP B 18 -22.62 8.94 3.48
N ALA B 19 -23.21 8.59 4.62
CA ALA B 19 -23.56 9.57 5.63
C ALA B 19 -22.31 10.31 6.11
N LEU B 20 -21.20 9.59 6.33
CA LEU B 20 -19.97 10.25 6.78
C LEU B 20 -19.40 11.15 5.69
N THR B 21 -19.57 10.72 4.44
CA THR B 21 -19.10 11.50 3.30
C THR B 21 -19.68 12.93 3.31
N VAL B 22 -20.97 13.07 3.69
CA VAL B 22 -21.59 14.40 3.75
C VAL B 22 -21.29 15.11 5.08
N LEU B 23 -20.78 14.37 6.05
CA LEU B 23 -20.39 14.95 7.34
C LEU B 23 -18.88 15.22 7.33
N GLN B 24 -18.22 14.76 6.27
CA GLN B 24 -16.79 14.91 6.07
C GLN B 24 -16.22 16.28 6.44
N HIS B 25 -16.99 17.33 6.20
CA HIS B 25 -16.55 18.71 6.51
C HIS B 25 -16.41 18.98 8.02
N ARG B 26 -16.80 18.02 8.85
CA ARG B 26 -16.71 18.17 10.31
C ARG B 26 -15.44 17.56 10.86
N GLY B 27 -14.59 17.07 9.98
CA GLY B 27 -13.33 16.48 10.42
C GLY B 27 -12.82 15.51 9.38
N GLN B 28 -11.70 15.86 8.75
CA GLN B 28 -11.09 15.01 7.71
C GLN B 28 -9.87 14.23 8.20
N ASP B 29 -9.51 14.45 9.47
CA ASP B 29 -8.35 13.79 10.03
C ASP B 29 -8.41 12.27 10.08
N ALA B 30 -9.56 11.74 10.50
CA ALA B 30 -9.70 10.30 10.61
C ALA B 30 -11.17 9.92 10.44
N ALA B 31 -11.40 8.62 10.26
CA ALA B 31 -12.76 8.13 10.08
C ALA B 31 -12.88 6.71 10.60
N GLY B 32 -14.00 6.43 11.23
CA GLY B 32 -14.20 5.11 11.78
C GLY B 32 -15.65 4.72 11.69
N ILE B 33 -15.85 3.42 11.49
CA ILE B 33 -17.17 2.83 11.39
C ILE B 33 -17.10 1.49 12.12
N ILE B 34 -18.10 1.21 12.95
CA ILE B 34 -18.16 -0.05 13.67
C ILE B 34 -19.59 -0.55 13.62
N THR B 35 -19.76 -1.84 13.37
CA THR B 35 -21.08 -2.45 13.27
C THR B 35 -21.15 -3.72 14.09
N ILE B 36 -22.38 -4.20 14.32
CA ILE B 36 -22.60 -5.43 15.08
C ILE B 36 -23.11 -6.43 14.04
N ASP B 37 -22.29 -7.44 13.74
CA ASP B 37 -22.65 -8.46 12.75
C ASP B 37 -23.74 -9.40 13.23
N ALA B 38 -24.07 -10.37 12.39
CA ALA B 38 -25.10 -11.34 12.70
C ALA B 38 -24.79 -12.19 13.94
N ASN B 39 -23.52 -12.22 14.36
CA ASN B 39 -23.12 -13.01 15.51
C ASN B 39 -22.96 -12.24 16.80
N ASN B 40 -23.35 -10.96 16.78
CA ASN B 40 -23.24 -10.10 17.95
C ASN B 40 -21.80 -9.83 18.37
N CYS B 41 -21.00 -9.48 17.38
CA CYS B 41 -19.60 -9.14 17.57
C CYS B 41 -19.39 -7.82 16.82
N PHE B 42 -18.58 -6.95 17.39
CA PHE B 42 -18.31 -5.67 16.77
C PHE B 42 -17.40 -5.88 15.55
N ARG B 43 -17.59 -5.04 14.53
CA ARG B 43 -16.79 -5.08 13.31
C ARG B 43 -16.31 -3.65 13.20
N LEU B 44 -15.02 -3.46 13.39
CA LEU B 44 -14.44 -2.14 13.37
C LEU B 44 -13.44 -1.90 12.26
N ARG B 45 -13.37 -0.64 11.86
CA ARG B 45 -12.44 -0.15 10.84
C ARG B 45 -12.31 1.36 11.01
N LYS B 46 -11.16 1.78 11.52
CA LYS B 46 -10.87 3.19 11.72
C LYS B 46 -9.40 3.41 11.36
N ALA B 47 -9.08 4.60 10.87
CA ALA B 47 -7.72 4.95 10.45
C ALA B 47 -7.73 6.42 10.10
N ASN B 48 -6.56 6.97 9.84
CA ASN B 48 -6.48 8.39 9.49
C ASN B 48 -6.79 8.58 8.04
N GLY B 49 -7.10 9.82 7.69
CA GLY B 49 -7.44 10.17 6.33
C GLY B 49 -8.93 10.27 6.10
N LEU B 50 -9.26 10.74 4.91
CA LEU B 50 -10.65 10.91 4.50
C LEU B 50 -11.36 9.57 4.48
N VAL B 51 -12.69 9.62 4.54
CA VAL B 51 -13.53 8.41 4.52
C VAL B 51 -13.18 7.51 3.34
N SER B 52 -13.01 8.15 2.19
CA SER B 52 -12.67 7.46 0.96
C SER B 52 -11.32 6.76 1.06
N ASP B 53 -10.41 7.33 1.84
CA ASP B 53 -9.08 6.75 2.03
C ASP B 53 -9.17 5.57 2.97
N VAL B 54 -9.87 5.76 4.08
CA VAL B 54 -10.00 4.76 5.11
C VAL B 54 -10.74 3.50 4.74
N PHE B 55 -11.82 3.62 3.99
CA PHE B 55 -12.59 2.42 3.68
C PHE B 55 -12.44 1.91 2.27
N GLU B 56 -11.95 0.69 2.16
CA GLU B 56 -11.76 0.03 0.86
C GLU B 56 -12.68 -1.20 0.82
N ALA B 57 -12.76 -1.84 -0.34
CA ALA B 57 -13.62 -3.01 -0.52
C ALA B 57 -13.45 -4.06 0.58
N ARG B 58 -12.22 -4.51 0.79
CA ARG B 58 -11.93 -5.53 1.80
C ARG B 58 -12.40 -5.11 3.19
N HIS B 59 -12.40 -3.81 3.43
CA HIS B 59 -12.84 -3.24 4.70
C HIS B 59 -14.36 -3.28 4.83
N MET B 60 -15.05 -2.92 3.75
CA MET B 60 -16.50 -2.94 3.73
C MET B 60 -17.04 -4.35 3.85
N GLN B 61 -16.32 -5.32 3.30
CA GLN B 61 -16.76 -6.71 3.39
C GLN B 61 -17.02 -7.09 4.84
N ARG B 62 -15.99 -6.94 5.67
CA ARG B 62 -16.09 -7.30 7.07
C ARG B 62 -17.04 -6.46 7.92
N LEU B 63 -17.41 -5.26 7.47
CA LEU B 63 -18.32 -4.41 8.23
C LEU B 63 -19.76 -4.86 8.04
N GLN B 64 -20.06 -6.07 8.51
CA GLN B 64 -21.37 -6.69 8.42
C GLN B 64 -22.30 -6.32 9.56
N GLY B 65 -23.59 -6.48 9.34
CA GLY B 65 -24.56 -6.15 10.37
C GLY B 65 -25.56 -5.11 9.93
N ASN B 66 -26.65 -5.01 10.69
CA ASN B 66 -27.73 -4.09 10.37
C ASN B 66 -27.77 -2.87 11.28
N MET B 67 -26.68 -2.67 12.03
CA MET B 67 -26.58 -1.55 12.94
C MET B 67 -25.12 -1.17 13.11
N GLY B 68 -24.84 0.12 13.04
CA GLY B 68 -23.48 0.59 13.20
C GLY B 68 -23.42 2.08 13.43
N ILE B 69 -22.29 2.55 13.93
CA ILE B 69 -22.12 3.98 14.15
C ILE B 69 -20.81 4.34 13.48
N GLY B 70 -20.69 5.61 13.10
CA GLY B 70 -19.50 6.08 12.43
C GLY B 70 -19.04 7.42 12.96
N HIS B 71 -17.81 7.81 12.61
CA HIS B 71 -17.24 9.04 13.13
C HIS B 71 -16.13 9.58 12.22
N VAL B 72 -16.08 10.91 12.07
CA VAL B 72 -15.02 11.59 11.30
C VAL B 72 -14.43 12.57 12.32
N ARG B 73 -13.11 12.54 12.45
CA ARG B 73 -12.44 13.38 13.43
C ARG B 73 -11.81 14.66 12.93
N TYR B 74 -11.69 15.60 13.86
CA TYR B 74 -11.07 16.88 13.61
C TYR B 74 -9.96 16.85 14.67
N PRO B 75 -8.69 17.00 14.26
CA PRO B 75 -7.55 16.97 15.20
C PRO B 75 -7.71 17.96 16.35
N THR B 76 -7.42 17.51 17.56
CA THR B 76 -7.55 18.36 18.75
C THR B 76 -6.52 18.03 19.85
N ALA B 77 -6.64 18.69 21.00
CA ALA B 77 -5.74 18.47 22.14
C ALA B 77 -6.22 17.23 22.91
N GLY B 78 -5.47 16.14 22.77
CA GLY B 78 -5.82 14.89 23.39
C GLY B 78 -6.08 13.83 22.32
N SER B 79 -6.23 14.28 21.08
CA SER B 79 -6.48 13.38 19.95
C SER B 79 -5.85 13.96 18.67
N SER B 80 -4.52 13.84 18.57
CA SER B 80 -3.78 14.34 17.41
C SER B 80 -3.89 13.36 16.26
N SER B 81 -3.15 13.61 15.19
CA SER B 81 -3.17 12.71 14.04
C SER B 81 -2.66 11.33 14.45
N ALA B 82 -1.72 11.30 15.41
CA ALA B 82 -1.13 10.04 15.86
C ALA B 82 -1.99 9.16 16.77
N SER B 83 -2.79 9.77 17.64
CA SER B 83 -3.64 9.03 18.59
C SER B 83 -4.65 8.11 17.93
N GLU B 84 -5.20 7.19 18.70
CA GLU B 84 -6.21 6.26 18.21
C GLU B 84 -7.47 7.05 17.89
N ALA B 85 -8.13 6.72 16.78
CA ALA B 85 -9.34 7.40 16.33
C ALA B 85 -10.56 6.78 16.99
N GLN B 86 -11.76 7.26 16.63
CA GLN B 86 -13.01 6.73 17.19
C GLN B 86 -13.68 5.90 16.11
N PRO B 87 -14.63 5.02 16.49
CA PRO B 87 -15.10 4.79 17.85
C PRO B 87 -14.28 3.78 18.66
N PHE B 88 -14.31 3.96 19.98
CA PHE B 88 -13.60 3.09 20.89
C PHE B 88 -14.62 2.06 21.36
N TYR B 89 -14.15 1.11 22.15
CA TYR B 89 -15.05 0.10 22.73
C TYR B 89 -14.41 -0.74 23.80
N VAL B 90 -15.26 -1.30 24.66
CA VAL B 90 -14.81 -2.18 25.73
C VAL B 90 -15.68 -3.42 25.62
N ASN B 91 -15.22 -4.57 26.10
CA ASN B 91 -16.05 -5.78 26.00
C ASN B 91 -16.91 -6.02 27.21
N SER B 92 -16.89 -5.12 28.18
CA SER B 92 -17.70 -5.33 29.34
C SER B 92 -18.03 -4.04 30.07
N PRO B 93 -19.25 -3.97 30.64
CA PRO B 93 -20.20 -5.08 30.54
C PRO B 93 -20.88 -5.22 29.16
N TYR B 94 -21.14 -6.46 28.76
CA TYR B 94 -21.83 -6.79 27.50
C TYR B 94 -21.17 -6.46 26.15
N GLY B 95 -20.43 -5.36 26.09
CA GLY B 95 -19.80 -4.96 24.84
C GLY B 95 -20.43 -3.64 24.47
N ILE B 96 -19.67 -2.58 24.64
CA ILE B 96 -20.15 -1.22 24.35
C ILE B 96 -19.16 -0.52 23.44
N THR B 97 -19.66 0.30 22.53
CA THR B 97 -18.85 1.06 21.61
C THR B 97 -19.48 2.43 21.52
N LEU B 98 -18.67 3.45 21.30
CA LEU B 98 -19.19 4.81 21.28
C LEU B 98 -18.34 5.79 20.49
N ALA B 99 -19.01 6.74 19.86
CA ALA B 99 -18.37 7.79 19.06
C ALA B 99 -18.98 9.06 19.63
N HIS B 100 -18.22 10.14 19.69
CA HIS B 100 -18.75 11.36 20.28
C HIS B 100 -18.20 12.64 19.65
N ASN B 101 -18.97 13.71 19.73
CA ASN B 101 -18.53 15.00 19.25
C ASN B 101 -18.76 15.95 20.42
N GLY B 102 -17.68 16.55 20.90
CA GLY B 102 -17.78 17.46 22.01
C GLY B 102 -16.57 17.31 22.88
N ASN B 103 -16.55 17.98 24.03
CA ASN B 103 -15.40 17.88 24.91
C ASN B 103 -15.78 17.87 26.39
N LEU B 104 -15.18 16.95 27.15
CA LEU B 104 -15.43 16.84 28.59
C LEU B 104 -14.44 17.75 29.32
N THR B 105 -14.94 18.78 30.00
CA THR B 105 -14.09 19.72 30.71
C THR B 105 -13.49 19.19 32.01
N ASN B 106 -14.01 18.08 32.49
CA ASN B 106 -13.51 17.47 33.72
C ASN B 106 -12.89 16.12 33.37
N ALA B 107 -12.34 16.02 32.17
CA ALA B 107 -11.73 14.77 31.70
C ALA B 107 -10.70 14.21 32.67
N HIS B 108 -9.75 15.05 33.06
CA HIS B 108 -8.68 14.66 33.98
C HIS B 108 -9.25 13.96 35.21
N GLU B 109 -10.25 14.59 35.83
CA GLU B 109 -10.92 14.09 37.04
C GLU B 109 -11.41 12.68 36.85
N LEU B 110 -12.14 12.52 35.75
CA LEU B 110 -12.75 11.28 35.36
C LEU B 110 -11.74 10.17 35.12
N ARG B 111 -10.59 10.50 34.56
CA ARG B 111 -9.59 9.47 34.33
C ARG B 111 -9.10 8.92 35.67
N LYS B 112 -8.98 9.83 36.63
CA LYS B 112 -8.56 9.48 37.99
C LYS B 112 -9.64 8.66 38.68
N LYS B 113 -10.89 9.14 38.64
CA LYS B 113 -12.03 8.45 39.26
C LYS B 113 -12.08 7.01 38.77
N LEU B 114 -12.07 6.89 37.45
CA LEU B 114 -12.12 5.59 36.81
C LEU B 114 -11.05 4.64 37.30
N PHE B 115 -9.81 5.14 37.41
CA PHE B 115 -8.72 4.28 37.85
C PHE B 115 -8.82 3.84 39.31
N GLU B 116 -9.04 4.79 40.20
CA GLU B 116 -9.15 4.50 41.63
C GLU B 116 -10.35 3.63 41.99
N GLU B 117 -11.54 4.05 41.56
CA GLU B 117 -12.77 3.30 41.87
C GLU B 117 -13.03 2.06 41.02
N LYS B 118 -12.84 2.18 39.71
CA LYS B 118 -13.12 1.07 38.82
C LYS B 118 -11.90 0.33 38.28
N ARG B 119 -10.71 0.87 38.53
CA ARG B 119 -9.45 0.27 38.05
C ARG B 119 -9.53 0.11 36.53
N ARG B 120 -10.26 1.02 35.90
CA ARG B 120 -10.44 1.01 34.45
C ARG B 120 -9.32 1.81 33.80
N HIS B 121 -8.56 1.16 32.94
CA HIS B 121 -7.44 1.79 32.24
C HIS B 121 -7.83 2.55 30.98
N ILE B 122 -7.50 3.84 30.92
CA ILE B 122 -7.77 4.65 29.73
C ILE B 122 -6.46 4.64 28.96
N ASN B 123 -6.48 4.00 27.79
CA ASN B 123 -5.28 3.88 26.97
C ASN B 123 -4.94 5.03 26.04
N THR B 124 -5.75 6.08 26.00
CA THR B 124 -5.45 7.21 25.12
C THR B 124 -5.75 8.54 25.82
N THR B 125 -5.59 9.63 25.09
CA THR B 125 -5.87 10.95 25.65
C THR B 125 -7.21 11.49 25.15
N SER B 126 -7.97 10.62 24.46
CA SER B 126 -9.27 10.99 23.91
C SER B 126 -10.38 10.93 24.95
N ASP B 127 -11.02 12.06 25.23
CA ASP B 127 -12.10 12.09 26.22
C ASP B 127 -13.25 11.15 25.84
N SER B 128 -13.26 10.74 24.57
CA SER B 128 -14.26 9.82 24.07
C SER B 128 -14.09 8.46 24.79
N GLU B 129 -12.85 8.06 25.04
CA GLU B 129 -12.59 6.79 25.69
C GLU B 129 -13.02 6.85 27.15
N ILE B 130 -12.79 8.01 27.77
CA ILE B 130 -13.17 8.23 29.16
C ILE B 130 -14.69 8.12 29.27
N LEU B 131 -15.39 8.88 28.44
CA LEU B 131 -16.85 8.89 28.40
C LEU B 131 -17.38 7.46 28.24
N LEU B 132 -16.82 6.71 27.31
CA LEU B 132 -17.23 5.35 27.10
C LEU B 132 -17.08 4.57 28.39
N ASN B 133 -15.99 4.79 29.10
CA ASN B 133 -15.77 4.04 30.34
C ASN B 133 -16.66 4.41 31.50
N ILE B 134 -16.98 5.70 31.63
CA ILE B 134 -17.88 6.12 32.70
C ILE B 134 -19.23 5.45 32.37
N PHE B 135 -19.65 5.55 31.13
CA PHE B 135 -20.90 4.93 30.73
C PHE B 135 -20.87 3.42 31.00
N ALA B 136 -19.77 2.79 30.63
CA ALA B 136 -19.58 1.36 30.80
C ALA B 136 -19.69 0.94 32.27
N SER B 137 -19.03 1.68 33.16
CA SER B 137 -19.05 1.34 34.57
C SER B 137 -20.44 1.51 35.18
N GLU B 138 -21.18 2.49 34.68
CA GLU B 138 -22.53 2.72 35.20
C GLU B 138 -23.41 1.52 34.82
N LEU B 139 -23.25 1.01 33.62
CA LEU B 139 -24.02 -0.15 33.16
C LEU B 139 -23.58 -1.40 33.90
N ASP B 140 -22.43 -1.32 34.56
CA ASP B 140 -21.89 -2.45 35.28
C ASP B 140 -22.58 -2.62 36.62
N ASN B 141 -23.45 -1.67 36.95
CA ASN B 141 -24.19 -1.69 38.21
C ASN B 141 -25.53 -2.43 38.10
N PHE B 142 -25.72 -3.15 37.01
CA PHE B 142 -26.95 -3.89 36.81
C PHE B 142 -26.53 -5.33 36.68
N ARG B 143 -26.99 -6.14 37.62
CA ARG B 143 -26.64 -7.54 37.72
C ARG B 143 -27.39 -8.49 36.83
N HIS B 144 -28.47 -8.04 36.26
CA HIS B 144 -29.23 -8.99 35.51
C HIS B 144 -29.41 -8.78 34.00
N TYR B 145 -29.77 -9.86 33.29
CA TYR B 145 -29.84 -9.82 31.82
C TYR B 145 -31.13 -10.40 31.20
N PRO B 146 -31.68 -9.71 30.18
CA PRO B 146 -31.12 -8.46 29.65
C PRO B 146 -31.49 -7.21 30.45
N LEU B 147 -30.95 -6.07 30.03
CA LEU B 147 -31.21 -4.79 30.70
C LEU B 147 -32.53 -4.25 30.19
N GLU B 148 -33.16 -3.41 31.01
CA GLU B 148 -34.41 -2.80 30.63
C GLU B 148 -34.06 -1.40 30.21
N ALA B 149 -34.78 -0.86 29.24
CA ALA B 149 -34.54 0.49 28.78
C ALA B 149 -34.19 1.45 29.92
N ASP B 150 -34.92 1.38 31.04
CA ASP B 150 -34.64 2.23 32.20
C ASP B 150 -33.20 2.13 32.67
N ASN B 151 -32.70 0.91 32.74
CA ASN B 151 -31.34 0.67 33.21
C ASN B 151 -30.44 1.58 32.43
N ILE B 152 -30.55 1.47 31.11
CA ILE B 152 -29.76 2.26 30.20
C ILE B 152 -29.93 3.75 30.41
N PHE B 153 -31.16 4.17 30.69
CA PHE B 153 -31.46 5.58 30.93
C PHE B 153 -30.92 6.00 32.30
N ALA B 154 -30.89 5.05 33.22
CA ALA B 154 -30.36 5.26 34.59
C ALA B 154 -28.87 5.55 34.41
N ALA B 155 -28.20 4.62 33.71
CA ALA B 155 -26.79 4.71 33.41
C ALA B 155 -26.52 6.07 32.77
N ILE B 156 -27.24 6.36 31.69
CA ILE B 156 -27.07 7.65 30.99
C ILE B 156 -27.23 8.87 31.90
N ALA B 157 -28.20 8.80 32.81
CA ALA B 157 -28.46 9.90 33.74
C ALA B 157 -27.27 10.05 34.68
N ALA B 158 -26.82 8.91 35.21
CA ALA B 158 -25.68 8.87 36.13
C ALA B 158 -24.50 9.55 35.45
N THR B 159 -24.25 9.13 34.21
CA THR B 159 -23.18 9.66 33.39
C THR B 159 -23.27 11.17 33.27
N ASN B 160 -24.47 11.68 33.04
CA ASN B 160 -24.65 13.14 32.91
C ASN B 160 -24.30 13.88 34.18
N ARG B 161 -24.46 13.21 35.32
CA ARG B 161 -24.11 13.84 36.58
C ARG B 161 -22.61 13.86 36.77
N LEU B 162 -21.94 12.82 36.29
CA LEU B 162 -20.48 12.68 36.40
C LEU B 162 -19.65 13.53 35.44
N ILE B 163 -20.03 13.55 34.16
CA ILE B 163 -19.27 14.29 33.15
C ILE B 163 -19.69 15.74 33.02
N ARG B 164 -18.82 16.56 32.45
CA ARG B 164 -19.11 17.98 32.26
C ARG B 164 -18.57 18.47 30.93
N GLY B 165 -19.22 19.47 30.34
CA GLY B 165 -18.80 20.03 29.07
C GLY B 165 -19.88 19.87 28.00
N ALA B 166 -19.48 19.68 26.74
CA ALA B 166 -20.45 19.49 25.67
C ALA B 166 -20.22 18.12 25.05
N TYR B 167 -21.30 17.51 24.60
CA TYR B 167 -21.22 16.20 23.99
C TYR B 167 -22.53 15.82 23.32
N ALA B 168 -22.35 15.08 22.23
CA ALA B 168 -23.44 14.56 21.43
C ALA B 168 -22.90 13.17 21.09
N CYS B 169 -23.51 12.11 21.65
CA CYS B 169 -23.01 10.75 21.42
C CYS B 169 -24.03 9.82 20.87
N VAL B 170 -23.49 8.71 20.38
CA VAL B 170 -24.26 7.61 19.83
C VAL B 170 -23.38 6.43 20.24
N ALA B 171 -24.01 5.35 20.65
CA ALA B 171 -23.24 4.20 21.08
C ALA B 171 -24.10 2.99 20.86
N MET B 172 -23.48 1.82 20.90
CA MET B 172 -24.21 0.59 20.74
C MET B 172 -23.85 -0.33 21.91
N ILE B 173 -24.78 -1.22 22.26
CA ILE B 173 -24.62 -2.16 23.36
C ILE B 173 -25.09 -3.49 22.82
N ILE B 174 -24.15 -4.42 22.70
CA ILE B 174 -24.46 -5.72 22.17
C ILE B 174 -25.63 -6.37 22.88
N GLY B 175 -26.50 -7.01 22.10
CA GLY B 175 -27.68 -7.68 22.64
C GLY B 175 -28.84 -6.77 23.03
N HIS B 176 -28.63 -5.45 23.03
CA HIS B 176 -29.67 -4.50 23.44
C HIS B 176 -30.11 -3.47 22.37
N GLY B 177 -29.17 -2.64 21.91
CA GLY B 177 -29.54 -1.67 20.90
C GLY B 177 -28.56 -0.54 20.74
N MET B 178 -29.06 0.58 20.23
CA MET B 178 -28.27 1.77 19.99
C MET B 178 -28.82 2.91 20.80
N VAL B 179 -27.95 3.69 21.44
CA VAL B 179 -28.39 4.83 22.22
C VAL B 179 -27.72 6.09 21.70
N ALA B 180 -28.31 7.24 22.00
CA ALA B 180 -27.77 8.52 21.57
C ALA B 180 -28.23 9.55 22.59
N PHE B 181 -27.36 10.48 22.98
CA PHE B 181 -27.79 11.47 23.95
C PHE B 181 -27.04 12.77 23.75
N ARG B 182 -27.66 13.86 24.20
CA ARG B 182 -27.09 15.17 24.05
C ARG B 182 -26.84 15.74 25.43
N ASP B 183 -25.86 16.63 25.54
CA ASP B 183 -25.53 17.26 26.81
C ASP B 183 -26.67 18.13 27.31
N PRO B 184 -26.77 18.28 28.65
CA PRO B 184 -27.80 19.07 29.32
C PRO B 184 -27.99 20.46 28.72
N ASN B 185 -26.94 21.00 28.10
CA ASN B 185 -26.98 22.33 27.50
C ASN B 185 -27.25 22.39 26.01
N GLY B 186 -27.39 21.23 25.37
CA GLY B 186 -27.62 21.17 23.94
C GLY B 186 -26.66 22.05 23.16
N ILE B 187 -25.37 21.91 23.45
CA ILE B 187 -24.31 22.68 22.78
C ILE B 187 -23.90 22.00 21.47
N ARG B 188 -23.69 20.70 21.53
CA ARG B 188 -23.30 19.91 20.37
C ARG B 188 -24.52 19.35 19.67
N PRO B 189 -24.59 19.50 18.35
CA PRO B 189 -25.66 19.04 17.47
C PRO B 189 -25.89 17.54 17.37
N LEU B 190 -27.16 17.16 17.34
CA LEU B 190 -27.57 15.77 17.20
C LEU B 190 -29.07 15.71 16.79
N VAL B 191 -29.35 15.08 15.64
CA VAL B 191 -30.74 14.95 15.15
C VAL B 191 -31.11 13.50 14.89
N LEU B 192 -32.41 13.24 14.97
CA LEU B 192 -32.97 11.91 14.81
C LEU B 192 -33.77 11.83 13.53
N GLY B 193 -33.83 10.62 12.98
CA GLY B 193 -34.55 10.39 11.76
C GLY B 193 -35.06 8.95 11.68
N LYS B 194 -35.89 8.69 10.69
CA LYS B 194 -36.46 7.36 10.49
C LYS B 194 -36.71 7.16 9.00
N ARG B 195 -36.99 5.92 8.62
CA ARG B 195 -37.28 5.60 7.24
C ARG B 195 -38.08 4.32 7.27
N ASP B 196 -39.35 4.41 6.92
CA ASP B 196 -40.24 3.26 6.93
C ASP B 196 -39.96 2.39 5.71
N ILE B 197 -39.76 1.11 5.96
CA ILE B 197 -39.49 0.17 4.90
C ILE B 197 -40.80 -0.42 4.44
N ASP B 198 -41.63 -0.78 5.42
CA ASP B 198 -42.95 -1.36 5.15
C ASP B 198 -43.76 -1.33 6.45
N GLU B 199 -44.85 -2.09 6.47
CA GLU B 199 -45.71 -2.16 7.64
C GLU B 199 -44.92 -2.70 8.83
N ASN B 200 -44.71 -1.83 9.82
CA ASN B 200 -44.00 -2.18 11.03
C ASN B 200 -42.50 -2.51 10.94
N ARG B 201 -41.77 -1.74 10.13
CA ARG B 201 -40.33 -1.91 10.01
C ARG B 201 -39.74 -0.57 9.66
N THR B 202 -39.36 0.15 10.71
CA THR B 202 -38.77 1.45 10.55
C THR B 202 -37.29 1.35 10.93
N GLU B 203 -36.48 2.14 10.24
CA GLU B 203 -35.06 2.17 10.52
C GLU B 203 -34.88 3.55 11.10
N TYR B 204 -34.06 3.64 12.14
CA TYR B 204 -33.80 4.93 12.76
C TYR B 204 -32.37 5.34 12.52
N MET B 205 -32.13 6.64 12.65
CA MET B 205 -30.82 7.19 12.42
C MET B 205 -30.61 8.47 13.22
N VAL B 206 -29.37 8.69 13.66
CA VAL B 206 -29.01 9.89 14.39
C VAL B 206 -27.74 10.43 13.72
N ALA B 207 -27.54 11.73 13.76
CA ALA B 207 -26.37 12.31 13.13
C ALA B 207 -26.12 13.72 13.63
N SER B 208 -24.91 14.21 13.37
CA SER B 208 -24.57 15.55 13.80
C SER B 208 -25.35 16.61 13.02
N GLU B 209 -25.67 16.32 11.76
CA GLU B 209 -26.39 17.28 10.93
C GLU B 209 -27.45 16.63 10.08
N SER B 210 -28.51 17.39 9.80
CA SER B 210 -29.65 16.93 9.00
C SER B 210 -29.29 16.46 7.60
N VAL B 211 -28.20 17.00 7.03
CA VAL B 211 -27.75 16.62 5.69
C VAL B 211 -27.44 15.11 5.58
N ALA B 212 -27.18 14.46 6.71
CA ALA B 212 -26.89 13.03 6.73
C ALA B 212 -28.21 12.24 6.57
N LEU B 213 -29.32 12.80 7.01
CA LEU B 213 -30.63 12.16 6.89
C LEU B 213 -31.09 12.31 5.44
N ASP B 214 -30.99 13.53 4.94
CA ASP B 214 -31.37 13.88 3.58
C ASP B 214 -30.73 12.94 2.58
N THR B 215 -29.40 12.94 2.56
CA THR B 215 -28.60 12.10 1.66
C THR B 215 -28.95 10.60 1.72
N LEU B 216 -29.54 10.17 2.83
CA LEU B 216 -29.90 8.75 2.95
C LEU B 216 -31.39 8.47 2.74
N GLY B 217 -32.19 9.52 2.59
CA GLY B 217 -33.62 9.34 2.39
C GLY B 217 -34.35 9.05 3.69
N PHE B 218 -33.83 9.65 4.76
CA PHE B 218 -34.40 9.49 6.07
C PHE B 218 -35.29 10.69 6.40
N ASP B 219 -36.42 10.42 7.02
CA ASP B 219 -37.33 11.48 7.39
C ASP B 219 -36.83 12.16 8.65
N PHE B 220 -36.69 13.46 8.58
CA PHE B 220 -36.25 14.22 9.74
C PHE B 220 -37.35 14.19 10.77
N LEU B 221 -37.06 13.64 11.94
CA LEU B 221 -38.05 13.62 12.99
C LEU B 221 -37.90 14.91 13.80
N ARG B 222 -36.73 15.11 14.39
CA ARG B 222 -36.46 16.30 15.20
C ARG B 222 -35.04 16.26 15.77
N ASP B 223 -34.67 17.33 16.47
CA ASP B 223 -33.37 17.41 17.11
C ASP B 223 -33.50 16.63 18.41
N VAL B 224 -32.40 16.07 18.91
CA VAL B 224 -32.43 15.37 20.20
C VAL B 224 -32.34 16.52 21.22
N ALA B 225 -33.24 16.52 22.20
CA ALA B 225 -33.27 17.61 23.18
C ALA B 225 -32.16 17.55 24.21
N PRO B 226 -31.73 18.72 24.72
CA PRO B 226 -30.66 18.87 25.72
C PRO B 226 -30.90 17.95 26.91
N GLY B 227 -29.96 17.05 27.18
CA GLY B 227 -30.12 16.15 28.29
C GLY B 227 -30.96 14.92 27.99
N GLU B 228 -31.45 14.83 26.76
CA GLU B 228 -32.28 13.70 26.39
C GLU B 228 -31.47 12.53 25.87
N ALA B 229 -32.00 11.34 26.11
CA ALA B 229 -31.39 10.11 25.68
C ALA B 229 -32.42 9.31 24.85
N ILE B 230 -31.97 8.81 23.69
CA ILE B 230 -32.77 8.02 22.75
C ILE B 230 -32.23 6.61 22.85
N TYR B 231 -33.09 5.62 22.68
CA TYR B 231 -32.62 4.23 22.72
C TYR B 231 -33.47 3.39 21.76
N ILE B 232 -32.84 2.88 20.71
CA ILE B 232 -33.49 2.06 19.72
C ILE B 232 -33.03 0.66 20.02
N THR B 233 -33.98 -0.27 20.19
CA THR B 233 -33.63 -1.64 20.51
C THR B 233 -33.25 -2.35 19.23
N GLU B 234 -32.82 -3.59 19.35
CA GLU B 234 -32.48 -4.39 18.19
C GLU B 234 -33.75 -4.77 17.44
N GLU B 235 -34.91 -4.63 18.08
CA GLU B 235 -36.15 -4.98 17.42
C GLU B 235 -36.78 -3.78 16.70
N GLY B 236 -36.08 -2.65 16.73
CA GLY B 236 -36.59 -1.47 16.04
C GLY B 236 -37.49 -0.54 16.83
N GLN B 237 -37.50 -0.69 18.14
CA GLN B 237 -38.35 0.16 18.95
C GLN B 237 -37.59 1.37 19.44
N LEU B 238 -38.24 2.52 19.36
CA LEU B 238 -37.65 3.76 19.81
C LEU B 238 -38.21 4.22 21.15
N PHE B 239 -37.30 4.42 22.10
CA PHE B 239 -37.68 4.91 23.42
C PHE B 239 -36.94 6.20 23.67
N THR B 240 -37.46 7.03 24.56
CA THR B 240 -36.80 8.28 24.87
C THR B 240 -36.97 8.60 26.34
N ARG B 241 -36.11 9.48 26.83
CA ARG B 241 -36.17 9.90 28.21
C ARG B 241 -35.27 11.09 28.49
N GLN B 242 -35.72 11.94 29.41
CA GLN B 242 -34.96 13.11 29.81
C GLN B 242 -34.02 12.59 30.87
N CYS B 243 -32.71 12.60 30.59
CA CYS B 243 -31.75 12.10 31.55
C CYS B 243 -30.96 13.15 32.31
N ALA B 244 -31.28 14.40 32.05
CA ALA B 244 -30.60 15.51 32.73
C ALA B 244 -31.62 16.18 33.65
N ASP B 245 -31.12 17.02 34.55
CA ASP B 245 -31.99 17.71 35.49
C ASP B 245 -32.51 19.06 35.02
N ASN B 246 -31.63 19.96 34.63
CA ASN B 246 -32.07 21.27 34.15
C ASN B 246 -31.65 21.50 32.72
N PRO B 247 -32.27 20.75 31.78
CA PRO B 247 -31.93 20.90 30.36
C PRO B 247 -32.20 22.32 29.86
N VAL B 248 -31.26 22.84 29.09
CA VAL B 248 -31.34 24.18 28.54
C VAL B 248 -30.73 24.16 27.15
N SER B 249 -31.29 24.94 26.24
CA SER B 249 -30.77 25.02 24.89
C SER B 249 -29.81 26.16 24.68
N ASN B 250 -28.51 25.85 24.65
CA ASN B 250 -27.49 26.87 24.42
C ASN B 250 -26.64 26.34 23.26
N PRO B 251 -27.24 26.27 22.05
CA PRO B 251 -26.60 25.77 20.82
C PRO B 251 -25.29 26.48 20.53
N CYS B 252 -24.32 25.72 20.01
CA CYS B 252 -23.02 26.26 19.65
C CYS B 252 -23.18 27.25 18.50
N LEU B 253 -22.90 28.51 18.79
CA LEU B 253 -23.03 29.59 17.81
C LEU B 253 -22.05 29.41 16.65
N PHE B 254 -20.98 28.64 16.85
CA PHE B 254 -19.99 28.45 15.80
C PHE B 254 -20.50 27.55 14.68
N GLU B 255 -21.29 26.55 15.05
CA GLU B 255 -21.89 25.63 14.07
C GLU B 255 -22.57 26.44 12.96
N TYR B 256 -23.31 27.46 13.37
CA TYR B 256 -24.00 28.33 12.45
C TYR B 256 -23.03 29.25 11.71
N VAL B 257 -21.99 29.71 12.40
CA VAL B 257 -21.02 30.60 11.78
C VAL B 257 -20.26 30.03 10.60
N TYR B 258 -19.79 28.77 10.69
CA TYR B 258 -19.06 28.20 9.56
C TYR B 258 -18.77 26.70 9.62
N PHE B 259 -18.87 26.11 10.81
CA PHE B 259 -18.57 24.70 10.96
C PHE B 259 -19.61 23.75 10.33
N ALA B 260 -20.88 24.17 10.30
CA ALA B 260 -21.93 23.32 9.76
C ALA B 260 -22.25 23.67 8.31
N ARG B 261 -22.74 22.70 7.56
CA ARG B 261 -23.13 22.90 6.16
C ARG B 261 -24.41 23.74 6.16
N PRO B 262 -24.45 24.77 5.31
CA PRO B 262 -25.58 25.69 5.20
C PRO B 262 -26.95 25.06 4.90
N ASP B 263 -26.96 23.82 4.41
CA ASP B 263 -28.24 23.14 4.11
C ASP B 263 -28.72 22.29 5.28
N SER B 264 -28.17 22.56 6.45
CA SER B 264 -28.54 21.84 7.66
C SER B 264 -29.45 22.69 8.55
N PHE B 265 -30.35 22.00 9.24
CA PHE B 265 -31.26 22.67 10.17
C PHE B 265 -30.90 22.20 11.58
N ILE B 266 -30.27 23.08 12.34
CA ILE B 266 -29.84 22.77 13.68
C ILE B 266 -30.79 23.47 14.64
N ASP B 267 -31.49 22.69 15.46
CA ASP B 267 -32.44 23.23 16.43
C ASP B 267 -33.40 24.18 15.75
N LYS B 268 -34.11 23.65 14.75
CA LYS B 268 -35.07 24.42 13.96
C LYS B 268 -34.48 25.65 13.25
N ILE B 269 -33.16 25.84 13.28
CA ILE B 269 -32.55 26.97 12.59
C ILE B 269 -31.80 26.53 11.34
N SER B 270 -32.06 27.23 10.25
CA SER B 270 -31.43 26.97 8.97
C SER B 270 -30.07 27.67 8.95
N VAL B 271 -29.01 26.90 8.75
CA VAL B 271 -27.68 27.48 8.72
C VAL B 271 -27.57 28.50 7.59
N TYR B 272 -28.05 28.11 6.41
CA TYR B 272 -28.02 29.00 5.25
C TYR B 272 -28.67 30.34 5.55
N SER B 273 -29.95 30.31 5.92
CA SER B 273 -30.68 31.52 6.25
C SER B 273 -29.96 32.34 7.29
N ALA B 274 -29.56 31.69 8.39
CA ALA B 274 -28.84 32.36 9.48
C ALA B 274 -27.65 33.16 8.94
N ARG B 275 -26.90 32.53 8.03
CA ARG B 275 -25.74 33.18 7.43
C ARG B 275 -26.13 34.41 6.62
N VAL B 276 -27.21 34.28 5.85
CA VAL B 276 -27.69 35.39 5.05
C VAL B 276 -28.01 36.57 5.96
N ASN B 277 -28.69 36.28 7.05
CA ASN B 277 -29.05 37.29 8.05
C ASN B 277 -27.80 37.95 8.60
N MET B 278 -26.72 37.17 8.75
CA MET B 278 -25.46 37.72 9.24
C MET B 278 -24.98 38.78 8.25
N GLY B 279 -25.17 38.50 6.96
CA GLY B 279 -24.78 39.48 5.96
C GLY B 279 -25.64 40.73 6.10
N THR B 280 -26.93 40.55 6.37
CA THR B 280 -27.82 41.69 6.54
C THR B 280 -27.34 42.59 7.66
N LYS B 281 -27.15 42.00 8.84
CA LYS B 281 -26.71 42.72 10.04
C LYS B 281 -25.37 43.42 9.82
N LEU B 282 -24.39 42.67 9.35
CA LEU B 282 -23.08 43.25 9.10
C LEU B 282 -23.17 44.35 8.04
N GLY B 283 -23.86 44.07 6.94
CA GLY B 283 -24.01 45.07 5.89
C GLY B 283 -24.62 46.36 6.41
N GLU B 284 -25.59 46.25 7.31
CA GLU B 284 -26.23 47.41 7.88
C GLU B 284 -25.23 48.17 8.75
N LYS B 285 -24.52 47.44 9.60
CA LYS B 285 -23.55 48.06 10.47
C LYS B 285 -22.50 48.79 9.65
N ILE B 286 -22.04 48.17 8.58
CA ILE B 286 -21.03 48.76 7.72
C ILE B 286 -21.56 50.06 7.09
N ALA B 287 -22.82 50.07 6.68
CA ALA B 287 -23.42 51.26 6.08
C ALA B 287 -23.48 52.39 7.08
N ARG B 288 -23.79 52.03 8.32
CA ARG B 288 -23.89 52.98 9.41
C ARG B 288 -22.52 53.56 9.75
N GLU B 289 -21.60 52.70 10.15
CA GLU B 289 -20.25 53.10 10.55
C GLU B 289 -19.21 53.45 9.50
N TRP B 290 -19.21 52.80 8.34
CA TRP B 290 -18.24 53.12 7.30
C TRP B 290 -18.85 53.96 6.16
N GLU B 291 -19.71 54.88 6.55
CA GLU B 291 -20.43 55.78 5.65
C GLU B 291 -19.56 56.57 4.68
N ASP B 292 -18.52 57.22 5.18
CA ASP B 292 -17.66 58.08 4.37
C ASP B 292 -16.66 57.48 3.38
N LEU B 293 -16.19 56.26 3.64
CA LEU B 293 -15.20 55.66 2.76
C LEU B 293 -15.76 55.06 1.48
N ASP B 294 -14.95 55.07 0.43
CA ASP B 294 -15.37 54.56 -0.87
C ASP B 294 -14.87 53.19 -1.22
N ILE B 295 -15.70 52.18 -1.01
CA ILE B 295 -15.32 50.83 -1.39
C ILE B 295 -15.89 50.68 -2.78
N ASP B 296 -15.23 49.90 -3.62
CA ASP B 296 -15.70 49.71 -4.99
C ASP B 296 -16.29 48.34 -5.23
N VAL B 297 -16.07 47.41 -4.30
CA VAL B 297 -16.59 46.07 -4.49
C VAL B 297 -16.46 45.24 -3.25
N VAL B 298 -17.35 44.28 -3.10
CA VAL B 298 -17.34 43.37 -1.95
C VAL B 298 -16.80 42.04 -2.47
N ILE B 299 -15.85 41.47 -1.76
CA ILE B 299 -15.24 40.22 -2.17
C ILE B 299 -15.17 39.22 -1.03
N PRO B 300 -15.88 38.10 -1.16
CA PRO B 300 -15.86 37.10 -0.11
C PRO B 300 -14.56 36.31 -0.15
N ILE B 301 -14.23 35.72 0.99
CA ILE B 301 -13.06 34.89 1.13
C ILE B 301 -13.66 33.52 1.34
N PRO B 302 -13.52 32.62 0.35
CA PRO B 302 -14.03 31.25 0.37
C PRO B 302 -13.77 30.50 1.69
N GLU B 303 -14.71 29.67 2.11
CA GLU B 303 -15.95 29.42 1.38
C GLU B 303 -17.17 30.10 2.00
N THR B 304 -17.39 29.80 3.27
CA THR B 304 -18.54 30.30 4.03
C THR B 304 -19.04 31.72 3.71
N SER B 305 -18.10 32.63 3.54
CA SER B 305 -18.37 34.04 3.30
C SER B 305 -19.20 34.44 2.07
N CYS B 306 -19.24 33.57 1.07
CA CYS B 306 -19.96 33.87 -0.17
C CYS B 306 -21.36 34.47 -0.09
N ASP B 307 -22.27 33.76 0.55
CA ASP B 307 -23.64 34.23 0.69
C ASP B 307 -23.76 35.46 1.60
N ILE B 308 -22.92 35.50 2.63
CA ILE B 308 -22.92 36.61 3.57
C ILE B 308 -22.48 37.88 2.86
N ALA B 309 -21.32 37.84 2.21
CA ALA B 309 -20.79 38.99 1.47
C ALA B 309 -21.80 39.48 0.44
N LEU B 310 -22.43 38.55 -0.26
CA LEU B 310 -23.45 38.87 -1.28
C LEU B 310 -24.53 39.76 -0.70
N GLU B 311 -24.96 39.39 0.50
CA GLU B 311 -25.98 40.11 1.26
C GLU B 311 -25.48 41.49 1.64
N ILE B 312 -24.22 41.59 2.03
CA ILE B 312 -23.61 42.85 2.41
C ILE B 312 -23.50 43.74 1.19
N ALA B 313 -23.15 43.14 0.06
CA ALA B 313 -23.01 43.85 -1.20
C ALA B 313 -24.36 44.45 -1.55
N ARG B 314 -25.39 43.67 -1.30
CA ARG B 314 -26.76 44.09 -1.57
C ARG B 314 -27.10 45.29 -0.72
N ILE B 315 -26.89 45.17 0.59
CA ILE B 315 -27.16 46.25 1.52
C ILE B 315 -26.33 47.51 1.17
N LEU B 316 -25.04 47.33 0.90
CA LEU B 316 -24.20 48.47 0.56
C LEU B 316 -24.52 48.96 -0.83
N GLY B 317 -25.26 48.16 -1.58
CA GLY B 317 -25.63 48.56 -2.93
C GLY B 317 -24.40 48.67 -3.79
N LYS B 318 -23.46 47.76 -3.59
CA LYS B 318 -22.21 47.72 -4.33
C LYS B 318 -22.09 46.36 -5.01
N PRO B 319 -21.30 46.29 -6.09
CA PRO B 319 -21.14 45.02 -6.79
C PRO B 319 -20.39 43.99 -5.97
N TYR B 320 -20.73 42.74 -6.23
CA TYR B 320 -20.13 41.60 -5.58
C TYR B 320 -19.38 40.87 -6.67
N ARG B 321 -18.09 40.67 -6.46
CA ARG B 321 -17.26 39.97 -7.42
C ARG B 321 -16.44 38.89 -6.71
N GLN B 322 -16.30 37.76 -7.39
CA GLN B 322 -15.53 36.64 -6.86
C GLN B 322 -14.07 36.95 -7.16
N GLY B 323 -13.40 37.57 -6.19
CA GLY B 323 -11.99 37.92 -6.33
C GLY B 323 -11.03 36.79 -5.97
N PHE B 324 -11.46 35.91 -5.08
CA PHE B 324 -10.65 34.78 -4.65
C PHE B 324 -11.30 33.49 -5.04
N VAL B 325 -10.48 32.58 -5.54
CA VAL B 325 -10.93 31.25 -5.91
C VAL B 325 -10.11 30.36 -5.03
N LYS B 326 -10.78 29.43 -4.36
CA LYS B 326 -10.09 28.52 -3.46
C LYS B 326 -9.56 27.33 -4.25
N ASN B 327 -8.33 26.93 -3.92
CA ASN B 327 -7.71 25.78 -4.59
C ASN B 327 -8.30 24.54 -3.93
N ARG B 328 -9.31 23.97 -4.56
CA ARG B 328 -9.99 22.79 -4.02
C ARG B 328 -9.07 21.60 -3.77
N TYR B 329 -7.97 21.53 -4.49
CA TYR B 329 -7.06 20.42 -4.31
C TYR B 329 -5.76 20.92 -3.70
N VAL B 330 -5.60 20.66 -2.42
CA VAL B 330 -4.40 21.07 -1.71
C VAL B 330 -3.48 19.86 -1.62
N GLY B 331 -2.22 20.03 -2.05
CA GLY B 331 -1.29 18.92 -2.00
C GLY B 331 -0.43 18.88 -0.76
N ARG B 332 0.48 17.94 -0.71
CA ARG B 332 1.39 17.81 0.41
C ARG B 332 2.66 18.58 0.07
N THR B 333 3.30 19.16 1.07
CA THR B 333 4.56 19.87 0.81
C THR B 333 5.65 18.94 1.36
N PHE B 334 6.47 18.41 0.46
CA PHE B 334 7.53 17.50 0.85
C PHE B 334 8.79 18.24 1.27
N ILE B 335 9.31 17.88 2.43
CA ILE B 335 10.53 18.51 2.93
C ILE B 335 11.70 17.89 2.15
N MET B 336 12.29 18.68 1.26
CA MET B 336 13.41 18.24 0.44
C MET B 336 14.61 19.10 0.76
N PRO B 337 15.80 18.47 0.87
CA PRO B 337 17.06 19.15 1.17
C PRO B 337 17.38 20.39 0.30
N GLY B 338 16.83 21.53 0.69
CA GLY B 338 17.06 22.77 -0.06
C GLY B 338 15.90 23.12 -0.96
N GLN B 339 14.77 23.48 -0.35
CA GLN B 339 13.54 23.85 -1.07
C GLN B 339 13.59 25.24 -1.73
N GLN B 340 14.69 25.51 -2.40
CA GLN B 340 14.99 26.76 -3.11
C GLN B 340 13.94 27.88 -3.09
N LEU B 341 12.97 27.84 -4.01
CA LEU B 341 11.95 28.88 -4.08
C LEU B 341 10.56 28.31 -3.84
N ARG B 342 10.21 28.18 -2.57
CA ARG B 342 8.92 27.64 -2.14
C ARG B 342 7.74 28.48 -2.59
N ARG B 343 6.57 27.85 -2.64
CA ARG B 343 5.32 28.50 -3.03
C ARG B 343 4.73 29.15 -1.78
N LYS B 344 4.21 30.37 -1.90
CA LYS B 344 3.64 31.07 -0.75
C LYS B 344 2.50 30.27 -0.11
N SER B 345 2.60 30.04 1.19
CA SER B 345 1.59 29.26 1.91
C SER B 345 0.15 29.69 1.60
N VAL B 346 -0.09 31.00 1.61
CA VAL B 346 -1.41 31.51 1.33
C VAL B 346 -1.90 31.05 -0.04
N ARG B 347 -1.02 31.12 -1.05
CA ARG B 347 -1.36 30.71 -2.43
C ARG B 347 -1.67 29.22 -2.50
N ARG B 348 -1.25 28.50 -1.47
CA ARG B 348 -1.53 27.07 -1.39
C ARG B 348 -3.05 26.94 -1.28
N LYS B 349 -3.66 27.86 -0.51
CA LYS B 349 -5.09 27.87 -0.27
C LYS B 349 -5.92 28.62 -1.32
N LEU B 350 -5.57 29.86 -1.59
CA LEU B 350 -6.35 30.67 -2.51
C LEU B 350 -5.57 31.21 -3.68
N ASN B 351 -6.31 31.69 -4.67
CA ASN B 351 -5.71 32.33 -5.83
C ASN B 351 -6.51 33.59 -6.09
N ALA B 352 -5.81 34.67 -6.41
CA ALA B 352 -6.48 35.93 -6.65
C ALA B 352 -6.65 36.21 -8.13
N ASN B 353 -7.86 36.63 -8.51
CA ASN B 353 -8.16 37.00 -9.88
C ASN B 353 -7.72 38.47 -9.99
N ARG B 354 -6.52 38.69 -10.48
CA ARG B 354 -5.95 40.04 -10.63
C ARG B 354 -6.95 41.10 -11.09
N ALA B 355 -7.73 40.77 -12.11
CA ALA B 355 -8.72 41.67 -12.69
C ALA B 355 -9.72 42.26 -11.69
N GLU B 356 -9.98 41.56 -10.59
CA GLU B 356 -10.95 42.03 -9.62
C GLU B 356 -10.44 43.00 -8.57
N PHE B 357 -9.13 43.18 -8.49
CA PHE B 357 -8.55 44.09 -7.51
C PHE B 357 -7.94 45.39 -8.06
N ARG B 358 -7.34 45.32 -9.25
CA ARG B 358 -6.69 46.49 -9.88
C ARG B 358 -7.33 47.83 -9.67
N ASP B 359 -6.64 48.69 -8.92
CA ASP B 359 -7.10 50.05 -8.62
C ASP B 359 -8.45 50.16 -7.95
N LYS B 360 -8.86 49.11 -7.24
CA LYS B 360 -10.15 49.12 -6.57
C LYS B 360 -9.96 49.05 -5.07
N ASN B 361 -10.69 49.89 -4.35
CA ASN B 361 -10.68 49.87 -2.90
C ASN B 361 -11.63 48.72 -2.62
N VAL B 362 -11.09 47.60 -2.20
CA VAL B 362 -11.93 46.44 -1.98
C VAL B 362 -12.30 46.17 -0.52
N LEU B 363 -13.43 45.50 -0.33
CA LEU B 363 -13.90 45.12 1.00
C LEU B 363 -13.98 43.61 0.98
N LEU B 364 -13.15 42.97 1.80
CA LEU B 364 -13.13 41.51 1.89
C LEU B 364 -14.03 41.12 3.05
N VAL B 365 -14.69 39.98 2.91
CA VAL B 365 -15.61 39.46 3.92
C VAL B 365 -15.13 38.06 4.28
N ASP B 366 -14.89 37.83 5.57
CA ASP B 366 -14.45 36.51 6.02
C ASP B 366 -15.34 36.11 7.17
N ASP B 367 -15.55 34.81 7.32
CA ASP B 367 -16.41 34.31 8.40
C ASP B 367 -15.85 34.60 9.78
N SER B 368 -14.53 34.53 9.93
CA SER B 368 -13.92 34.78 11.22
C SER B 368 -12.41 35.04 11.11
N ILE B 369 -11.85 35.61 12.17
CA ILE B 369 -10.42 35.91 12.25
C ILE B 369 -9.96 35.24 13.52
N VAL B 370 -9.10 34.22 13.38
CA VAL B 370 -8.57 33.48 14.53
C VAL B 370 -7.11 33.87 14.84
N ARG B 371 -6.16 33.40 14.03
CA ARG B 371 -4.77 33.73 14.26
C ARG B 371 -4.42 35.11 13.75
N GLY B 372 -4.85 35.44 12.53
CA GLY B 372 -4.53 36.75 12.01
C GLY B 372 -3.38 36.71 11.03
N THR B 373 -2.55 35.68 11.13
CA THR B 373 -1.43 35.53 10.21
C THR B 373 -2.05 35.35 8.83
N THR B 374 -3.05 34.48 8.78
CA THR B 374 -3.78 34.18 7.56
C THR B 374 -4.36 35.48 7.01
N SER B 375 -5.11 36.16 7.86
CA SER B 375 -5.75 37.40 7.50
C SER B 375 -4.76 38.39 6.92
N GLU B 376 -3.65 38.55 7.62
CA GLU B 376 -2.61 39.46 7.17
C GLU B 376 -2.17 39.16 5.75
N GLN B 377 -1.98 37.87 5.45
CA GLN B 377 -1.54 37.47 4.13
C GLN B 377 -2.61 37.62 3.07
N ILE B 378 -3.87 37.35 3.42
CA ILE B 378 -4.94 37.49 2.45
C ILE B 378 -4.99 38.95 2.04
N ILE B 379 -4.79 39.84 3.00
CA ILE B 379 -4.81 41.27 2.74
C ILE B 379 -3.65 41.60 1.82
N GLU B 380 -2.48 41.08 2.16
CA GLU B 380 -1.25 41.26 1.40
C GLU B 380 -1.45 40.82 -0.04
N MET B 381 -2.08 39.67 -0.21
CA MET B 381 -2.37 39.10 -1.53
C MET B 381 -3.22 40.07 -2.34
N ALA B 382 -4.17 40.73 -1.67
CA ALA B 382 -5.04 41.69 -2.33
C ALA B 382 -4.24 42.90 -2.82
N ARG B 383 -3.31 43.37 -1.99
CA ARG B 383 -2.49 44.52 -2.38
C ARG B 383 -1.60 44.12 -3.54
N GLU B 384 -1.11 42.88 -3.51
CA GLU B 384 -0.27 42.38 -4.59
C GLU B 384 -1.07 42.41 -5.89
N ALA B 385 -2.36 42.08 -5.78
CA ALA B 385 -3.26 42.04 -6.92
C ALA B 385 -3.64 43.41 -7.47
N GLY B 386 -3.22 44.46 -6.76
CA GLY B 386 -3.49 45.82 -7.21
C GLY B 386 -4.54 46.63 -6.48
N ALA B 387 -4.98 46.16 -5.32
CA ALA B 387 -6.01 46.87 -4.55
C ALA B 387 -5.42 48.08 -3.84
N LYS B 388 -6.05 49.24 -3.99
CA LYS B 388 -5.56 50.43 -3.32
C LYS B 388 -5.84 50.26 -1.84
N LYS B 389 -7.11 50.39 -1.46
CA LYS B 389 -7.50 50.22 -0.07
C LYS B 389 -8.02 48.81 0.09
N VAL B 390 -7.63 48.17 1.19
CA VAL B 390 -8.08 46.82 1.44
C VAL B 390 -8.72 46.86 2.82
N TYR B 391 -10.03 46.67 2.86
CA TYR B 391 -10.76 46.67 4.11
C TYR B 391 -11.25 45.25 4.41
N LEU B 392 -11.28 44.88 5.68
CA LEU B 392 -11.75 43.55 6.06
C LEU B 392 -12.96 43.65 7.02
N ALA B 393 -13.92 42.77 6.79
CA ALA B 393 -15.11 42.71 7.60
C ALA B 393 -15.27 41.25 8.00
N SER B 394 -15.45 41.01 9.30
CA SER B 394 -15.62 39.67 9.85
C SER B 394 -17.07 39.40 10.20
N ALA B 395 -17.59 38.27 9.73
CA ALA B 395 -18.97 37.90 9.99
C ALA B 395 -19.16 37.48 11.44
N ALA B 396 -18.06 37.11 12.08
CA ALA B 396 -18.13 36.70 13.45
C ALA B 396 -17.54 37.81 14.28
N PRO B 397 -17.95 37.89 15.55
CA PRO B 397 -17.43 38.91 16.43
C PRO B 397 -15.95 38.54 16.75
N GLU B 398 -15.28 39.36 17.54
CA GLU B 398 -13.90 39.09 17.91
C GLU B 398 -13.81 37.76 18.65
N ILE B 399 -12.92 36.88 18.19
CA ILE B 399 -12.71 35.59 18.84
C ILE B 399 -11.62 35.84 19.85
N ARG B 400 -12.03 35.84 21.12
CA ARG B 400 -11.14 36.13 22.23
C ARG B 400 -10.81 34.96 23.13
N PHE B 401 -11.68 33.97 23.20
CA PHE B 401 -11.43 32.84 24.08
C PHE B 401 -11.50 31.55 23.34
N PRO B 402 -10.71 30.55 23.79
CA PRO B 402 -10.70 29.25 23.13
C PRO B 402 -11.99 28.47 23.43
N ASN B 403 -12.33 27.57 22.52
CA ASN B 403 -13.52 26.74 22.70
C ASN B 403 -13.10 25.46 23.41
N VAL B 404 -13.88 25.01 24.37
CA VAL B 404 -13.55 23.78 25.09
C VAL B 404 -14.72 22.79 25.07
N TYR B 405 -15.64 22.95 24.12
CA TYR B 405 -16.78 22.07 24.04
C TYR B 405 -16.78 21.16 22.84
N GLY B 406 -15.91 21.42 21.87
CA GLY B 406 -15.87 20.55 20.72
C GLY B 406 -15.18 21.12 19.51
N ILE B 407 -15.05 22.44 19.48
CA ILE B 407 -14.40 23.09 18.35
C ILE B 407 -12.92 23.33 18.64
N ASP B 408 -12.04 22.82 17.78
CA ASP B 408 -10.59 22.99 17.96
C ASP B 408 -10.18 24.43 17.68
N MET B 409 -9.59 25.06 18.69
CA MET B 409 -9.15 26.45 18.61
C MET B 409 -7.80 26.57 19.26
N PRO B 410 -7.00 27.59 18.89
CA PRO B 410 -5.68 27.74 19.52
C PRO B 410 -5.86 28.31 20.94
N SER B 411 -4.79 28.32 21.73
CA SER B 411 -4.89 28.86 23.09
C SER B 411 -5.18 30.37 23.07
N ALA B 412 -5.75 30.87 24.17
CA ALA B 412 -6.11 32.29 24.29
C ALA B 412 -5.05 33.27 23.82
N THR B 413 -3.79 32.93 24.07
CA THR B 413 -2.66 33.78 23.69
C THR B 413 -2.36 33.84 22.20
N GLU B 414 -2.87 32.85 21.45
CA GLU B 414 -2.68 32.79 20.00
C GLU B 414 -3.79 33.55 19.23
N LEU B 415 -4.97 33.65 19.84
CA LEU B 415 -6.09 34.37 19.24
C LEU B 415 -5.68 35.83 19.20
N ILE B 416 -5.54 36.41 18.01
CA ILE B 416 -5.12 37.80 17.89
C ILE B 416 -6.05 38.81 18.58
N ALA B 417 -7.35 38.49 18.65
CA ALA B 417 -8.35 39.36 19.26
C ALA B 417 -8.28 39.40 20.79
N HIS B 418 -7.65 38.38 21.35
CA HIS B 418 -7.50 38.25 22.78
C HIS B 418 -6.62 39.36 23.36
N GLY B 419 -7.26 40.27 24.08
CA GLY B 419 -6.54 41.38 24.69
C GLY B 419 -6.17 42.51 23.75
N ARG B 420 -6.89 42.64 22.64
CA ARG B 420 -6.61 43.69 21.68
C ARG B 420 -7.87 44.39 21.20
N GLU B 421 -7.72 45.65 20.84
CA GLU B 421 -8.82 46.44 20.34
C GLU B 421 -8.83 46.35 18.82
N VAL B 422 -10.00 46.55 18.24
CA VAL B 422 -10.20 46.48 16.79
C VAL B 422 -9.09 47.21 16.01
N ASP B 423 -8.74 48.42 16.45
CA ASP B 423 -7.74 49.20 15.74
C ASP B 423 -6.33 48.61 15.76
N GLU B 424 -5.98 47.94 16.86
CA GLU B 424 -4.66 47.31 16.97
C GLU B 424 -4.59 46.14 16.00
N ILE B 425 -5.59 45.28 16.09
CA ILE B 425 -5.69 44.09 15.26
C ILE B 425 -5.59 44.51 13.79
N ARG B 426 -6.25 45.61 13.46
CA ARG B 426 -6.25 46.16 12.10
C ARG B 426 -4.84 46.49 11.64
N GLN B 427 -4.06 47.08 12.54
CA GLN B 427 -2.67 47.46 12.28
C GLN B 427 -1.75 46.24 12.15
N ILE B 428 -1.98 45.22 12.96
CA ILE B 428 -1.18 44.01 12.91
C ILE B 428 -1.36 43.27 11.58
N ILE B 429 -2.60 43.24 11.09
CA ILE B 429 -2.87 42.57 9.83
C ILE B 429 -2.75 43.48 8.59
N GLY B 430 -2.49 44.77 8.81
CA GLY B 430 -2.32 45.70 7.71
C GLY B 430 -3.56 46.09 6.93
N ALA B 431 -4.74 45.85 7.49
CA ALA B 431 -5.98 46.20 6.83
C ALA B 431 -6.14 47.70 6.92
N ASP B 432 -6.58 48.35 5.84
CA ASP B 432 -6.79 49.78 5.89
C ASP B 432 -7.98 50.06 6.80
N GLY B 433 -8.82 49.05 7.00
CA GLY B 433 -10.00 49.18 7.85
C GLY B 433 -10.49 47.82 8.25
N LEU B 434 -10.85 47.66 9.52
CA LEU B 434 -11.33 46.38 10.02
C LEU B 434 -12.63 46.60 10.76
N ILE B 435 -13.52 45.62 10.71
CA ILE B 435 -14.81 45.76 11.41
C ILE B 435 -15.45 44.40 11.72
N PHE B 436 -15.90 44.21 12.94
CA PHE B 436 -16.52 42.94 13.36
C PHE B 436 -18.03 42.98 13.59
N GLN B 437 -18.63 41.81 13.51
CA GLN B 437 -20.06 41.65 13.75
C GLN B 437 -20.21 41.82 15.27
N ASP B 438 -21.17 42.63 15.71
CA ASP B 438 -21.42 42.78 17.16
C ASP B 438 -22.03 41.45 17.61
N LEU B 439 -21.71 40.99 18.81
CA LEU B 439 -22.24 39.72 19.28
C LEU B 439 -23.76 39.62 19.35
N ASN B 440 -24.41 40.62 19.92
CA ASN B 440 -25.87 40.61 20.00
C ASN B 440 -26.48 40.58 18.59
N ASP B 441 -25.85 41.26 17.62
CA ASP B 441 -26.32 41.23 16.23
C ASP B 441 -26.36 39.78 15.73
N LEU B 442 -25.22 39.11 15.85
CA LEU B 442 -25.07 37.73 15.43
C LEU B 442 -26.17 36.88 16.07
N ILE B 443 -26.41 37.13 17.36
CA ILE B 443 -27.44 36.38 18.09
C ILE B 443 -28.84 36.64 17.52
N ASP B 444 -29.19 37.91 17.31
CA ASP B 444 -30.49 38.25 16.75
C ASP B 444 -30.64 37.55 15.42
N ALA B 445 -29.61 37.67 14.58
CA ALA B 445 -29.59 37.06 13.26
C ALA B 445 -29.91 35.56 13.27
N VAL B 446 -29.36 34.82 14.23
CA VAL B 446 -29.61 33.38 14.32
C VAL B 446 -30.95 33.11 15.00
N ARG B 447 -31.18 33.84 16.09
CA ARG B 447 -32.40 33.73 16.91
C ARG B 447 -33.64 34.06 16.11
N ALA B 448 -33.48 34.90 15.09
CA ALA B 448 -34.59 35.28 14.23
C ALA B 448 -35.26 34.04 13.62
N GLU B 449 -34.45 33.02 13.32
CA GLU B 449 -34.94 31.78 12.73
C GLU B 449 -35.66 30.89 13.73
N ASN B 450 -35.49 31.18 15.01
CA ASN B 450 -36.15 30.40 16.04
C ASN B 450 -35.99 31.10 17.37
N PRO B 451 -36.93 31.99 17.70
CA PRO B 451 -36.96 32.78 18.95
C PRO B 451 -37.06 31.96 20.23
N ASP B 452 -37.39 30.68 20.09
CA ASP B 452 -37.50 29.81 21.26
C ASP B 452 -36.13 29.71 21.93
N ILE B 453 -35.05 29.70 21.14
CA ILE B 453 -33.71 29.62 21.69
C ILE B 453 -33.41 30.99 22.27
N GLN B 454 -33.27 31.04 23.60
CA GLN B 454 -33.01 32.31 24.25
C GLN B 454 -31.54 32.62 24.54
N GLN B 455 -30.71 31.59 24.68
CA GLN B 455 -29.29 31.82 24.92
C GLN B 455 -28.47 30.81 24.14
N PHE B 456 -27.44 31.32 23.46
CA PHE B 456 -26.55 30.48 22.66
C PHE B 456 -25.23 30.29 23.40
N GLU B 457 -24.49 29.24 23.04
CA GLU B 457 -23.19 29.01 23.65
C GLU B 457 -22.21 29.88 22.85
N CYS B 458 -21.74 30.96 23.44
CA CYS B 458 -20.79 31.86 22.75
C CYS B 458 -19.59 32.33 23.58
N SER B 459 -19.02 31.41 24.36
CA SER B 459 -17.87 31.70 25.22
C SER B 459 -16.65 32.23 24.46
N VAL B 460 -16.44 31.77 23.22
CA VAL B 460 -15.31 32.22 22.44
C VAL B 460 -15.36 33.73 22.16
N PHE B 461 -16.52 34.34 22.40
CA PHE B 461 -16.71 35.77 22.17
C PHE B 461 -16.73 36.60 23.47
N ASN B 462 -17.40 36.07 24.49
CA ASN B 462 -17.58 36.75 25.78
C ASN B 462 -16.82 36.14 26.97
N GLY B 463 -16.25 34.96 26.79
CA GLY B 463 -15.52 34.32 27.87
C GLY B 463 -16.44 33.73 28.92
N VAL B 464 -17.73 33.64 28.62
CA VAL B 464 -18.70 33.07 29.55
C VAL B 464 -19.02 31.64 29.17
N TYR B 465 -18.53 30.70 29.97
CA TYR B 465 -18.74 29.29 29.71
C TYR B 465 -19.95 28.78 30.47
N VAL B 466 -20.97 28.32 29.74
CA VAL B 466 -22.20 27.83 30.32
C VAL B 466 -22.01 26.74 31.39
N THR B 467 -20.98 25.90 31.22
CA THR B 467 -20.73 24.84 32.18
C THR B 467 -19.99 25.29 33.44
N LYS B 468 -19.47 26.53 33.40
CA LYS B 468 -18.76 27.15 34.53
C LYS B 468 -17.46 26.52 35.02
N ASP B 469 -17.22 25.25 34.71
CA ASP B 469 -16.01 24.56 35.17
C ASP B 469 -14.72 24.72 34.36
N VAL B 470 -14.58 25.81 33.63
CA VAL B 470 -13.36 26.00 32.85
C VAL B 470 -12.44 26.96 33.60
N ASP B 471 -11.22 26.51 33.89
CA ASP B 471 -10.23 27.32 34.61
C ASP B 471 -8.86 27.15 33.96
N GLN B 472 -7.88 27.96 34.38
CA GLN B 472 -6.52 27.88 33.85
C GLN B 472 -5.82 26.56 34.20
N GLY B 473 -6.22 25.94 35.30
CA GLY B 473 -5.64 24.66 35.66
C GLY B 473 -6.03 23.71 34.53
N TYR B 474 -7.29 23.84 34.09
CA TYR B 474 -7.84 23.02 33.00
C TYR B 474 -7.30 23.41 31.61
N LEU B 475 -7.25 24.71 31.34
CA LEU B 475 -6.76 25.21 30.06
C LEU B 475 -5.30 24.78 29.84
N ASP B 476 -4.52 24.75 30.91
CA ASP B 476 -3.13 24.34 30.83
C ASP B 476 -3.01 22.84 30.63
N PHE B 477 -3.99 22.08 31.15
CA PHE B 477 -4.01 20.62 31.01
C PHE B 477 -4.24 20.26 29.54
N LEU B 478 -5.06 21.06 28.86
CA LEU B 478 -5.35 20.86 27.45
C LEU B 478 -4.06 21.07 26.67
N ASP B 479 -3.24 22.01 27.13
CA ASP B 479 -1.98 22.33 26.50
C ASP B 479 -0.95 21.19 26.69
N THR B 480 -1.05 20.45 27.79
CA THR B 480 -0.16 19.32 28.03
C THR B 480 -0.50 18.23 27.00
N LEU B 481 -1.81 18.03 26.76
CA LEU B 481 -2.29 17.04 25.78
C LEU B 481 -1.79 17.41 24.39
N ARG B 482 -1.92 18.69 24.05
CA ARG B 482 -1.50 19.24 22.75
C ARG B 482 0.00 19.04 22.52
N ASN B 483 0.79 19.24 23.57
CA ASN B 483 2.24 19.08 23.49
C ASN B 483 2.63 17.62 23.23
N ASP B 484 1.99 16.69 23.93
CA ASP B 484 2.23 15.25 23.75
C ASP B 484 1.79 14.82 22.37
N ASP B 485 0.78 15.52 21.85
CA ASP B 485 0.26 15.26 20.51
C ASP B 485 1.27 15.72 19.47
N ALA B 486 1.92 16.85 19.74
CA ALA B 486 2.93 17.43 18.84
C ALA B 486 4.23 16.61 18.80
N LYS B 487 4.61 16.03 19.95
CA LYS B 487 5.81 15.21 20.02
C LYS B 487 5.54 13.83 19.41
N ALA B 488 4.29 13.41 19.46
CA ALA B 488 3.88 12.12 18.89
C ALA B 488 3.89 12.25 17.37
N VAL B 489 3.31 13.34 16.86
CA VAL B 489 3.26 13.60 15.42
C VAL B 489 4.67 13.89 14.88
N GLN B 490 5.47 14.60 15.68
CA GLN B 490 6.86 14.94 15.33
C GLN B 490 7.70 13.66 15.26
N ARG B 491 7.43 12.74 16.19
CA ARG B 491 8.12 11.46 16.27
C ARG B 491 7.91 10.73 14.94
N GLN B 492 6.66 10.68 14.51
CA GLN B 492 6.26 10.04 13.26
C GLN B 492 6.98 10.66 12.05
N CYS C 1 21.63 -12.69 -11.52
CA CYS C 1 20.37 -12.45 -12.25
C CYS C 1 19.93 -13.68 -13.01
N GLY C 2 18.62 -13.87 -13.15
CA GLY C 2 18.12 -15.03 -13.88
C GLY C 2 17.11 -14.57 -14.90
N ILE C 3 16.98 -15.30 -16.00
CA ILE C 3 16.03 -14.94 -17.05
C ILE C 3 15.18 -16.12 -17.49
N VAL C 4 14.00 -15.83 -18.04
CA VAL C 4 13.10 -16.88 -18.52
C VAL C 4 12.27 -16.33 -19.68
N GLY C 5 12.00 -17.15 -20.66
CA GLY C 5 11.21 -16.72 -21.80
C GLY C 5 10.40 -17.90 -22.28
N ILE C 6 9.09 -17.69 -22.43
CA ILE C 6 8.21 -18.76 -22.90
C ILE C 6 7.50 -18.33 -24.15
N ALA C 7 7.51 -19.19 -25.16
CA ALA C 7 6.80 -18.94 -26.41
C ALA C 7 5.70 -19.98 -26.37
N GLY C 8 4.52 -19.58 -25.90
CA GLY C 8 3.43 -20.53 -25.79
C GLY C 8 2.23 -20.38 -26.71
N VAL C 9 1.33 -21.35 -26.60
CA VAL C 9 0.09 -21.37 -27.39
C VAL C 9 -1.10 -21.08 -26.49
N MET C 10 -0.81 -20.60 -25.28
CA MET C 10 -1.81 -20.24 -24.29
C MET C 10 -1.12 -19.26 -23.33
N PRO C 11 -1.91 -18.51 -22.51
CA PRO C 11 -1.37 -17.54 -21.55
C PRO C 11 -0.13 -18.00 -20.84
N VAL C 12 0.81 -17.10 -20.66
CA VAL C 12 2.08 -17.41 -20.01
C VAL C 12 2.41 -16.65 -18.75
N ASN C 13 1.64 -15.63 -18.42
CA ASN C 13 1.93 -14.86 -17.22
C ASN C 13 2.15 -15.66 -15.92
N GLN C 14 1.26 -16.62 -15.60
CA GLN C 14 1.43 -17.40 -14.37
C GLN C 14 2.66 -18.31 -14.45
N SER C 15 2.86 -18.95 -15.60
CA SER C 15 4.01 -19.84 -15.81
C SER C 15 5.34 -19.11 -15.60
N ILE C 16 5.46 -17.94 -16.20
CA ILE C 16 6.65 -17.12 -16.09
C ILE C 16 6.82 -16.74 -14.62
N TYR C 17 5.71 -16.45 -13.97
CA TYR C 17 5.71 -16.10 -12.55
C TYR C 17 6.27 -17.31 -11.79
N ASP C 18 5.77 -18.49 -12.15
CA ASP C 18 6.20 -19.71 -11.51
C ASP C 18 7.69 -19.92 -11.72
N ALA C 19 8.12 -19.80 -12.97
CA ALA C 19 9.53 -19.99 -13.32
C ALA C 19 10.45 -19.07 -12.49
N LEU C 20 10.11 -17.79 -12.43
CA LEU C 20 10.92 -16.84 -11.69
C LEU C 20 11.04 -17.20 -10.22
N THR C 21 10.01 -17.85 -9.66
CA THR C 21 10.09 -18.20 -8.25
C THR C 21 11.15 -19.28 -8.01
N VAL C 22 11.36 -20.18 -8.95
CA VAL C 22 12.38 -21.20 -8.76
C VAL C 22 13.75 -20.67 -9.18
N LEU C 23 13.78 -19.49 -9.77
CA LEU C 23 15.04 -18.86 -10.15
C LEU C 23 15.26 -17.67 -9.21
N GLN C 24 14.40 -17.52 -8.21
CA GLN C 24 14.46 -16.41 -7.25
C GLN C 24 15.81 -16.28 -6.57
N HIS C 25 16.50 -17.39 -6.41
CA HIS C 25 17.82 -17.40 -5.78
C HIS C 25 18.87 -16.65 -6.60
N ARG C 26 18.58 -16.43 -7.89
CA ARG C 26 19.48 -15.76 -8.82
C ARG C 26 19.38 -14.25 -8.77
N GLY C 27 18.45 -13.75 -7.96
CA GLY C 27 18.24 -12.32 -7.80
C GLY C 27 16.98 -12.06 -6.99
N GLN C 28 17.07 -11.21 -5.98
CA GLN C 28 15.94 -10.88 -5.10
C GLN C 28 15.76 -9.39 -4.89
N ASP C 29 16.43 -8.59 -5.70
CA ASP C 29 16.32 -7.14 -5.59
C ASP C 29 15.15 -6.60 -6.41
N ALA C 30 14.92 -7.18 -7.58
CA ALA C 30 13.84 -6.73 -8.43
C ALA C 30 13.42 -7.85 -9.34
N ALA C 31 12.19 -7.77 -9.82
CA ALA C 31 11.64 -8.76 -10.73
C ALA C 31 10.89 -8.01 -11.84
N GLY C 32 10.78 -8.63 -13.00
CA GLY C 32 10.08 -8.01 -14.11
C GLY C 32 9.59 -9.00 -15.14
N ILE C 33 8.38 -8.78 -15.64
CA ILE C 33 7.80 -9.64 -16.67
C ILE C 33 7.24 -8.74 -17.75
N ILE C 34 7.25 -9.24 -18.97
CA ILE C 34 6.72 -8.50 -20.11
C ILE C 34 6.18 -9.51 -21.11
N THR C 35 4.97 -9.26 -21.58
CA THR C 35 4.32 -10.15 -22.53
C THR C 35 3.90 -9.35 -23.75
N ILE C 36 3.57 -10.05 -24.82
CA ILE C 36 3.07 -9.40 -26.03
C ILE C 36 1.62 -9.88 -26.03
N ASP C 37 0.68 -8.94 -26.00
CA ASP C 37 -0.73 -9.32 -25.99
C ASP C 37 -1.29 -9.59 -27.37
N ALA C 38 -2.59 -9.89 -27.40
CA ALA C 38 -3.32 -10.20 -28.62
C ALA C 38 -3.31 -9.06 -29.64
N ASN C 39 -3.02 -7.86 -29.18
CA ASN C 39 -2.98 -6.70 -30.06
C ASN C 39 -1.56 -6.41 -30.50
N ASN C 40 -0.62 -7.29 -30.15
CA ASN C 40 0.78 -7.08 -30.48
C ASN C 40 1.32 -5.84 -29.77
N CYS C 41 1.12 -5.78 -28.46
CA CYS C 41 1.59 -4.69 -27.64
C CYS C 41 2.27 -5.28 -26.42
N PHE C 42 3.22 -4.53 -25.84
CA PHE C 42 3.94 -4.98 -24.66
C PHE C 42 3.18 -4.70 -23.39
N ARG C 43 3.10 -5.71 -22.52
CA ARG C 43 2.45 -5.62 -21.21
C ARG C 43 3.63 -5.76 -20.25
N LEU C 44 3.89 -4.75 -19.44
CA LEU C 44 5.00 -4.80 -18.51
C LEU C 44 4.64 -4.53 -17.07
N ARG C 45 5.35 -5.21 -16.18
CA ARG C 45 5.22 -5.04 -14.74
C ARG C 45 6.60 -5.39 -14.17
N LYS C 46 7.26 -4.41 -13.60
CA LYS C 46 8.57 -4.63 -13.04
C LYS C 46 8.76 -3.67 -11.88
N ALA C 47 9.32 -4.16 -10.77
CA ALA C 47 9.54 -3.33 -9.60
C ALA C 47 10.51 -4.01 -8.66
N ASN C 48 10.97 -3.28 -7.65
CA ASN C 48 11.89 -3.84 -6.68
C ASN C 48 11.17 -4.78 -5.74
N GLY C 49 11.87 -5.85 -5.34
CA GLY C 49 11.30 -6.81 -4.41
C GLY C 49 11.28 -8.20 -4.97
N LEU C 50 10.85 -9.13 -4.15
CA LEU C 50 10.76 -10.53 -4.58
C LEU C 50 9.62 -10.63 -5.58
N VAL C 51 9.62 -11.71 -6.34
CA VAL C 51 8.59 -11.99 -7.34
C VAL C 51 7.19 -11.98 -6.69
N SER C 52 7.06 -12.64 -5.55
CA SER C 52 5.78 -12.68 -4.83
C SER C 52 5.33 -11.31 -4.30
N ASP C 53 6.20 -10.31 -4.38
CA ASP C 53 5.87 -8.96 -3.90
C ASP C 53 5.59 -8.01 -5.06
N VAL C 54 6.30 -8.22 -6.16
CA VAL C 54 6.16 -7.38 -7.34
C VAL C 54 4.86 -7.64 -8.09
N PHE C 55 4.46 -8.91 -8.16
CA PHE C 55 3.26 -9.30 -8.88
C PHE C 55 2.00 -9.59 -8.09
N GLU C 56 1.07 -8.65 -8.14
CA GLU C 56 -0.24 -8.77 -7.48
C GLU C 56 -1.27 -9.09 -8.58
N ALA C 57 -2.42 -9.61 -8.20
CA ALA C 57 -3.49 -9.98 -9.13
C ALA C 57 -3.75 -9.00 -10.28
N ARG C 58 -3.97 -7.72 -9.95
CA ARG C 58 -4.25 -6.71 -10.96
C ARG C 58 -3.14 -6.55 -12.03
N HIS C 59 -1.92 -6.93 -11.67
CA HIS C 59 -0.80 -6.85 -12.60
C HIS C 59 -0.89 -8.06 -13.51
N MET C 60 -1.09 -9.23 -12.92
CA MET C 60 -1.19 -10.46 -13.68
C MET C 60 -2.24 -10.33 -14.76
N GLN C 61 -3.40 -9.81 -14.37
CA GLN C 61 -4.52 -9.60 -15.28
C GLN C 61 -4.09 -8.77 -16.50
N ARG C 62 -3.24 -7.76 -16.27
CA ARG C 62 -2.74 -6.93 -17.36
C ARG C 62 -1.75 -7.70 -18.25
N LEU C 63 -0.96 -8.61 -17.68
CA LEU C 63 0.03 -9.35 -18.46
C LEU C 63 -0.56 -10.41 -19.35
N GLN C 64 -1.23 -9.97 -20.40
CA GLN C 64 -1.88 -10.90 -21.30
C GLN C 64 -1.01 -11.23 -22.50
N GLY C 65 -1.11 -12.46 -22.96
CA GLY C 65 -0.33 -12.90 -24.10
C GLY C 65 0.06 -14.35 -23.99
N ASN C 66 0.56 -14.90 -25.08
CA ASN C 66 1.00 -16.29 -25.15
C ASN C 66 2.52 -16.34 -25.31
N MET C 67 3.18 -15.20 -25.11
CA MET C 67 4.63 -15.11 -25.24
C MET C 67 5.15 -14.01 -24.32
N GLY C 68 6.18 -14.31 -23.55
CA GLY C 68 6.73 -13.32 -22.64
C GLY C 68 8.07 -13.74 -22.07
N ILE C 69 8.73 -12.79 -21.40
CA ILE C 69 10.01 -13.04 -20.78
C ILE C 69 10.01 -12.43 -19.38
N GLY C 70 10.78 -13.02 -18.48
CA GLY C 70 10.85 -12.51 -17.12
C GLY C 70 12.28 -12.28 -16.67
N HIS C 71 12.44 -11.62 -15.54
CA HIS C 71 13.78 -11.36 -15.05
C HIS C 71 13.78 -11.03 -13.58
N VAL C 72 14.69 -11.68 -12.84
CA VAL C 72 14.87 -11.41 -11.42
C VAL C 72 16.29 -10.86 -11.36
N ARG C 73 16.44 -9.71 -10.70
CA ARG C 73 17.71 -9.01 -10.61
C ARG C 73 18.47 -9.16 -9.30
N TYR C 74 19.78 -9.15 -9.42
CA TYR C 74 20.71 -9.20 -8.31
C TYR C 74 21.43 -7.90 -8.61
N PRO C 75 21.48 -6.98 -7.63
CA PRO C 75 22.14 -5.69 -7.86
C PRO C 75 23.60 -5.82 -8.26
N THR C 76 24.01 -5.04 -9.26
CA THR C 76 25.40 -5.04 -9.72
C THR C 76 25.83 -3.60 -10.01
N ALA C 77 27.00 -3.42 -10.60
CA ALA C 77 27.51 -2.07 -10.92
C ALA C 77 26.70 -1.53 -12.10
N GLY C 78 26.18 -0.31 -11.97
CA GLY C 78 25.36 0.26 -13.02
C GLY C 78 23.90 -0.08 -12.77
N SER C 79 23.64 -1.29 -12.28
CA SER C 79 22.30 -1.75 -11.95
C SER C 79 22.14 -1.88 -10.43
N SER C 80 22.20 -0.76 -9.73
CA SER C 80 22.04 -0.76 -8.28
C SER C 80 20.58 -0.99 -7.95
N SER C 81 20.29 -1.20 -6.67
CA SER C 81 18.92 -1.41 -6.24
C SER C 81 18.01 -0.30 -6.72
N ALA C 82 18.46 0.95 -6.59
CA ALA C 82 17.67 2.13 -7.00
C ALA C 82 17.45 2.30 -8.50
N SER C 83 18.20 1.53 -9.28
CA SER C 83 18.14 1.59 -10.74
C SER C 83 16.91 0.89 -11.31
N GLU C 84 16.45 1.41 -12.46
CA GLU C 84 15.31 0.84 -13.15
C GLU C 84 15.69 -0.59 -13.48
N ALA C 85 14.78 -1.52 -13.17
CA ALA C 85 15.01 -2.93 -13.41
C ALA C 85 14.72 -3.38 -14.84
N GLN C 86 14.88 -4.68 -15.08
CA GLN C 86 14.63 -5.29 -16.37
C GLN C 86 13.28 -6.00 -16.37
N PRO C 87 12.72 -6.25 -17.55
CA PRO C 87 13.25 -5.96 -18.90
C PRO C 87 13.09 -4.50 -19.32
N PHE C 88 13.83 -4.13 -20.34
CA PHE C 88 13.75 -2.79 -20.92
C PHE C 88 13.11 -2.99 -22.28
N TYR C 89 12.61 -1.92 -22.87
CA TYR C 89 12.05 -2.04 -24.20
C TYR C 89 12.13 -0.77 -25.01
N VAL C 90 12.40 -0.91 -26.31
CA VAL C 90 12.48 0.25 -27.20
C VAL C 90 11.35 0.11 -28.19
N ASN C 91 10.69 1.23 -28.49
CA ASN C 91 9.56 1.20 -29.41
C ASN C 91 9.98 1.02 -30.86
N SER C 92 11.28 1.11 -31.13
CA SER C 92 11.74 0.99 -32.50
C SER C 92 13.13 0.42 -32.64
N PRO C 93 13.37 -0.35 -33.71
CA PRO C 93 12.39 -0.67 -34.74
C PRO C 93 11.48 -1.85 -34.35
N TYR C 94 10.23 -1.81 -34.82
CA TYR C 94 9.25 -2.87 -34.57
C TYR C 94 8.74 -3.00 -33.14
N GLY C 95 9.63 -2.85 -32.16
CA GLY C 95 9.26 -2.98 -30.76
C GLY C 95 10.02 -4.18 -30.24
N ILE C 96 11.07 -3.91 -29.46
CA ILE C 96 11.92 -4.98 -28.94
C ILE C 96 12.09 -4.90 -27.42
N THR C 97 12.02 -6.06 -26.78
CA THR C 97 12.24 -6.15 -25.34
C THR C 97 13.34 -7.18 -25.12
N LEU C 98 14.18 -6.93 -24.13
CA LEU C 98 15.30 -7.81 -23.85
C LEU C 98 15.56 -7.92 -22.35
N ALA C 99 15.94 -9.11 -21.91
CA ALA C 99 16.27 -9.39 -20.51
C ALA C 99 17.54 -10.24 -20.57
N HIS C 100 18.54 -9.86 -19.79
CA HIS C 100 19.80 -10.58 -19.79
C HIS C 100 20.50 -10.82 -18.46
N ASN C 101 21.31 -11.88 -18.43
CA ASN C 101 22.10 -12.25 -17.27
C ASN C 101 23.55 -12.22 -17.74
N GLY C 102 24.32 -11.28 -17.23
CA GLY C 102 25.72 -11.20 -17.62
C GLY C 102 26.24 -9.78 -17.49
N ASN C 103 27.29 -9.45 -18.22
CA ASN C 103 27.84 -8.12 -18.15
C ASN C 103 28.70 -7.84 -19.39
N LEU C 104 28.66 -6.60 -19.86
CA LEU C 104 29.44 -6.19 -21.01
C LEU C 104 30.65 -5.38 -20.57
N THR C 105 31.83 -5.90 -20.89
CA THR C 105 33.06 -5.22 -20.52
C THR C 105 33.24 -3.95 -21.33
N ASN C 106 32.78 -3.95 -22.57
CA ASN C 106 32.91 -2.75 -23.37
C ASN C 106 31.66 -1.87 -23.36
N ALA C 107 30.93 -1.89 -22.25
CA ALA C 107 29.71 -1.10 -22.11
C ALA C 107 29.92 0.39 -22.30
N HIS C 108 30.93 0.94 -21.62
CA HIS C 108 31.19 2.37 -21.74
C HIS C 108 31.43 2.86 -23.17
N GLU C 109 32.26 2.14 -23.91
CA GLU C 109 32.58 2.51 -25.29
C GLU C 109 31.30 2.45 -26.12
N LEU C 110 30.58 1.34 -25.98
CA LEU C 110 29.34 1.09 -26.70
C LEU C 110 28.31 2.22 -26.55
N ARG C 111 28.15 2.71 -25.32
CA ARG C 111 27.20 3.78 -25.01
C ARG C 111 27.56 5.03 -25.78
N LYS C 112 28.85 5.23 -26.00
CA LYS C 112 29.33 6.39 -26.73
C LYS C 112 28.99 6.23 -28.21
N LYS C 113 29.23 5.04 -28.71
CA LYS C 113 28.97 4.71 -30.10
C LYS C 113 27.51 4.92 -30.42
N LEU C 114 26.65 4.36 -29.57
CA LEU C 114 25.21 4.47 -29.74
C LEU C 114 24.82 5.93 -29.87
N PHE C 115 25.32 6.76 -28.97
CA PHE C 115 24.98 8.17 -29.03
C PHE C 115 25.49 8.88 -30.28
N GLU C 116 26.75 8.65 -30.62
CA GLU C 116 27.34 9.31 -31.77
C GLU C 116 26.87 8.86 -33.14
N GLU C 117 26.72 7.56 -33.32
CA GLU C 117 26.30 7.03 -34.60
C GLU C 117 24.81 6.89 -34.81
N LYS C 118 24.07 6.61 -33.75
CA LYS C 118 22.63 6.40 -33.88
C LYS C 118 21.75 7.36 -33.08
N ARG C 119 22.37 8.27 -32.34
CA ARG C 119 21.63 9.22 -31.52
C ARG C 119 20.66 8.48 -30.59
N ARG C 120 21.10 7.32 -30.11
CA ARG C 120 20.27 6.53 -29.22
C ARG C 120 20.65 6.82 -27.78
N HIS C 121 19.73 7.47 -27.08
CA HIS C 121 19.93 7.81 -25.69
C HIS C 121 19.71 6.60 -24.82
N ILE C 122 20.59 6.45 -23.84
CA ILE C 122 20.50 5.36 -22.87
C ILE C 122 20.15 6.08 -21.58
N ASN C 123 19.01 5.73 -20.99
CA ASN C 123 18.55 6.39 -19.78
C ASN C 123 19.14 5.87 -18.47
N THR C 124 19.48 4.60 -18.43
CA THR C 124 20.03 4.01 -17.21
C THR C 124 21.51 3.68 -17.39
N THR C 125 22.12 3.04 -16.39
CA THR C 125 23.51 2.64 -16.46
C THR C 125 23.59 1.14 -16.66
N SER C 126 22.41 0.52 -16.71
CA SER C 126 22.30 -0.91 -16.90
C SER C 126 22.79 -1.30 -18.29
N ASP C 127 23.82 -2.13 -18.35
CA ASP C 127 24.37 -2.57 -19.62
C ASP C 127 23.35 -3.32 -20.50
N SER C 128 22.26 -3.79 -19.90
CA SER C 128 21.20 -4.47 -20.64
C SER C 128 20.58 -3.52 -21.63
N GLU C 129 20.34 -2.29 -21.16
CA GLU C 129 19.74 -1.28 -22.01
C GLU C 129 20.66 -1.02 -23.20
N ILE C 130 21.96 -1.10 -22.98
CA ILE C 130 22.91 -0.90 -24.07
C ILE C 130 22.82 -2.10 -25.00
N LEU C 131 22.80 -3.30 -24.43
CA LEU C 131 22.72 -4.53 -25.21
C LEU C 131 21.50 -4.45 -26.12
N LEU C 132 20.38 -4.00 -25.56
CA LEU C 132 19.13 -3.88 -26.29
C LEU C 132 19.25 -2.89 -27.44
N ASN C 133 19.77 -1.71 -27.18
CA ASN C 133 19.94 -0.69 -28.21
C ASN C 133 20.89 -1.11 -29.32
N ILE C 134 21.91 -1.89 -28.98
CA ILE C 134 22.85 -2.35 -29.98
C ILE C 134 22.06 -3.24 -30.91
N PHE C 135 21.39 -4.23 -30.33
CA PHE C 135 20.56 -5.17 -31.09
C PHE C 135 19.55 -4.43 -31.95
N ALA C 136 18.84 -3.50 -31.34
CA ALA C 136 17.83 -2.70 -32.03
C ALA C 136 18.46 -2.02 -33.23
N SER C 137 19.57 -1.35 -32.96
CA SER C 137 20.32 -0.65 -33.96
C SER C 137 20.67 -1.58 -35.14
N GLU C 138 20.97 -2.84 -34.85
CA GLU C 138 21.32 -3.79 -35.89
C GLU C 138 20.11 -4.22 -36.71
N LEU C 139 18.96 -4.33 -36.07
CA LEU C 139 17.73 -4.72 -36.74
C LEU C 139 17.19 -3.58 -37.56
N ASP C 140 17.66 -2.39 -37.27
CA ASP C 140 17.24 -1.20 -37.98
C ASP C 140 17.83 -1.17 -39.39
N ASN C 141 18.70 -2.11 -39.71
CA ASN C 141 19.31 -2.18 -41.03
C ASN C 141 18.43 -2.85 -42.08
N PHE C 142 17.28 -3.32 -41.67
CA PHE C 142 16.41 -4.00 -42.60
C PHE C 142 15.20 -3.20 -43.07
N ARG C 143 14.98 -3.24 -44.37
CA ARG C 143 13.89 -2.52 -45.00
C ARG C 143 12.60 -3.34 -45.04
N HIS C 144 12.66 -4.46 -45.76
CA HIS C 144 11.51 -5.34 -45.93
C HIS C 144 10.89 -5.78 -44.60
N TYR C 145 9.57 -5.95 -44.63
CA TYR C 145 8.83 -6.40 -43.46
C TYR C 145 7.97 -7.54 -43.97
N PRO C 146 7.88 -8.64 -43.22
CA PRO C 146 8.56 -8.85 -41.94
C PRO C 146 10.03 -9.24 -42.10
N LEU C 147 10.66 -9.58 -40.98
CA LEU C 147 12.05 -9.99 -40.95
C LEU C 147 12.08 -11.50 -41.10
N GLU C 148 13.02 -11.97 -41.89
CA GLU C 148 13.21 -13.40 -42.11
C GLU C 148 14.10 -13.85 -40.94
N ALA C 149 14.07 -15.13 -40.60
CA ALA C 149 14.93 -15.63 -39.53
C ALA C 149 16.38 -15.24 -39.78
N ASP C 150 16.75 -15.17 -41.05
CA ASP C 150 18.10 -14.80 -41.49
C ASP C 150 18.53 -13.40 -41.09
N ASN C 151 17.60 -12.45 -41.13
CA ASN C 151 17.93 -11.08 -40.78
C ASN C 151 18.19 -10.97 -39.28
N ILE C 152 17.39 -11.67 -38.49
CA ILE C 152 17.51 -11.66 -37.04
C ILE C 152 18.84 -12.25 -36.61
N PHE C 153 19.20 -13.38 -37.22
CA PHE C 153 20.48 -14.01 -36.92
C PHE C 153 21.62 -13.11 -37.38
N ALA C 154 21.49 -12.52 -38.57
CA ALA C 154 22.52 -11.64 -39.11
C ALA C 154 22.72 -10.49 -38.16
N ALA C 155 21.62 -10.01 -37.60
CA ALA C 155 21.63 -8.90 -36.65
C ALA C 155 22.25 -9.35 -35.33
N ILE C 156 21.95 -10.57 -34.91
CA ILE C 156 22.53 -11.09 -33.69
C ILE C 156 24.04 -11.23 -33.83
N ALA C 157 24.49 -11.79 -34.93
CA ALA C 157 25.92 -11.95 -35.16
C ALA C 157 26.60 -10.57 -35.14
N ALA C 158 26.00 -9.61 -35.81
CA ALA C 158 26.55 -8.26 -35.87
C ALA C 158 26.71 -7.72 -34.46
N THR C 159 25.77 -8.10 -33.60
CA THR C 159 25.77 -7.68 -32.20
C THR C 159 26.92 -8.37 -31.49
N ASN C 160 27.08 -9.66 -31.75
CA ASN C 160 28.17 -10.43 -31.14
C ASN C 160 29.54 -9.86 -31.49
N ARG C 161 29.67 -9.25 -32.67
CA ARG C 161 30.93 -8.67 -33.11
C ARG C 161 31.22 -7.31 -32.52
N LEU C 162 30.26 -6.73 -31.83
CA LEU C 162 30.44 -5.42 -31.25
C LEU C 162 30.55 -5.44 -29.73
N ILE C 163 29.78 -6.31 -29.08
CA ILE C 163 29.80 -6.37 -27.63
C ILE C 163 30.76 -7.42 -27.11
N ARG C 164 31.25 -7.21 -25.91
CA ARG C 164 32.15 -8.16 -25.28
C ARG C 164 31.79 -8.30 -23.81
N GLY C 165 31.80 -9.52 -23.31
CA GLY C 165 31.49 -9.76 -21.91
C GLY C 165 30.87 -11.12 -21.83
N ALA C 166 30.01 -11.33 -20.84
CA ALA C 166 29.34 -12.61 -20.70
C ALA C 166 27.87 -12.28 -20.78
N TYR C 167 27.09 -13.17 -21.39
CA TYR C 167 25.67 -12.92 -21.48
C TYR C 167 24.79 -14.03 -22.01
N ALA C 168 23.68 -14.22 -21.32
CA ALA C 168 22.67 -15.17 -21.69
C ALA C 168 21.52 -14.18 -21.90
N CYS C 169 21.00 -14.10 -23.11
CA CYS C 169 19.93 -13.16 -23.42
C CYS C 169 18.67 -13.79 -23.95
N VAL C 170 17.55 -13.10 -23.67
CA VAL C 170 16.24 -13.49 -24.15
C VAL C 170 15.60 -12.17 -24.59
N ALA C 171 14.99 -12.18 -25.76
CA ALA C 171 14.37 -10.96 -26.28
C ALA C 171 13.15 -11.33 -27.11
N MET C 172 12.26 -10.36 -27.27
CA MET C 172 11.08 -10.55 -28.08
C MET C 172 10.97 -9.36 -29.01
N ILE C 173 10.61 -9.65 -30.25
CA ILE C 173 10.45 -8.62 -31.29
C ILE C 173 9.00 -8.73 -31.75
N ILE C 174 8.23 -7.67 -31.59
CA ILE C 174 6.83 -7.69 -31.97
C ILE C 174 6.62 -8.10 -33.42
N GLY C 175 5.61 -8.93 -33.62
CA GLY C 175 5.27 -9.42 -34.93
C GLY C 175 6.22 -10.46 -35.48
N HIS C 176 7.15 -10.93 -34.65
CA HIS C 176 8.11 -11.93 -35.11
C HIS C 176 8.22 -13.10 -34.16
N GLY C 177 8.78 -12.84 -32.99
CA GLY C 177 8.94 -13.89 -32.02
C GLY C 177 9.94 -13.63 -30.93
N MET C 178 10.38 -14.70 -30.32
CA MET C 178 11.33 -14.63 -29.24
C MET C 178 12.66 -15.14 -29.75
N VAL C 179 13.74 -14.51 -29.30
CA VAL C 179 15.08 -14.95 -29.67
C VAL C 179 15.87 -15.10 -28.37
N ALA C 180 16.78 -16.05 -28.33
CA ALA C 180 17.62 -16.26 -27.15
C ALA C 180 19.01 -16.57 -27.68
N PHE C 181 20.03 -16.09 -26.98
CA PHE C 181 21.40 -16.35 -27.40
C PHE C 181 22.34 -16.32 -26.22
N ARG C 182 23.49 -16.95 -26.39
CA ARG C 182 24.48 -17.08 -25.35
C ARG C 182 25.78 -16.51 -25.86
N ASP C 183 26.55 -15.88 -24.97
CA ASP C 183 27.83 -15.30 -25.34
C ASP C 183 28.75 -16.35 -25.99
N PRO C 184 29.64 -15.92 -26.89
CA PRO C 184 30.58 -16.81 -27.62
C PRO C 184 31.50 -17.67 -26.76
N ASN C 185 31.59 -17.35 -25.48
CA ASN C 185 32.40 -18.14 -24.56
C ASN C 185 31.55 -19.12 -23.74
N GLY C 186 30.22 -19.02 -23.83
CA GLY C 186 29.32 -19.87 -23.07
C GLY C 186 29.46 -19.68 -21.56
N ILE C 187 29.64 -18.44 -21.14
CA ILE C 187 29.83 -18.15 -19.72
C ILE C 187 28.58 -18.25 -18.87
N ARG C 188 27.62 -17.39 -19.14
CA ARG C 188 26.34 -17.37 -18.42
C ARG C 188 25.51 -18.56 -18.88
N PRO C 189 24.74 -19.17 -17.96
CA PRO C 189 23.90 -20.34 -18.28
C PRO C 189 22.59 -20.06 -19.03
N LEU C 190 22.23 -20.99 -19.91
CA LEU C 190 21.01 -20.87 -20.68
C LEU C 190 20.57 -22.22 -21.28
N VAL C 191 19.38 -22.70 -20.88
CA VAL C 191 18.85 -23.96 -21.39
C VAL C 191 17.58 -23.79 -22.18
N LEU C 192 17.32 -24.76 -23.05
CA LEU C 192 16.14 -24.78 -23.90
C LEU C 192 15.28 -26.00 -23.57
N GLY C 193 13.98 -25.78 -23.47
CA GLY C 193 13.04 -26.85 -23.19
C GLY C 193 11.85 -26.77 -24.12
N LYS C 194 11.02 -27.81 -24.11
CA LYS C 194 9.83 -27.86 -24.95
C LYS C 194 8.67 -28.54 -24.22
N ARG C 195 7.45 -28.19 -24.59
CA ARG C 195 6.26 -28.79 -24.02
C ARG C 195 5.29 -29.02 -25.17
N ASP C 196 5.01 -30.28 -25.43
CA ASP C 196 4.10 -30.64 -26.51
C ASP C 196 2.64 -30.61 -26.07
N ILE C 197 1.84 -29.84 -26.80
CA ILE C 197 0.42 -29.73 -26.51
C ILE C 197 -0.34 -30.77 -27.33
N ASP C 198 -0.08 -30.80 -28.64
CA ASP C 198 -0.71 -31.76 -29.52
C ASP C 198 0.09 -31.91 -30.81
N GLU C 199 -0.39 -32.80 -31.66
CA GLU C 199 0.23 -33.12 -32.94
C GLU C 199 0.86 -31.94 -33.66
N ASN C 200 0.16 -30.82 -33.65
CA ASN C 200 0.66 -29.66 -34.36
C ASN C 200 1.11 -28.46 -33.55
N ARG C 201 1.18 -28.57 -32.23
CA ARG C 201 1.58 -27.42 -31.41
C ARG C 201 2.54 -27.74 -30.28
N THR C 202 3.59 -26.93 -30.18
CA THR C 202 4.60 -27.11 -29.16
C THR C 202 5.01 -25.76 -28.61
N GLU C 203 5.23 -25.72 -27.31
CA GLU C 203 5.65 -24.50 -26.62
C GLU C 203 7.11 -24.71 -26.27
N TYR C 204 7.89 -23.63 -26.38
CA TYR C 204 9.32 -23.68 -26.06
C TYR C 204 9.64 -22.67 -24.98
N MET C 205 10.67 -22.94 -24.21
CA MET C 205 11.07 -22.01 -23.18
C MET C 205 12.54 -22.09 -22.94
N VAL C 206 13.08 -20.97 -22.50
CA VAL C 206 14.48 -20.87 -22.20
C VAL C 206 14.58 -20.33 -20.79
N ALA C 207 15.62 -20.74 -20.08
CA ALA C 207 15.84 -20.27 -18.72
C ALA C 207 17.34 -20.38 -18.39
N SER C 208 17.76 -19.65 -17.39
CA SER C 208 19.13 -19.70 -16.95
C SER C 208 19.43 -21.11 -16.44
N GLU C 209 18.48 -21.70 -15.71
CA GLU C 209 18.64 -23.03 -15.14
C GLU C 209 17.49 -23.99 -15.45
N SER C 210 17.82 -25.25 -15.61
CA SER C 210 16.84 -26.29 -15.92
C SER C 210 15.71 -26.47 -14.89
N VAL C 211 15.91 -25.97 -13.67
CA VAL C 211 14.90 -26.10 -12.63
C VAL C 211 13.60 -25.41 -13.05
N ALA C 212 13.73 -24.37 -13.88
CA ALA C 212 12.59 -23.62 -14.38
C ALA C 212 11.83 -24.48 -15.39
N LEU C 213 12.54 -25.30 -16.17
CA LEU C 213 11.90 -26.19 -17.14
C LEU C 213 11.18 -27.28 -16.34
N ASP C 214 11.92 -27.85 -15.41
CA ASP C 214 11.43 -28.91 -14.54
C ASP C 214 10.10 -28.59 -13.90
N THR C 215 10.01 -27.46 -13.22
CA THR C 215 8.80 -27.09 -12.51
C THR C 215 7.57 -26.91 -13.41
N LEU C 216 7.75 -26.38 -14.61
CA LEU C 216 6.62 -26.18 -15.51
C LEU C 216 6.39 -27.37 -16.40
N GLY C 217 6.99 -28.51 -16.06
CA GLY C 217 6.80 -29.72 -16.85
C GLY C 217 7.22 -29.66 -18.31
N PHE C 218 8.29 -28.92 -18.58
CA PHE C 218 8.83 -28.80 -19.93
C PHE C 218 9.92 -29.84 -20.02
N ASP C 219 10.03 -30.49 -21.16
CA ASP C 219 11.08 -31.47 -21.33
C ASP C 219 12.35 -30.76 -21.66
N PHE C 220 13.42 -31.09 -20.95
CA PHE C 220 14.71 -30.46 -21.21
C PHE C 220 15.17 -30.83 -22.60
N LEU C 221 15.51 -29.84 -23.42
CA LEU C 221 16.01 -30.16 -24.74
C LEU C 221 17.53 -30.20 -24.70
N ARG C 222 18.15 -29.07 -24.39
CA ARG C 222 19.61 -28.98 -24.33
C ARG C 222 20.04 -27.56 -23.94
N ASP C 223 21.34 -27.38 -23.69
CA ASP C 223 21.88 -26.07 -23.38
C ASP C 223 21.99 -25.33 -24.71
N VAL C 224 21.82 -24.02 -24.66
CA VAL C 224 21.97 -23.22 -25.84
C VAL C 224 23.51 -23.11 -25.98
N ALA C 225 24.04 -23.65 -27.06
CA ALA C 225 25.49 -23.62 -27.30
C ALA C 225 26.04 -22.20 -27.32
N PRO C 226 27.32 -22.03 -26.96
CA PRO C 226 27.95 -20.70 -26.94
C PRO C 226 27.91 -20.09 -28.33
N GLY C 227 27.65 -18.79 -28.38
CA GLY C 227 27.56 -18.10 -29.66
C GLY C 227 26.29 -18.40 -30.45
N GLU C 228 25.51 -19.38 -30.00
CA GLU C 228 24.27 -19.79 -30.65
C GLU C 228 23.07 -18.89 -30.36
N ALA C 229 22.17 -18.80 -31.34
CA ALA C 229 20.94 -18.01 -31.23
C ALA C 229 19.74 -18.92 -31.52
N ILE C 230 18.64 -18.67 -30.80
CA ILE C 230 17.42 -19.45 -30.94
C ILE C 230 16.34 -18.45 -31.30
N TYR C 231 15.55 -18.78 -32.32
CA TYR C 231 14.46 -17.93 -32.77
C TYR C 231 13.19 -18.76 -32.80
N ILE C 232 12.17 -18.28 -32.12
CA ILE C 232 10.91 -18.99 -32.08
C ILE C 232 9.86 -18.03 -32.59
N THR C 233 9.35 -18.34 -33.77
CA THR C 233 8.33 -17.51 -34.42
C THR C 233 7.02 -17.51 -33.65
N GLU C 234 6.15 -16.55 -33.97
CA GLU C 234 4.85 -16.50 -33.30
C GLU C 234 4.01 -17.70 -33.72
N GLU C 235 4.40 -18.36 -34.80
CA GLU C 235 3.66 -19.52 -35.28
C GLU C 235 4.17 -20.82 -34.67
N GLY C 236 5.21 -20.73 -33.84
CA GLY C 236 5.73 -21.94 -33.22
C GLY C 236 6.97 -22.58 -33.82
N GLN C 237 7.50 -22.00 -34.89
CA GLN C 237 8.71 -22.55 -35.52
C GLN C 237 9.99 -22.17 -34.78
N LEU C 238 10.79 -23.19 -34.48
CA LEU C 238 12.06 -22.99 -33.79
C LEU C 238 13.20 -22.97 -34.82
N PHE C 239 14.07 -21.98 -34.74
CA PHE C 239 15.23 -21.85 -35.61
C PHE C 239 16.43 -21.72 -34.71
N THR C 240 17.54 -22.30 -35.12
CA THR C 240 18.77 -22.22 -34.34
C THR C 240 19.88 -21.90 -35.32
N ARG C 241 20.78 -21.02 -34.93
CA ARG C 241 21.87 -20.65 -35.82
C ARG C 241 23.07 -20.27 -34.97
N GLN C 242 24.26 -20.59 -35.45
CA GLN C 242 25.50 -20.23 -34.76
C GLN C 242 25.82 -18.80 -35.18
N CYS C 243 25.84 -17.87 -34.22
CA CYS C 243 26.07 -16.48 -34.54
C CYS C 243 27.40 -15.90 -34.06
N ALA C 244 28.39 -16.75 -33.86
CA ALA C 244 29.67 -16.24 -33.40
C ALA C 244 30.83 -17.00 -34.03
N ASP C 245 31.96 -16.32 -34.20
CA ASP C 245 33.15 -16.91 -34.76
C ASP C 245 33.90 -17.60 -33.61
N ASN C 246 34.48 -18.75 -33.89
CA ASN C 246 35.23 -19.52 -32.89
C ASN C 246 34.58 -19.59 -31.51
N PRO C 247 33.35 -20.10 -31.44
CA PRO C 247 32.72 -20.18 -30.12
C PRO C 247 33.50 -21.22 -29.32
N VAL C 248 33.41 -21.13 -28.00
CA VAL C 248 34.08 -22.08 -27.15
C VAL C 248 33.27 -22.18 -25.87
N SER C 249 33.35 -23.32 -25.21
CA SER C 249 32.60 -23.52 -23.99
C SER C 249 33.48 -23.33 -22.74
N ASN C 250 33.26 -22.22 -22.02
CA ASN C 250 33.97 -21.89 -20.78
C ASN C 250 32.92 -21.54 -19.72
N PRO C 251 32.14 -22.52 -19.25
CA PRO C 251 31.11 -22.20 -18.25
C PRO C 251 31.64 -21.58 -16.96
N CYS C 252 30.88 -20.65 -16.41
CA CYS C 252 31.26 -19.98 -15.16
C CYS C 252 31.33 -21.01 -14.03
N LEU C 253 32.51 -21.09 -13.44
CA LEU C 253 32.79 -22.01 -12.37
C LEU C 253 32.03 -21.64 -11.09
N PHE C 254 31.77 -20.35 -10.91
CA PHE C 254 31.07 -19.92 -9.72
C PHE C 254 29.63 -20.40 -9.67
N GLU C 255 29.05 -20.67 -10.84
CA GLU C 255 27.69 -21.18 -10.90
C GLU C 255 27.61 -22.50 -10.14
N TYR C 256 28.52 -23.42 -10.48
CA TYR C 256 28.56 -24.73 -9.83
C TYR C 256 28.94 -24.64 -8.35
N VAL C 257 29.79 -23.69 -7.99
CA VAL C 257 30.24 -23.54 -6.62
C VAL C 257 29.16 -23.08 -5.64
N TYR C 258 28.46 -22.02 -6.02
CA TYR C 258 27.46 -21.48 -5.11
C TYR C 258 26.20 -20.88 -5.75
N PHE C 259 26.35 -20.22 -6.89
CA PHE C 259 25.24 -19.54 -7.53
C PHE C 259 24.04 -20.34 -8.02
N ALA C 260 24.26 -21.51 -8.62
CA ALA C 260 23.13 -22.28 -9.14
C ALA C 260 22.52 -23.24 -8.12
N ARG C 261 21.38 -23.85 -8.47
CA ARG C 261 20.70 -24.80 -7.59
C ARG C 261 21.26 -26.19 -7.88
N PRO C 262 21.34 -27.05 -6.85
CA PRO C 262 21.87 -28.41 -7.00
C PRO C 262 21.12 -29.25 -8.02
N ASP C 263 19.82 -29.00 -8.13
CA ASP C 263 19.00 -29.74 -9.08
C ASP C 263 19.02 -29.25 -10.53
N SER C 264 20.02 -28.44 -10.88
CA SER C 264 20.18 -27.95 -12.23
C SER C 264 21.28 -28.74 -12.94
N PHE C 265 21.24 -28.77 -14.27
CA PHE C 265 22.26 -29.46 -15.05
C PHE C 265 22.80 -28.41 -16.03
N ILE C 266 23.79 -27.66 -15.58
CA ILE C 266 24.41 -26.62 -16.39
C ILE C 266 25.52 -27.25 -17.22
N ASP C 267 25.35 -27.19 -18.54
CA ASP C 267 26.29 -27.76 -19.50
C ASP C 267 26.60 -29.24 -19.27
N LYS C 268 25.54 -30.03 -19.12
CA LYS C 268 25.62 -31.46 -18.88
C LYS C 268 26.16 -31.84 -17.52
N ILE C 269 26.44 -30.84 -16.69
CA ILE C 269 26.99 -31.11 -15.37
C ILE C 269 25.94 -30.86 -14.28
N SER C 270 25.64 -31.90 -13.50
CA SER C 270 24.70 -31.80 -12.40
C SER C 270 25.37 -30.98 -11.29
N VAL C 271 24.78 -29.86 -10.92
CA VAL C 271 25.37 -29.01 -9.89
C VAL C 271 25.56 -29.81 -8.62
N TYR C 272 24.57 -30.63 -8.30
CA TYR C 272 24.63 -31.45 -7.10
C TYR C 272 25.89 -32.31 -7.09
N SER C 273 26.02 -33.14 -8.11
CA SER C 273 27.16 -34.03 -8.25
C SER C 273 28.48 -33.29 -8.24
N ALA C 274 28.53 -32.12 -8.88
CA ALA C 274 29.75 -31.33 -8.92
C ALA C 274 30.08 -30.90 -7.49
N ARG C 275 29.05 -30.54 -6.72
CA ARG C 275 29.23 -30.10 -5.34
C ARG C 275 29.70 -31.24 -4.42
N VAL C 276 29.15 -32.43 -4.64
CA VAL C 276 29.56 -33.60 -3.86
C VAL C 276 31.02 -33.90 -4.19
N ASN C 277 31.38 -33.81 -5.46
CA ASN C 277 32.75 -34.07 -5.92
C ASN C 277 33.76 -33.14 -5.25
N MET C 278 33.38 -31.87 -5.14
CA MET C 278 34.22 -30.88 -4.50
C MET C 278 34.57 -31.35 -3.09
N GLY C 279 33.57 -31.91 -2.42
CA GLY C 279 33.75 -32.40 -1.07
C GLY C 279 34.73 -33.55 -1.03
N THR C 280 34.80 -34.32 -2.12
CA THR C 280 35.74 -35.42 -2.16
C THR C 280 37.15 -34.84 -2.26
N LYS C 281 37.36 -33.96 -3.23
CA LYS C 281 38.68 -33.35 -3.42
C LYS C 281 39.16 -32.62 -2.16
N LEU C 282 38.31 -31.80 -1.57
CA LEU C 282 38.68 -31.05 -0.36
C LEU C 282 38.86 -31.99 0.84
N GLY C 283 38.07 -33.06 0.90
CA GLY C 283 38.20 -34.00 1.99
C GLY C 283 39.54 -34.72 1.90
N GLU C 284 39.85 -35.21 0.70
CA GLU C 284 41.11 -35.90 0.44
C GLU C 284 42.26 -34.97 0.78
N LYS C 285 42.20 -33.76 0.24
CA LYS C 285 43.23 -32.76 0.51
C LYS C 285 43.45 -32.57 2.02
N ILE C 286 42.37 -32.38 2.76
CA ILE C 286 42.48 -32.20 4.20
C ILE C 286 43.08 -33.45 4.82
N ALA C 287 42.64 -34.63 4.36
CA ALA C 287 43.14 -35.90 4.88
C ALA C 287 44.65 -36.03 4.67
N ARG C 288 45.13 -35.37 3.63
CA ARG C 288 46.54 -35.41 3.29
C ARG C 288 47.34 -34.34 4.06
N GLU C 289 46.95 -33.09 3.89
CA GLU C 289 47.65 -31.98 4.54
C GLU C 289 47.42 -31.80 6.03
N TRP C 290 46.18 -32.00 6.47
CA TRP C 290 45.83 -31.83 7.87
C TRP C 290 45.86 -33.16 8.62
N GLU C 291 46.75 -34.03 8.18
CA GLU C 291 46.90 -35.37 8.74
C GLU C 291 47.02 -35.51 10.24
N ASP C 292 47.74 -34.60 10.89
CA ASP C 292 47.93 -34.71 12.33
C ASP C 292 47.04 -33.86 13.21
N LEU C 293 46.00 -33.27 12.63
CA LEU C 293 45.10 -32.42 13.38
C LEU C 293 43.98 -33.19 14.07
N ASP C 294 43.72 -32.86 15.32
CA ASP C 294 42.66 -33.53 16.04
C ASP C 294 41.36 -32.84 15.67
N ILE C 295 40.61 -33.50 14.80
CA ILE C 295 39.33 -32.98 14.34
C ILE C 295 38.27 -33.89 14.91
N ASP C 296 37.45 -33.35 15.81
CA ASP C 296 36.38 -34.11 16.45
C ASP C 296 35.10 -34.23 15.62
N VAL C 297 34.78 -33.18 14.86
CA VAL C 297 33.56 -33.20 14.08
C VAL C 297 33.58 -32.26 12.90
N VAL C 298 32.85 -32.65 11.86
CA VAL C 298 32.70 -31.87 10.62
C VAL C 298 31.33 -31.16 10.69
N ILE C 299 31.36 -29.84 10.74
CA ILE C 299 30.16 -29.00 10.83
C ILE C 299 30.02 -28.06 9.64
N PRO C 300 29.07 -28.33 8.74
CA PRO C 300 28.86 -27.48 7.57
C PRO C 300 28.15 -26.19 7.92
N ILE C 301 28.45 -25.14 7.16
CA ILE C 301 27.81 -23.86 7.32
C ILE C 301 26.73 -23.91 6.25
N PRO C 302 25.47 -23.86 6.66
CA PRO C 302 24.35 -23.91 5.71
C PRO C 302 24.48 -22.83 4.64
N GLU C 303 24.04 -23.15 3.42
CA GLU C 303 23.45 -24.46 3.13
C GLU C 303 24.22 -25.18 2.05
N THR C 304 24.75 -24.40 1.12
CA THR C 304 25.51 -24.93 0.00
C THR C 304 26.50 -26.01 0.47
N SER C 305 27.12 -25.76 1.61
CA SER C 305 28.14 -26.63 2.16
C SER C 305 27.68 -27.95 2.80
N CYS C 306 26.38 -28.15 2.97
CA CYS C 306 25.93 -29.36 3.63
C CYS C 306 26.31 -30.68 3.01
N ASP C 307 26.06 -30.86 1.73
CA ASP C 307 26.40 -32.14 1.12
C ASP C 307 27.88 -32.32 0.93
N ILE C 308 28.58 -31.19 0.77
CA ILE C 308 30.03 -31.16 0.60
C ILE C 308 30.67 -31.67 1.90
N ALA C 309 30.25 -31.06 3.01
CA ALA C 309 30.75 -31.41 4.34
C ALA C 309 30.54 -32.89 4.60
N LEU C 310 29.38 -33.38 4.19
CA LEU C 310 29.03 -34.77 4.36
C LEU C 310 30.10 -35.67 3.74
N GLU C 311 30.57 -35.30 2.55
CA GLU C 311 31.60 -36.07 1.84
C GLU C 311 32.92 -36.05 2.62
N ILE C 312 33.36 -34.85 2.99
CA ILE C 312 34.59 -34.66 3.74
C ILE C 312 34.60 -35.50 5.02
N ALA C 313 33.51 -35.45 5.79
CA ALA C 313 33.40 -36.23 7.02
C ALA C 313 33.55 -37.71 6.70
N ARG C 314 33.05 -38.13 5.55
CA ARG C 314 33.13 -39.53 5.15
C ARG C 314 34.60 -39.89 4.89
N ILE C 315 35.29 -39.03 4.15
CA ILE C 315 36.70 -39.22 3.82
C ILE C 315 37.53 -39.25 5.10
N LEU C 316 37.39 -38.23 5.93
CA LEU C 316 38.13 -38.17 7.19
C LEU C 316 37.68 -39.25 8.15
N GLY C 317 36.49 -39.80 7.95
CA GLY C 317 35.98 -40.82 8.84
C GLY C 317 35.64 -40.15 10.15
N LYS C 318 35.17 -38.91 10.07
CA LYS C 318 34.79 -38.16 11.27
C LYS C 318 33.30 -37.91 11.26
N PRO C 319 32.68 -37.80 12.45
CA PRO C 319 31.24 -37.57 12.51
C PRO C 319 30.80 -36.21 11.94
N TYR C 320 29.71 -36.24 11.16
CA TYR C 320 29.13 -35.05 10.57
C TYR C 320 28.01 -34.63 11.54
N ARG C 321 27.91 -33.34 11.84
CA ARG C 321 26.89 -32.88 12.76
C ARG C 321 26.42 -31.48 12.42
N GLN C 322 25.11 -31.29 12.48
CA GLN C 322 24.49 -29.99 12.22
C GLN C 322 24.69 -29.05 13.40
N GLY C 323 25.76 -28.25 13.38
CA GLY C 323 26.02 -27.31 14.46
C GLY C 323 25.45 -25.93 14.20
N PHE C 324 25.17 -25.65 12.93
CA PHE C 324 24.61 -24.35 12.55
C PHE C 324 23.30 -24.52 11.82
N VAL C 325 22.34 -23.68 12.18
CA VAL C 325 21.02 -23.73 11.55
C VAL C 325 20.78 -22.37 10.89
N LYS C 326 20.38 -22.39 9.62
CA LYS C 326 20.12 -21.14 8.90
C LYS C 326 18.69 -20.73 9.16
N ASN C 327 18.49 -19.48 9.54
CA ASN C 327 17.14 -18.98 9.80
C ASN C 327 16.48 -18.80 8.46
N ARG C 328 15.48 -19.64 8.17
CA ARG C 328 14.80 -19.57 6.90
C ARG C 328 14.04 -18.25 6.69
N TYR C 329 14.02 -17.40 7.70
CA TYR C 329 13.36 -16.09 7.62
C TYR C 329 14.27 -15.08 8.30
N VAL C 330 14.45 -13.91 7.68
CA VAL C 330 15.30 -12.84 8.23
C VAL C 330 14.68 -11.48 7.89
N GLY C 331 14.67 -10.55 8.83
CA GLY C 331 14.08 -9.25 8.59
C GLY C 331 15.05 -8.09 8.64
N ARG C 332 14.58 -6.89 8.32
CA ARG C 332 15.41 -5.69 8.31
C ARG C 332 15.61 -5.04 9.69
N THR C 333 16.76 -4.38 9.85
CA THR C 333 17.10 -3.67 11.10
C THR C 333 16.50 -2.29 10.98
N PHE C 334 15.77 -1.86 12.00
CA PHE C 334 15.11 -0.55 11.96
C PHE C 334 15.89 0.58 12.57
N ILE C 335 15.75 1.75 11.95
CA ILE C 335 16.42 2.97 12.37
C ILE C 335 15.40 3.84 13.12
N MET C 336 15.41 3.78 14.44
CA MET C 336 14.48 4.55 15.26
C MET C 336 15.26 5.62 16.02
N PRO C 337 14.66 6.81 16.24
CA PRO C 337 15.34 7.91 16.96
C PRO C 337 15.90 7.44 18.32
N GLY C 338 17.15 7.81 18.59
CA GLY C 338 17.77 7.45 19.85
C GLY C 338 18.35 6.05 20.01
N GLN C 339 17.67 5.02 19.50
CA GLN C 339 18.15 3.64 19.62
C GLN C 339 19.56 3.41 19.09
N GLN C 340 20.31 2.54 19.76
CA GLN C 340 21.68 2.24 19.37
C GLN C 340 21.73 1.14 18.30
N LEU C 341 22.45 1.42 17.22
CA LEU C 341 22.57 0.47 16.12
C LEU C 341 23.54 -0.68 16.39
N ARG C 342 23.00 -1.81 16.83
CA ARG C 342 23.80 -3.01 17.09
C ARG C 342 23.82 -3.84 15.80
N ARG C 343 23.86 -3.13 14.68
CA ARG C 343 23.87 -3.72 13.34
C ARG C 343 25.24 -4.29 12.99
N LYS C 344 25.54 -5.44 13.59
CA LYS C 344 26.81 -6.15 13.38
C LYS C 344 26.47 -7.63 13.58
N SER C 345 25.43 -8.08 12.87
CA SER C 345 24.96 -9.45 13.01
C SER C 345 24.92 -10.42 11.85
N VAL C 346 25.56 -11.56 12.10
CA VAL C 346 25.56 -12.70 11.19
C VAL C 346 24.74 -13.70 12.00
N ARG C 347 24.47 -13.33 13.25
CA ARG C 347 23.67 -14.14 14.16
C ARG C 347 22.22 -13.95 13.71
N ARG C 348 22.00 -12.91 12.90
CA ARG C 348 20.67 -12.62 12.34
C ARG C 348 20.30 -13.75 11.40
N LYS C 349 21.29 -14.24 10.65
CA LYS C 349 21.10 -15.31 9.67
C LYS C 349 21.45 -16.72 10.12
N LEU C 350 22.08 -16.85 11.28
CA LEU C 350 22.49 -18.17 11.72
C LEU C 350 22.38 -18.36 13.23
N ASN C 351 22.13 -19.58 13.67
CA ASN C 351 22.10 -19.85 15.09
C ASN C 351 22.97 -21.07 15.30
N ALA C 352 23.72 -21.07 16.40
CA ALA C 352 24.61 -22.18 16.72
C ALA C 352 24.04 -23.09 17.76
N ASN C 353 24.14 -24.39 17.53
CA ASN C 353 23.65 -25.37 18.47
C ASN C 353 24.81 -25.66 19.45
N ARG C 354 24.79 -24.97 20.60
CA ARG C 354 25.80 -25.07 21.64
C ARG C 354 26.36 -26.46 21.91
N ALA C 355 25.46 -27.41 22.15
CA ALA C 355 25.85 -28.79 22.46
C ALA C 355 26.74 -29.46 21.42
N GLU C 356 26.80 -28.88 20.22
CA GLU C 356 27.59 -29.47 19.16
C GLU C 356 29.00 -28.90 19.03
N PHE C 357 29.34 -27.94 19.89
CA PHE C 357 30.66 -27.28 19.87
C PHE C 357 31.50 -27.51 21.12
N ARG C 358 30.82 -27.66 22.27
CA ARG C 358 31.46 -27.87 23.57
C ARG C 358 32.65 -28.81 23.61
N ASP C 359 33.77 -28.28 24.09
CA ASP C 359 35.00 -29.04 24.22
C ASP C 359 35.33 -29.90 23.01
N LYS C 360 35.17 -29.32 21.83
CA LYS C 360 35.47 -30.05 20.61
C LYS C 360 36.28 -29.23 19.63
N ASN C 361 37.10 -29.94 18.85
CA ASN C 361 37.89 -29.29 17.82
C ASN C 361 36.98 -29.48 16.62
N VAL C 362 36.41 -28.40 16.15
CA VAL C 362 35.48 -28.47 15.02
C VAL C 362 36.08 -28.04 13.69
N LEU C 363 35.70 -28.75 12.64
CA LEU C 363 36.17 -28.39 11.31
C LEU C 363 34.96 -27.80 10.59
N LEU C 364 34.91 -26.47 10.53
CA LEU C 364 33.81 -25.78 9.85
C LEU C 364 34.06 -25.81 8.35
N VAL C 365 33.02 -26.14 7.58
CA VAL C 365 33.12 -26.16 6.12
C VAL C 365 32.20 -25.12 5.54
N ASP C 366 32.75 -24.27 4.69
CA ASP C 366 31.98 -23.22 4.02
C ASP C 366 32.22 -23.35 2.53
N ASP C 367 31.31 -22.80 1.72
CA ASP C 367 31.44 -22.91 0.28
C ASP C 367 32.47 -21.95 -0.28
N SER C 368 32.58 -20.77 0.32
CA SER C 368 33.55 -19.78 -0.17
C SER C 368 33.79 -18.69 0.86
N ILE C 369 34.82 -17.88 0.60
CA ILE C 369 35.20 -16.78 1.45
C ILE C 369 35.46 -15.58 0.54
N VAL C 370 34.72 -14.51 0.80
CA VAL C 370 34.80 -13.28 0.03
C VAL C 370 35.43 -12.15 0.84
N ARG C 371 34.62 -11.53 1.70
CA ARG C 371 35.13 -10.45 2.56
C ARG C 371 35.71 -10.98 3.86
N GLY C 372 35.32 -12.19 4.23
CA GLY C 372 35.83 -12.77 5.46
C GLY C 372 35.11 -12.29 6.70
N THR C 373 34.30 -11.25 6.55
CA THR C 373 33.53 -10.70 7.67
C THR C 373 32.62 -11.77 8.28
N THR C 374 31.94 -12.50 7.40
CA THR C 374 31.05 -13.56 7.84
C THR C 374 31.81 -14.64 8.60
N SER C 375 32.81 -15.24 7.95
CA SER C 375 33.60 -16.31 8.57
C SER C 375 34.20 -15.93 9.91
N GLU C 376 34.61 -14.67 10.08
CA GLU C 376 35.17 -14.28 11.37
C GLU C 376 34.10 -14.48 12.43
N GLN C 377 32.91 -13.97 12.15
CA GLN C 377 31.79 -14.08 13.06
C GLN C 377 31.31 -15.51 13.24
N ILE C 378 31.44 -16.32 12.20
CA ILE C 378 31.04 -17.70 12.31
C ILE C 378 31.98 -18.37 13.31
N ILE C 379 33.28 -18.18 13.10
CA ILE C 379 34.30 -18.75 13.99
C ILE C 379 34.11 -18.26 15.43
N GLU C 380 33.82 -16.97 15.57
CA GLU C 380 33.58 -16.36 16.87
C GLU C 380 32.43 -17.07 17.59
N MET C 381 31.36 -17.33 16.85
CA MET C 381 30.19 -18.02 17.38
C MET C 381 30.58 -19.40 17.87
N ALA C 382 31.30 -20.15 17.03
CA ALA C 382 31.73 -21.49 17.37
C ALA C 382 32.58 -21.46 18.65
N ARG C 383 33.37 -20.40 18.82
CA ARG C 383 34.18 -20.27 20.01
C ARG C 383 33.27 -19.94 21.19
N GLU C 384 32.29 -19.06 20.96
CA GLU C 384 31.33 -18.67 22.00
C GLU C 384 30.57 -19.91 22.51
N ALA C 385 30.31 -20.84 21.59
CA ALA C 385 29.58 -22.08 21.89
C ALA C 385 30.41 -23.09 22.67
N GLY C 386 31.70 -22.80 22.83
CA GLY C 386 32.56 -23.69 23.59
C GLY C 386 33.43 -24.64 22.80
N ALA C 387 33.72 -24.29 21.55
CA ALA C 387 34.58 -25.12 20.71
C ALA C 387 36.02 -24.78 21.07
N LYS C 388 36.87 -25.80 21.19
CA LYS C 388 38.27 -25.58 21.51
C LYS C 388 39.04 -25.13 20.29
N LYS C 389 39.21 -26.02 19.32
CA LYS C 389 39.90 -25.68 18.09
C LYS C 389 38.88 -25.48 17.00
N VAL C 390 38.99 -24.36 16.29
CA VAL C 390 38.08 -24.06 15.20
C VAL C 390 38.86 -23.98 13.89
N TYR C 391 38.64 -24.96 13.03
CA TYR C 391 39.32 -24.99 11.74
C TYR C 391 38.29 -24.69 10.65
N LEU C 392 38.76 -24.14 9.53
CA LEU C 392 37.88 -23.79 8.43
C LEU C 392 38.38 -24.27 7.07
N ALA C 393 37.49 -24.91 6.34
CA ALA C 393 37.81 -25.39 5.02
C ALA C 393 36.86 -24.67 4.06
N SER C 394 37.40 -24.19 2.93
CA SER C 394 36.61 -23.49 1.93
C SER C 394 36.52 -24.34 0.68
N ALA C 395 35.28 -24.69 0.33
CA ALA C 395 34.99 -25.51 -0.84
C ALA C 395 35.53 -24.91 -2.15
N ALA C 396 35.64 -23.59 -2.18
CA ALA C 396 36.16 -22.91 -3.35
C ALA C 396 37.54 -22.37 -3.00
N PRO C 397 38.38 -22.14 -4.03
CA PRO C 397 39.72 -21.60 -3.78
C PRO C 397 39.62 -20.15 -3.30
N GLU C 398 40.75 -19.45 -3.24
CA GLU C 398 40.74 -18.08 -2.80
C GLU C 398 40.16 -17.15 -3.86
N ILE C 399 39.21 -16.32 -3.45
CA ILE C 399 38.60 -15.35 -4.34
C ILE C 399 39.44 -14.09 -4.20
N ARG C 400 40.34 -13.90 -5.17
CA ARG C 400 41.25 -12.76 -5.16
C ARG C 400 40.90 -11.69 -6.20
N PHE C 401 40.09 -12.09 -7.16
CA PHE C 401 39.74 -11.15 -8.22
C PHE C 401 38.27 -10.89 -8.33
N PRO C 402 37.91 -9.69 -8.79
CA PRO C 402 36.53 -9.26 -8.98
C PRO C 402 35.92 -9.90 -10.23
N ASN C 403 34.63 -10.23 -10.16
CA ASN C 403 33.94 -10.83 -11.29
C ASN C 403 33.30 -9.72 -12.13
N VAL C 404 33.50 -9.77 -13.44
CA VAL C 404 32.93 -8.79 -14.34
C VAL C 404 32.09 -9.47 -15.43
N TYR C 405 31.58 -10.67 -15.13
CA TYR C 405 30.76 -11.40 -16.08
C TYR C 405 29.33 -11.70 -15.64
N GLY C 406 28.77 -10.86 -14.77
CA GLY C 406 27.42 -11.09 -14.31
C GLY C 406 27.23 -11.46 -12.85
N ILE C 407 28.25 -12.02 -12.22
CA ILE C 407 28.18 -12.38 -10.80
C ILE C 407 28.65 -11.16 -10.01
N ASP C 408 27.82 -10.72 -9.08
CA ASP C 408 28.13 -9.56 -8.26
C ASP C 408 29.21 -9.94 -7.27
N MET C 409 30.19 -9.05 -7.09
CA MET C 409 31.31 -9.29 -6.19
C MET C 409 31.85 -7.95 -5.71
N PRO C 410 32.38 -7.91 -4.48
CA PRO C 410 32.92 -6.62 -4.02
C PRO C 410 34.24 -6.30 -4.73
N SER C 411 34.62 -5.02 -4.76
CA SER C 411 35.86 -4.62 -5.41
C SER C 411 37.02 -5.38 -4.81
N ALA C 412 38.07 -5.59 -5.59
CA ALA C 412 39.25 -6.32 -5.13
C ALA C 412 39.70 -5.88 -3.72
N THR C 413 39.49 -4.61 -3.42
CA THR C 413 39.83 -4.01 -2.13
C THR C 413 39.18 -4.78 -0.98
N GLU C 414 37.88 -5.03 -1.10
CA GLU C 414 37.12 -5.71 -0.06
C GLU C 414 37.26 -7.22 -0.08
N LEU C 415 38.08 -7.73 -0.99
CA LEU C 415 38.32 -9.17 -1.08
C LEU C 415 39.49 -9.49 -0.15
N ILE C 416 39.21 -10.14 0.97
CA ILE C 416 40.25 -10.48 1.93
C ILE C 416 41.44 -11.29 1.36
N ALA C 417 41.16 -12.24 0.47
CA ALA C 417 42.20 -13.07 -0.11
C ALA C 417 43.05 -12.30 -1.13
N HIS C 418 42.60 -11.13 -1.50
CA HIS C 418 43.32 -10.34 -2.48
C HIS C 418 44.55 -9.72 -1.82
N GLY C 419 45.73 -10.12 -2.30
CA GLY C 419 46.95 -9.59 -1.74
C GLY C 419 47.32 -10.18 -0.39
N ARG C 420 46.86 -11.40 -0.12
CA ARG C 420 47.16 -12.07 1.14
C ARG C 420 47.43 -13.57 0.98
N GLU C 421 48.13 -14.13 1.96
CA GLU C 421 48.45 -15.54 1.95
C GLU C 421 47.49 -16.23 2.92
N VAL C 422 47.26 -17.53 2.69
CA VAL C 422 46.37 -18.30 3.54
C VAL C 422 46.56 -18.03 5.03
N ASP C 423 47.80 -18.13 5.50
CA ASP C 423 48.10 -17.92 6.91
C ASP C 423 47.61 -16.54 7.37
N GLU C 424 47.91 -15.54 6.56
CA GLU C 424 47.53 -14.15 6.84
C GLU C 424 46.00 -14.02 6.96
N ILE C 425 45.29 -14.74 6.10
CA ILE C 425 43.84 -14.69 6.12
C ILE C 425 43.34 -15.38 7.37
N ARG C 426 43.97 -16.50 7.71
CA ARG C 426 43.60 -17.27 8.89
C ARG C 426 43.70 -16.42 10.13
N GLN C 427 44.72 -15.59 10.19
CA GLN C 427 44.94 -14.72 11.33
C GLN C 427 43.94 -13.59 11.43
N ILE C 428 43.51 -13.06 10.30
CA ILE C 428 42.55 -11.97 10.31
C ILE C 428 41.15 -12.44 10.74
N ILE C 429 40.80 -13.67 10.39
CA ILE C 429 39.50 -14.22 10.78
C ILE C 429 39.52 -14.95 12.12
N GLY C 430 40.72 -15.12 12.69
CA GLY C 430 40.88 -15.77 13.98
C GLY C 430 40.69 -17.28 14.04
N ALA C 431 40.93 -17.95 12.94
CA ALA C 431 40.78 -19.40 12.88
C ALA C 431 42.06 -20.06 13.36
N ASP C 432 41.95 -21.31 13.79
CA ASP C 432 43.11 -22.07 14.25
C ASP C 432 43.75 -22.74 13.06
N GLY C 433 42.98 -22.90 11.99
CA GLY C 433 43.51 -23.51 10.79
C GLY C 433 42.56 -23.16 9.66
N LEU C 434 43.11 -22.83 8.50
CA LEU C 434 42.30 -22.48 7.36
C LEU C 434 42.81 -23.24 6.14
N ILE C 435 41.92 -23.85 5.37
CA ILE C 435 42.35 -24.58 4.17
C ILE C 435 41.42 -24.30 2.98
N PHE C 436 42.00 -24.09 1.81
CA PHE C 436 41.23 -23.81 0.58
C PHE C 436 41.35 -24.93 -0.44
N GLN C 437 40.35 -25.01 -1.31
CA GLN C 437 40.32 -26.01 -2.37
C GLN C 437 41.31 -25.52 -3.40
N ASP C 438 42.03 -26.43 -4.02
CA ASP C 438 42.98 -26.07 -5.07
C ASP C 438 42.19 -25.88 -6.33
N LEU C 439 42.43 -24.76 -7.03
CA LEU C 439 41.71 -24.47 -8.26
C LEU C 439 41.72 -25.62 -9.24
N ASN C 440 42.88 -26.22 -9.48
CA ASN C 440 42.96 -27.33 -10.41
C ASN C 440 42.12 -28.49 -9.88
N ASP C 441 41.94 -28.57 -8.57
CA ASP C 441 41.11 -29.64 -8.00
C ASP C 441 39.65 -29.34 -8.26
N LEU C 442 39.26 -28.07 -8.02
CA LEU C 442 37.89 -27.63 -8.26
C LEU C 442 37.50 -27.98 -9.69
N ILE C 443 38.41 -27.74 -10.62
CA ILE C 443 38.19 -28.04 -12.03
C ILE C 443 37.99 -29.53 -12.23
N ASP C 444 38.78 -30.36 -11.57
CA ASP C 444 38.64 -31.81 -11.73
C ASP C 444 37.24 -32.24 -11.29
N ALA C 445 36.84 -31.77 -10.12
CA ALA C 445 35.54 -32.07 -9.55
C ALA C 445 34.38 -31.84 -10.55
N VAL C 446 34.33 -30.63 -11.12
CA VAL C 446 33.27 -30.26 -12.07
C VAL C 446 33.45 -30.93 -13.43
N ARG C 447 34.67 -30.86 -13.96
CA ARG C 447 35.02 -31.43 -15.26
C ARG C 447 34.76 -32.92 -15.30
N ALA C 448 34.80 -33.57 -14.14
CA ALA C 448 34.54 -34.99 -14.05
C ALA C 448 33.14 -35.39 -14.50
N GLU C 449 32.20 -34.46 -14.41
CA GLU C 449 30.82 -34.73 -14.79
C GLU C 449 30.59 -34.54 -16.29
N ASN C 450 31.54 -33.88 -16.94
CA ASN C 450 31.50 -33.63 -18.38
C ASN C 450 32.91 -33.26 -18.81
N PRO C 451 33.71 -34.27 -19.16
CA PRO C 451 35.09 -34.11 -19.59
C PRO C 451 35.30 -33.27 -20.85
N ASP C 452 34.23 -33.03 -21.61
CA ASP C 452 34.33 -32.27 -22.84
C ASP C 452 34.65 -30.80 -22.62
N ILE C 453 34.32 -30.29 -21.44
CA ILE C 453 34.60 -28.89 -21.14
C ILE C 453 36.08 -28.78 -20.87
N GLN C 454 36.78 -28.07 -21.74
CA GLN C 454 38.21 -27.92 -21.54
C GLN C 454 38.57 -26.86 -20.51
N GLN C 455 38.16 -25.62 -20.73
CA GLN C 455 38.45 -24.53 -19.78
C GLN C 455 37.17 -23.96 -19.17
N PHE C 456 37.28 -23.43 -17.96
CA PHE C 456 36.13 -22.83 -17.30
C PHE C 456 36.45 -21.35 -17.07
N GLU C 457 35.45 -20.60 -16.65
CA GLU C 457 35.60 -19.19 -16.37
C GLU C 457 36.04 -19.17 -14.90
N CYS C 458 37.28 -18.74 -14.66
CA CYS C 458 37.85 -18.73 -13.33
C CYS C 458 38.37 -17.39 -12.81
N SER C 459 38.26 -16.35 -13.62
CA SER C 459 38.73 -15.04 -13.23
C SER C 459 38.73 -14.69 -11.73
N VAL C 460 37.67 -15.06 -11.01
CA VAL C 460 37.62 -14.75 -9.58
C VAL C 460 38.74 -15.39 -8.76
N PHE C 461 39.26 -16.49 -9.29
CA PHE C 461 40.33 -17.24 -8.66
C PHE C 461 41.72 -16.95 -9.19
N ASN C 462 41.89 -17.03 -10.51
CA ASN C 462 43.19 -16.83 -11.17
C ASN C 462 43.49 -15.49 -11.83
N GLY C 463 42.48 -14.63 -11.97
CA GLY C 463 42.71 -13.33 -12.58
C GLY C 463 42.87 -13.36 -14.10
N VAL C 464 42.47 -14.46 -14.72
CA VAL C 464 42.54 -14.59 -16.17
C VAL C 464 41.11 -14.39 -16.72
N TYR C 465 40.93 -13.29 -17.44
CA TYR C 465 39.64 -12.95 -18.02
C TYR C 465 39.63 -13.33 -19.48
N VAL C 466 38.88 -14.36 -19.79
CA VAL C 466 38.77 -14.89 -21.13
C VAL C 466 38.44 -13.85 -22.22
N THR C 467 37.87 -12.71 -21.88
CA THR C 467 37.56 -11.71 -22.90
C THR C 467 38.74 -10.78 -23.23
N LYS C 468 39.86 -10.95 -22.52
CA LYS C 468 41.08 -10.16 -22.75
C LYS C 468 40.93 -8.64 -22.90
N ASP C 469 40.05 -8.04 -22.09
CA ASP C 469 39.81 -6.60 -22.14
C ASP C 469 39.65 -6.01 -20.74
N VAL C 470 39.99 -6.81 -19.75
CA VAL C 470 39.90 -6.34 -18.38
C VAL C 470 41.26 -5.92 -17.88
N ASP C 471 41.40 -4.64 -17.54
CA ASP C 471 42.65 -4.13 -17.01
C ASP C 471 42.33 -3.12 -15.91
N GLN C 472 43.36 -2.60 -15.27
CA GLN C 472 43.19 -1.65 -14.18
C GLN C 472 42.29 -0.46 -14.51
N GLY C 473 42.51 0.17 -15.66
CA GLY C 473 41.70 1.31 -16.05
C GLY C 473 40.23 0.95 -16.00
N TYR C 474 39.86 -0.13 -16.69
CA TYR C 474 38.49 -0.59 -16.71
C TYR C 474 37.99 -0.87 -15.28
N LEU C 475 38.79 -1.57 -14.49
CA LEU C 475 38.43 -1.90 -13.11
C LEU C 475 38.08 -0.64 -12.34
N ASP C 476 38.83 0.44 -12.58
CA ASP C 476 38.57 1.71 -11.91
C ASP C 476 37.20 2.27 -12.31
N PHE C 477 36.85 2.10 -13.59
CA PHE C 477 35.58 2.55 -14.11
C PHE C 477 34.44 1.87 -13.34
N LEU C 478 34.52 0.55 -13.20
CA LEU C 478 33.49 -0.19 -12.48
C LEU C 478 33.35 0.30 -11.04
N ASP C 479 34.45 0.78 -10.46
CA ASP C 479 34.43 1.30 -9.10
C ASP C 479 33.80 2.69 -9.05
N THR C 480 34.01 3.51 -10.08
CA THR C 480 33.40 4.84 -10.10
C THR C 480 31.89 4.62 -10.17
N LEU C 481 31.51 3.54 -10.85
CA LEU C 481 30.11 3.15 -10.98
C LEU C 481 29.55 2.74 -9.61
N ARG C 482 30.25 1.84 -8.91
CA ARG C 482 29.82 1.39 -7.60
C ARG C 482 29.62 2.58 -6.67
N ASN C 483 30.36 3.65 -6.91
CA ASN C 483 30.26 4.87 -6.12
C ASN C 483 28.97 5.59 -6.43
N ASP C 484 28.63 5.64 -7.71
CA ASP C 484 27.38 6.29 -8.15
C ASP C 484 26.20 5.45 -7.66
N ASP C 485 26.37 4.13 -7.70
CA ASP C 485 25.34 3.18 -7.25
C ASP C 485 25.06 3.46 -5.78
N ALA C 486 26.13 3.57 -5.01
CA ALA C 486 26.04 3.84 -3.58
C ALA C 486 25.17 5.06 -3.32
N LYS C 487 25.49 6.15 -4.01
CA LYS C 487 24.76 7.42 -3.88
C LYS C 487 23.26 7.29 -4.07
N ALA C 488 22.86 6.64 -5.16
CA ALA C 488 21.46 6.47 -5.47
C ALA C 488 20.75 5.66 -4.37
N VAL C 489 21.39 4.60 -3.89
CA VAL C 489 20.80 3.75 -2.85
C VAL C 489 20.77 4.44 -1.48
N GLN C 490 21.82 5.20 -1.16
CA GLN C 490 21.89 5.94 0.12
C GLN C 490 20.75 6.95 0.11
N ARG C 491 20.57 7.54 -1.08
CA ARG C 491 19.54 8.53 -1.36
C ARG C 491 18.14 8.00 -0.98
N GLN C 492 17.79 6.83 -1.52
CA GLN C 492 16.49 6.24 -1.23
C GLN C 492 16.44 5.77 0.22
N CYS D 1 1.90 -22.18 17.05
CA CYS D 1 2.08 -20.75 17.36
C CYS D 1 3.32 -20.56 18.23
N GLY D 2 3.84 -19.35 18.29
CA GLY D 2 5.02 -19.07 19.09
C GLY D 2 4.87 -17.76 19.82
N ILE D 3 5.30 -17.72 21.08
CA ILE D 3 5.21 -16.50 21.87
C ILE D 3 6.57 -16.08 22.43
N VAL D 4 6.74 -14.77 22.62
CA VAL D 4 7.95 -14.19 23.16
C VAL D 4 7.52 -13.08 24.12
N GLY D 5 8.32 -12.87 25.17
CA GLY D 5 8.02 -11.83 26.13
C GLY D 5 9.36 -11.33 26.68
N ILE D 6 9.58 -10.01 26.65
CA ILE D 6 10.82 -9.45 27.13
C ILE D 6 10.58 -8.29 28.10
N ALA D 7 11.17 -8.38 29.28
CA ALA D 7 11.07 -7.31 30.26
C ALA D 7 12.50 -6.81 30.34
N GLY D 8 12.75 -5.67 29.73
CA GLY D 8 14.10 -5.14 29.70
C GLY D 8 14.28 -3.76 30.30
N VAL D 9 15.51 -3.27 30.17
CA VAL D 9 15.85 -1.96 30.69
C VAL D 9 16.03 -0.97 29.53
N MET D 10 15.71 -1.45 28.33
CA MET D 10 15.81 -0.63 27.12
C MET D 10 14.81 -1.12 26.07
N PRO D 11 14.49 -0.26 25.08
CA PRO D 11 13.56 -0.55 23.98
C PRO D 11 13.61 -1.99 23.49
N VAL D 12 12.50 -2.69 23.66
CA VAL D 12 12.41 -4.09 23.30
C VAL D 12 11.82 -4.42 21.93
N ASN D 13 11.41 -3.42 21.16
CA ASN D 13 10.78 -3.72 19.87
C ASN D 13 11.61 -4.52 18.88
N GLN D 14 12.83 -4.07 18.59
CA GLN D 14 13.67 -4.81 17.64
C GLN D 14 13.96 -6.22 18.13
N SER D 15 14.12 -6.38 19.44
CA SER D 15 14.39 -7.71 20.02
C SER D 15 13.19 -8.64 19.81
N ILE D 16 12.00 -8.15 20.10
CA ILE D 16 10.81 -8.96 19.95
C ILE D 16 10.61 -9.31 18.49
N TYR D 17 10.97 -8.38 17.60
CA TYR D 17 10.87 -8.58 16.17
C TYR D 17 11.83 -9.69 15.76
N ASP D 18 13.11 -9.57 16.16
CA ASP D 18 14.14 -10.56 15.83
C ASP D 18 13.78 -11.93 16.40
N ALA D 19 13.36 -11.92 17.66
CA ALA D 19 12.97 -13.13 18.35
C ALA D 19 11.85 -13.84 17.60
N LEU D 20 10.87 -13.08 17.12
CA LEU D 20 9.75 -13.68 16.37
C LEU D 20 10.23 -14.24 15.03
N THR D 21 11.23 -13.59 14.46
CA THR D 21 11.81 -14.03 13.19
C THR D 21 12.36 -15.47 13.27
N VAL D 22 12.96 -15.83 14.41
CA VAL D 22 13.49 -17.19 14.59
C VAL D 22 12.39 -18.15 15.05
N LEU D 23 11.27 -17.59 15.49
CA LEU D 23 10.12 -18.40 15.93
C LEU D 23 9.11 -18.49 14.77
N GLN D 24 9.39 -17.76 13.70
CA GLN D 24 8.54 -17.71 12.51
C GLN D 24 8.02 -19.05 12.05
N HIS D 25 8.82 -20.09 12.21
CA HIS D 25 8.43 -21.44 11.79
C HIS D 25 7.28 -22.06 12.59
N ARG D 26 6.88 -21.40 13.67
CA ARG D 26 5.79 -21.89 14.51
C ARG D 26 4.43 -21.31 14.10
N GLY D 27 4.44 -20.52 13.03
CA GLY D 27 3.24 -19.92 12.52
C GLY D 27 3.56 -18.70 11.69
N GLN D 28 3.24 -18.75 10.39
CA GLN D 28 3.48 -17.65 9.45
C GLN D 28 2.20 -16.91 9.06
N ASP D 29 1.08 -17.36 9.58
CA ASP D 29 -0.19 -16.75 9.26
C ASP D 29 -0.34 -15.29 9.68
N ALA D 30 0.07 -14.97 10.91
CA ALA D 30 -0.05 -13.61 11.42
C ALA D 30 1.06 -13.33 12.43
N ALA D 31 1.18 -12.07 12.84
CA ALA D 31 2.20 -11.71 13.79
C ALA D 31 1.75 -10.49 14.54
N GLY D 32 2.05 -10.46 15.83
CA GLY D 32 1.66 -9.33 16.62
C GLY D 32 2.67 -9.07 17.71
N ILE D 33 2.84 -7.80 18.04
CA ILE D 33 3.75 -7.34 19.07
C ILE D 33 3.01 -6.24 19.81
N ILE D 34 3.11 -6.25 21.14
CA ILE D 34 2.50 -5.20 21.93
C ILE D 34 3.47 -4.79 23.04
N THR D 35 3.56 -3.50 23.30
CA THR D 35 4.48 -3.00 24.32
C THR D 35 3.81 -1.95 25.22
N ILE D 36 4.45 -1.67 26.35
CA ILE D 36 3.94 -0.68 27.27
C ILE D 36 4.93 0.46 27.19
N ASP D 37 4.46 1.59 26.69
CA ASP D 37 5.32 2.77 26.53
C ASP D 37 5.64 3.48 27.84
N ALA D 38 6.39 4.56 27.72
CA ALA D 38 6.78 5.34 28.88
C ALA D 38 5.59 5.92 29.65
N ASN D 39 4.42 5.94 29.02
CA ASN D 39 3.24 6.50 29.66
C ASN D 39 2.29 5.44 30.22
N ASN D 40 2.71 4.19 30.20
CA ASN D 40 1.90 3.08 30.68
C ASN D 40 0.63 2.90 29.86
N CYS D 41 0.83 2.84 28.55
CA CYS D 41 -0.26 2.62 27.59
C CYS D 41 0.28 1.55 26.66
N PHE D 42 -0.60 0.66 26.23
CA PHE D 42 -0.21 -0.40 25.32
C PHE D 42 0.01 0.15 23.92
N ARG D 43 0.96 -0.43 23.20
CA ARG D 43 1.26 -0.04 21.83
C ARG D 43 1.18 -1.34 21.11
N LEU D 44 0.17 -1.47 20.25
CA LEU D 44 -0.06 -2.70 19.54
C LEU D 44 0.08 -2.58 18.03
N ARG D 45 0.47 -3.69 17.42
CA ARG D 45 0.60 -3.82 15.97
C ARG D 45 0.54 -5.30 15.65
N LYS D 46 -0.57 -5.73 15.07
CA LYS D 46 -0.77 -7.12 14.67
C LYS D 46 -1.51 -7.12 13.34
N ALA D 47 -1.23 -8.10 12.50
CA ALA D 47 -1.84 -8.20 11.18
C ALA D 47 -1.44 -9.55 10.60
N ASN D 48 -2.01 -9.92 9.47
CA ASN D 48 -1.67 -11.19 8.85
C ASN D 48 -0.36 -11.06 8.08
N GLY D 49 0.23 -12.22 7.75
CA GLY D 49 1.47 -12.22 7.01
C GLY D 49 2.66 -12.46 7.91
N LEU D 50 3.81 -12.62 7.28
CA LEU D 50 5.05 -12.86 7.98
C LEU D 50 5.45 -11.63 8.77
N VAL D 51 6.27 -11.84 9.81
CA VAL D 51 6.74 -10.77 10.67
C VAL D 51 7.26 -9.61 9.84
N SER D 52 8.06 -9.93 8.84
CA SER D 52 8.66 -8.95 7.94
C SER D 52 7.60 -8.15 7.19
N ASP D 53 6.48 -8.80 6.91
CA ASP D 53 5.38 -8.16 6.21
C ASP D 53 4.62 -7.24 7.16
N VAL D 54 4.33 -7.76 8.34
CA VAL D 54 3.58 -7.04 9.35
C VAL D 54 4.21 -5.80 9.95
N PHE D 55 5.51 -5.84 10.18
CA PHE D 55 6.16 -4.71 10.82
C PHE D 55 7.04 -3.85 9.92
N GLU D 56 6.60 -2.61 9.72
CA GLU D 56 7.32 -1.62 8.91
C GLU D 56 7.84 -0.50 9.82
N ALA D 57 8.72 0.34 9.28
CA ALA D 57 9.31 1.42 10.05
C ALA D 57 8.30 2.23 10.86
N ARG D 58 7.22 2.68 10.20
CA ARG D 58 6.19 3.47 10.86
C ARG D 58 5.54 2.71 12.02
N HIS D 59 5.52 1.38 11.91
CA HIS D 59 4.95 0.52 12.94
C HIS D 59 5.91 0.41 14.12
N MET D 60 7.20 0.24 13.83
CA MET D 60 8.22 0.12 14.85
C MET D 60 8.34 1.39 15.68
N GLN D 61 8.18 2.54 15.03
CA GLN D 61 8.25 3.82 15.74
C GLN D 61 7.35 3.81 16.96
N ARG D 62 6.06 3.58 16.73
CA ARG D 62 5.08 3.59 17.80
C ARG D 62 5.22 2.50 18.85
N LEU D 63 5.89 1.40 18.51
CA LEU D 63 6.06 0.32 19.48
C LEU D 63 7.13 0.67 20.49
N GLN D 64 6.86 1.68 21.29
CA GLN D 64 7.77 2.18 22.30
C GLN D 64 7.63 1.48 23.63
N GLY D 65 8.67 1.53 24.46
CA GLY D 65 8.62 0.90 25.76
C GLY D 65 9.73 -0.13 25.95
N ASN D 66 9.96 -0.48 27.22
CA ASN D 66 11.01 -1.42 27.57
C ASN D 66 10.50 -2.79 27.90
N MET D 67 9.25 -3.06 27.57
CA MET D 67 8.65 -4.35 27.84
C MET D 67 7.54 -4.61 26.83
N GLY D 68 7.49 -5.82 26.34
CA GLY D 68 6.47 -6.18 25.36
C GLY D 68 6.46 -7.67 25.13
N ILE D 69 5.41 -8.14 24.49
CA ILE D 69 5.30 -9.55 24.16
C ILE D 69 4.90 -9.61 22.70
N GLY D 70 5.17 -10.75 22.08
CA GLY D 70 4.87 -10.92 20.67
C GLY D 70 4.37 -12.31 20.41
N HIS D 71 3.78 -12.49 19.23
CA HIS D 71 3.17 -13.76 18.88
C HIS D 71 3.14 -13.97 17.34
N VAL D 72 3.33 -15.21 16.90
CA VAL D 72 3.22 -15.56 15.49
C VAL D 72 2.17 -16.66 15.48
N ARG D 73 1.22 -16.56 14.57
CA ARG D 73 0.14 -17.52 14.53
C ARG D 73 0.19 -18.60 13.47
N TYR D 74 -0.45 -19.71 13.77
CA TYR D 74 -0.57 -20.83 12.89
C TYR D 74 -2.10 -20.92 12.78
N PRO D 75 -2.65 -20.88 11.56
CA PRO D 75 -4.11 -20.93 11.34
C PRO D 75 -4.74 -22.17 11.99
N THR D 76 -5.86 -21.98 12.69
CA THR D 76 -6.54 -23.09 13.35
C THR D 76 -8.07 -22.93 13.40
N ALA D 77 -8.74 -23.85 14.09
CA ALA D 77 -10.21 -23.82 14.25
C ALA D 77 -10.55 -22.85 15.38
N GLY D 78 -11.10 -21.70 15.01
CA GLY D 78 -11.44 -20.67 15.97
C GLY D 78 -10.61 -19.43 15.69
N SER D 79 -9.58 -19.59 14.86
CA SER D 79 -8.69 -18.48 14.49
C SER D 79 -8.16 -18.71 13.07
N SER D 80 -9.00 -18.41 12.08
CA SER D 80 -8.61 -18.56 10.68
C SER D 80 -7.81 -17.34 10.24
N SER D 81 -7.52 -17.26 8.94
CA SER D 81 -6.77 -16.14 8.41
C SER D 81 -7.53 -14.84 8.61
N ALA D 82 -8.86 -14.93 8.57
CA ALA D 82 -9.73 -13.77 8.73
C ALA D 82 -9.87 -13.21 10.14
N SER D 83 -9.89 -14.09 11.14
CA SER D 83 -10.05 -13.70 12.55
C SER D 83 -8.97 -12.75 13.09
N GLU D 84 -9.27 -12.11 14.21
CA GLU D 84 -8.33 -11.18 14.82
C GLU D 84 -7.14 -11.99 15.35
N ALA D 85 -5.93 -11.48 15.13
CA ALA D 85 -4.70 -12.14 15.58
C ALA D 85 -4.41 -11.79 17.02
N GLN D 86 -3.30 -12.29 17.54
CA GLN D 86 -2.89 -12.02 18.91
C GLN D 86 -1.77 -11.01 18.86
N PRO D 87 -1.47 -10.33 19.97
CA PRO D 87 -2.09 -10.44 21.29
C PRO D 87 -3.37 -9.61 21.47
N PHE D 88 -4.27 -10.11 22.30
CA PHE D 88 -5.53 -9.41 22.62
C PHE D 88 -5.26 -8.63 23.91
N TYR D 89 -6.26 -7.87 24.35
CA TYR D 89 -6.14 -7.11 25.59
C TYR D 89 -7.44 -6.45 25.99
N VAL D 90 -7.56 -6.20 27.28
CA VAL D 90 -8.74 -5.55 27.88
C VAL D 90 -8.15 -4.46 28.75
N ASN D 91 -8.84 -3.35 28.93
CA ASN D 91 -8.29 -2.29 29.79
C ASN D 91 -8.75 -2.32 31.21
N SER D 92 -9.31 -3.45 31.62
CA SER D 92 -9.71 -3.63 33.00
C SER D 92 -9.83 -5.11 33.40
N PRO D 93 -9.34 -5.45 34.61
CA PRO D 93 -8.71 -4.48 35.52
C PRO D 93 -7.30 -4.04 35.12
N TYR D 94 -6.99 -2.77 35.38
CA TYR D 94 -5.68 -2.16 35.14
C TYR D 94 -5.14 -2.09 33.71
N GLY D 95 -5.45 -3.09 32.90
CA GLY D 95 -4.96 -3.13 31.54
C GLY D 95 -4.11 -4.38 31.44
N ILE D 96 -4.65 -5.39 30.77
CA ILE D 96 -3.96 -6.66 30.62
C ILE D 96 -3.93 -7.03 29.15
N THR D 97 -2.83 -7.64 28.72
CA THR D 97 -2.68 -8.10 27.34
C THR D 97 -2.02 -9.47 27.44
N LEU D 98 -2.34 -10.36 26.51
CA LEU D 98 -1.79 -11.70 26.56
C LEU D 98 -1.71 -12.40 25.21
N ALA D 99 -0.67 -13.22 25.05
CA ALA D 99 -0.43 -14.01 23.84
C ALA D 99 -0.29 -15.46 24.32
N HIS D 100 -0.81 -16.40 23.57
CA HIS D 100 -0.75 -17.76 24.03
C HIS D 100 -0.57 -18.80 22.94
N ASN D 101 0.08 -19.90 23.29
CA ASN D 101 0.26 -21.01 22.38
C ASN D 101 -0.32 -22.21 23.10
N GLY D 102 -1.35 -22.78 22.50
CA GLY D 102 -2.00 -23.94 23.08
C GLY D 102 -3.48 -23.88 22.78
N ASN D 103 -4.23 -24.81 23.35
CA ASN D 103 -5.66 -24.86 23.12
C ASN D 103 -6.48 -25.26 24.35
N LEU D 104 -7.51 -24.47 24.67
CA LEU D 104 -8.38 -24.74 25.80
C LEU D 104 -9.48 -25.69 25.33
N THR D 105 -9.55 -26.90 25.90
CA THR D 105 -10.56 -27.88 25.54
C THR D 105 -11.97 -27.61 26.08
N ASN D 106 -12.09 -26.68 27.02
CA ASN D 106 -13.36 -26.32 27.60
C ASN D 106 -13.65 -24.86 27.25
N ALA D 107 -13.19 -24.44 26.08
CA ALA D 107 -13.39 -23.08 25.62
C ALA D 107 -14.85 -22.65 25.67
N HIS D 108 -15.70 -23.47 25.07
CA HIS D 108 -17.14 -23.21 25.03
C HIS D 108 -17.72 -22.89 26.42
N GLU D 109 -17.45 -23.74 27.40
CA GLU D 109 -17.93 -23.51 28.77
C GLU D 109 -17.59 -22.14 29.26
N LEU D 110 -16.31 -21.86 29.09
CA LEU D 110 -15.73 -20.62 29.58
C LEU D 110 -16.37 -19.38 28.98
N ARG D 111 -16.71 -19.45 27.70
CA ARG D 111 -17.34 -18.30 27.06
C ARG D 111 -18.68 -18.07 27.74
N LYS D 112 -19.39 -19.15 28.03
CA LYS D 112 -20.69 -19.07 28.70
C LYS D 112 -20.49 -18.52 30.12
N LYS D 113 -19.59 -19.14 30.88
CA LYS D 113 -19.31 -18.70 32.25
C LYS D 113 -19.04 -17.21 32.31
N LEU D 114 -18.14 -16.76 31.44
CA LEU D 114 -17.76 -15.36 31.37
C LEU D 114 -18.95 -14.45 31.14
N PHE D 115 -19.82 -14.82 30.20
CA PHE D 115 -20.98 -14.01 29.90
C PHE D 115 -22.00 -13.92 31.03
N GLU D 116 -22.40 -15.09 31.55
CA GLU D 116 -23.37 -15.15 32.64
C GLU D 116 -22.91 -14.51 33.94
N GLU D 117 -21.74 -14.91 34.43
CA GLU D 117 -21.20 -14.40 35.68
C GLU D 117 -20.56 -13.02 35.61
N LYS D 118 -19.73 -12.80 34.60
CA LYS D 118 -19.00 -11.54 34.49
C LYS D 118 -19.53 -10.57 33.44
N ARG D 119 -20.44 -11.04 32.59
CA ARG D 119 -21.01 -10.21 31.51
C ARG D 119 -19.87 -9.69 30.63
N ARG D 120 -18.83 -10.51 30.51
CA ARG D 120 -17.67 -10.18 29.68
C ARG D 120 -17.90 -10.72 28.28
N HIS D 121 -17.89 -9.82 27.31
CA HIS D 121 -18.12 -10.22 25.91
C HIS D 121 -16.86 -10.69 25.19
N ILE D 122 -16.92 -11.89 24.59
CA ILE D 122 -15.79 -12.40 23.84
C ILE D 122 -16.13 -12.05 22.41
N ASN D 123 -15.31 -11.20 21.79
CA ASN D 123 -15.55 -10.78 20.42
C ASN D 123 -14.99 -11.65 19.29
N THR D 124 -14.28 -12.73 19.59
CA THR D 124 -13.73 -13.59 18.53
C THR D 124 -13.89 -15.06 18.89
N THR D 125 -13.36 -15.94 18.05
CA THR D 125 -13.45 -17.37 18.34
C THR D 125 -12.11 -17.92 18.84
N SER D 126 -11.19 -17.00 19.17
CA SER D 126 -9.87 -17.37 19.66
C SER D 126 -9.87 -17.66 21.16
N ASP D 127 -9.52 -18.88 21.55
CA ASP D 127 -9.48 -19.23 22.98
C ASP D 127 -8.53 -18.33 23.77
N SER D 128 -7.63 -17.68 23.04
CA SER D 128 -6.69 -16.75 23.63
C SER D 128 -7.46 -15.60 24.28
N GLU D 129 -8.52 -15.13 23.62
CA GLU D 129 -9.31 -14.03 24.17
C GLU D 129 -10.08 -14.46 25.40
N ILE D 130 -10.50 -15.73 25.40
CA ILE D 130 -11.22 -16.30 26.52
C ILE D 130 -10.28 -16.35 27.72
N LEU D 131 -9.11 -16.93 27.49
CA LEU D 131 -8.11 -17.08 28.53
C LEU D 131 -7.80 -15.72 29.14
N LEU D 132 -7.60 -14.72 28.30
CA LEU D 132 -7.28 -13.37 28.77
C LEU D 132 -8.38 -12.86 29.69
N ASN D 133 -9.62 -13.17 29.34
CA ASN D 133 -10.73 -12.71 30.14
C ASN D 133 -10.91 -13.43 31.47
N ILE D 134 -10.70 -14.75 31.48
CA ILE D 134 -10.79 -15.50 32.74
C ILE D 134 -9.74 -14.90 33.68
N PHE D 135 -8.52 -14.74 33.15
CA PHE D 135 -7.44 -14.19 33.92
C PHE D 135 -7.82 -12.79 34.42
N ALA D 136 -8.36 -11.97 33.52
CA ALA D 136 -8.77 -10.60 33.83
C ALA D 136 -9.84 -10.53 34.94
N SER D 137 -10.83 -11.41 34.87
CA SER D 137 -11.88 -11.42 35.89
C SER D 137 -11.32 -11.87 37.25
N GLU D 138 -10.33 -12.77 37.23
CA GLU D 138 -9.74 -13.22 38.47
C GLU D 138 -8.99 -12.10 39.15
N LEU D 139 -8.30 -11.29 38.36
CA LEU D 139 -7.56 -10.14 38.90
C LEU D 139 -8.52 -9.02 39.32
N ASP D 140 -9.78 -9.16 38.94
CA ASP D 140 -10.80 -8.18 39.28
C ASP D 140 -11.32 -8.40 40.72
N ASN D 141 -10.88 -9.49 41.34
CA ASN D 141 -11.27 -9.82 42.70
C ASN D 141 -10.34 -9.21 43.75
N PHE D 142 -9.52 -8.25 43.34
CA PHE D 142 -8.61 -7.60 44.27
C PHE D 142 -8.97 -6.12 44.20
N ARG D 143 -9.43 -5.60 45.33
CA ARG D 143 -9.89 -4.23 45.46
C ARG D 143 -8.81 -3.21 45.69
N HIS D 144 -7.59 -3.68 45.84
CA HIS D 144 -6.53 -2.78 46.21
C HIS D 144 -5.35 -2.59 45.25
N TYR D 145 -4.72 -1.40 45.34
CA TYR D 145 -3.63 -1.03 44.43
C TYR D 145 -2.36 -0.45 45.09
N PRO D 146 -1.17 -0.95 44.67
CA PRO D 146 -1.04 -1.97 43.63
C PRO D 146 -1.24 -3.39 44.16
N LEU D 147 -1.22 -4.36 43.25
CA LEU D 147 -1.40 -5.76 43.59
C LEU D 147 -0.05 -6.27 44.06
N GLU D 148 -0.09 -7.32 44.85
CA GLU D 148 1.13 -7.93 45.35
C GLU D 148 1.33 -9.16 44.50
N ALA D 149 2.58 -9.60 44.38
CA ALA D 149 2.86 -10.76 43.58
C ALA D 149 1.91 -11.93 43.84
N ASP D 150 1.60 -12.25 45.10
CA ASP D 150 0.66 -13.38 45.35
C ASP D 150 -0.72 -13.17 44.69
N ASN D 151 -1.17 -11.93 44.64
CA ASN D 151 -2.47 -11.63 44.04
C ASN D 151 -2.47 -12.24 42.66
N ILE D 152 -1.45 -11.86 41.90
CA ILE D 152 -1.24 -12.33 40.54
C ILE D 152 -1.09 -13.84 40.48
N PHE D 153 -0.47 -14.42 41.50
CA PHE D 153 -0.28 -15.85 41.58
C PHE D 153 -1.60 -16.54 42.00
N ALA D 154 -2.41 -15.80 42.76
CA ALA D 154 -3.72 -16.27 43.22
C ALA D 154 -4.57 -16.38 41.97
N ALA D 155 -4.64 -15.27 41.26
CA ALA D 155 -5.37 -15.18 40.00
C ALA D 155 -4.93 -16.31 39.05
N ILE D 156 -3.63 -16.41 38.77
CA ILE D 156 -3.13 -17.46 37.88
C ILE D 156 -3.55 -18.84 38.34
N ALA D 157 -3.52 -19.06 39.65
CA ALA D 157 -3.90 -20.36 40.20
C ALA D 157 -5.38 -20.63 39.91
N ALA D 158 -6.20 -19.62 40.18
CA ALA D 158 -7.65 -19.71 39.96
C ALA D 158 -7.89 -20.07 38.51
N THR D 159 -7.20 -19.35 37.63
CA THR D 159 -7.29 -19.56 36.20
C THR D 159 -6.96 -21.01 35.85
N ASN D 160 -5.94 -21.59 36.47
CA ASN D 160 -5.58 -22.96 36.17
C ASN D 160 -6.64 -23.95 36.55
N ARG D 161 -7.43 -23.60 37.57
CA ARG D 161 -8.50 -24.48 38.00
C ARG D 161 -9.67 -24.41 37.02
N LEU D 162 -9.93 -23.21 36.51
CA LEU D 162 -11.01 -22.97 35.55
C LEU D 162 -10.79 -23.48 34.12
N ILE D 163 -9.60 -23.25 33.57
CA ILE D 163 -9.33 -23.68 32.18
C ILE D 163 -8.80 -25.09 32.09
N ARG D 164 -8.85 -25.67 30.88
CA ARG D 164 -8.39 -27.03 30.65
C ARG D 164 -7.77 -27.14 29.28
N GLY D 165 -6.77 -28.00 29.15
CA GLY D 165 -6.09 -28.20 27.87
C GLY D 165 -4.61 -27.89 27.97
N ALA D 166 -4.01 -27.41 26.89
CA ALA D 166 -2.59 -27.07 26.89
C ALA D 166 -2.43 -25.58 26.68
N TYR D 167 -1.45 -25.00 27.35
CA TYR D 167 -1.19 -23.57 27.21
C TYR D 167 0.16 -23.13 27.74
N ALA D 168 0.74 -22.15 27.07
CA ALA D 168 2.01 -21.56 27.42
C ALA D 168 1.76 -20.09 27.13
N CYS D 169 1.64 -19.27 28.16
CA CYS D 169 1.32 -17.86 27.97
C CYS D 169 2.30 -16.91 28.59
N VAL D 170 2.20 -15.68 28.13
CA VAL D 170 2.99 -14.55 28.59
C VAL D 170 1.95 -13.44 28.53
N ALA D 171 2.00 -12.52 29.47
CA ALA D 171 1.01 -11.47 29.47
C ALA D 171 1.63 -10.32 30.20
N MET D 172 1.02 -9.15 30.06
CA MET D 172 1.54 -7.99 30.77
C MET D 172 0.38 -7.32 31.49
N ILE D 173 0.72 -6.64 32.57
CA ILE D 173 -0.28 -5.97 33.38
C ILE D 173 0.28 -4.61 33.67
N ILE D 174 -0.36 -3.60 33.12
CA ILE D 174 0.09 -2.23 33.31
C ILE D 174 0.26 -1.87 34.79
N GLY D 175 1.37 -1.18 35.07
CA GLY D 175 1.69 -0.78 36.43
C GLY D 175 2.31 -1.87 37.31
N HIS D 176 2.33 -3.11 36.81
CA HIS D 176 2.85 -4.23 37.59
C HIS D 176 4.01 -5.00 36.96
N GLY D 177 3.77 -5.64 35.83
CA GLY D 177 4.87 -6.37 35.22
C GLY D 177 4.42 -7.35 34.16
N MET D 178 5.28 -8.32 33.88
CA MET D 178 5.05 -9.34 32.88
C MET D 178 4.93 -10.67 33.60
N VAL D 179 3.99 -11.51 33.17
CA VAL D 179 3.83 -12.83 33.77
C VAL D 179 3.86 -13.87 32.65
N ALA D 180 4.16 -15.11 32.99
CA ALA D 180 4.21 -16.20 32.02
C ALA D 180 3.92 -17.45 32.80
N PHE D 181 3.13 -18.36 32.25
CA PHE D 181 2.83 -19.61 32.96
C PHE D 181 2.61 -20.74 31.99
N ARG D 182 2.79 -21.96 32.47
CA ARG D 182 2.67 -23.13 31.62
C ARG D 182 1.57 -23.96 32.22
N ASP D 183 0.94 -24.79 31.40
CA ASP D 183 -0.16 -25.66 31.84
C ASP D 183 0.35 -26.73 32.81
N PRO D 184 -0.54 -27.18 33.72
CA PRO D 184 -0.20 -28.21 34.72
C PRO D 184 0.49 -29.43 34.15
N ASN D 185 0.27 -29.71 32.86
CA ASN D 185 0.86 -30.87 32.20
C ASN D 185 2.13 -30.60 31.41
N GLY D 186 2.57 -29.35 31.36
CA GLY D 186 3.76 -28.98 30.61
C GLY D 186 3.72 -29.54 29.19
N ILE D 187 2.61 -29.30 28.48
CA ILE D 187 2.46 -29.80 27.11
C ILE D 187 3.06 -28.83 26.09
N ARG D 188 2.79 -27.55 26.31
CA ARG D 188 3.26 -26.51 25.43
C ARG D 188 4.56 -25.91 25.97
N PRO D 189 5.59 -25.85 25.13
CA PRO D 189 6.93 -25.31 25.42
C PRO D 189 7.02 -23.83 25.81
N LEU D 190 7.80 -23.56 26.86
CA LEU D 190 8.02 -22.21 27.36
C LEU D 190 9.34 -22.19 28.17
N VAL D 191 10.28 -21.32 27.81
CA VAL D 191 11.56 -21.23 28.54
C VAL D 191 11.87 -19.80 29.00
N LEU D 192 12.69 -19.71 30.03
CA LEU D 192 13.06 -18.43 30.60
C LEU D 192 14.52 -18.15 30.34
N GLY D 193 14.86 -16.87 30.30
CA GLY D 193 16.22 -16.45 30.07
C GLY D 193 16.47 -15.09 30.70
N LYS D 194 17.73 -14.68 30.71
CA LYS D 194 18.10 -13.39 31.29
C LYS D 194 19.33 -12.86 30.58
N ARG D 195 19.63 -11.59 30.79
CA ARG D 195 20.79 -10.96 30.20
C ARG D 195 21.19 -9.82 31.11
N ASP D 196 22.35 -9.97 31.76
CA ASP D 196 22.81 -8.93 32.65
C ASP D 196 23.42 -7.81 31.84
N ILE D 197 22.99 -6.60 32.15
CA ILE D 197 23.48 -5.40 31.48
C ILE D 197 24.64 -4.85 32.29
N ASP D 198 24.45 -4.83 33.61
CA ASP D 198 25.47 -4.36 34.52
C ASP D 198 25.10 -4.77 35.94
N GLU D 199 25.73 -4.14 36.93
CA GLU D 199 25.48 -4.43 38.33
C GLU D 199 24.03 -4.08 38.67
N ASN D 200 23.24 -5.11 38.98
CA ASN D 200 21.84 -4.95 39.34
C ASN D 200 20.86 -4.46 38.26
N ARG D 201 21.03 -4.95 37.04
CA ARG D 201 20.13 -4.64 35.94
C ARG D 201 20.14 -5.81 34.99
N THR D 202 19.18 -6.69 35.18
CA THR D 202 19.03 -7.87 34.35
C THR D 202 17.72 -7.74 33.59
N GLU D 203 17.74 -8.24 32.37
CA GLU D 203 16.57 -8.25 31.52
C GLU D 203 16.18 -9.71 31.45
N TYR D 204 14.89 -9.98 31.54
CA TYR D 204 14.42 -11.34 31.48
C TYR D 204 13.64 -11.51 30.20
N MET D 205 13.50 -12.76 29.79
CA MET D 205 12.81 -13.10 28.57
C MET D 205 12.22 -14.49 28.66
N VAL D 206 11.06 -14.67 28.04
CA VAL D 206 10.39 -15.98 27.99
C VAL D 206 10.07 -16.20 26.51
N ALA D 207 10.06 -17.46 26.07
CA ALA D 207 9.78 -17.77 24.67
C ALA D 207 9.38 -19.23 24.49
N SER D 208 8.82 -19.56 23.34
CA SER D 208 8.39 -20.94 23.09
C SER D 208 9.58 -21.86 22.88
N GLU D 209 10.70 -21.32 22.37
CA GLU D 209 11.90 -22.12 22.12
C GLU D 209 13.18 -21.38 22.46
N SER D 210 14.20 -22.14 22.87
CA SER D 210 15.51 -21.62 23.25
C SER D 210 16.19 -20.77 22.18
N VAL D 211 15.95 -21.09 20.90
CA VAL D 211 16.55 -20.34 19.78
C VAL D 211 16.27 -18.84 19.86
N ALA D 212 15.16 -18.47 20.50
CA ALA D 212 14.82 -17.05 20.66
C ALA D 212 15.75 -16.38 21.67
N LEU D 213 16.22 -17.14 22.65
CA LEU D 213 17.14 -16.61 23.66
C LEU D 213 18.51 -16.45 22.99
N ASP D 214 18.94 -17.52 22.32
CA ASP D 214 20.22 -17.56 21.61
C ASP D 214 20.40 -16.36 20.72
N THR D 215 19.50 -16.21 19.76
CA THR D 215 19.54 -15.13 18.79
C THR D 215 19.58 -13.73 19.43
N LEU D 216 19.17 -13.62 20.68
CA LEU D 216 19.21 -12.31 21.33
C LEU D 216 20.31 -12.17 22.37
N GLY D 217 21.11 -13.21 22.55
CA GLY D 217 22.19 -13.16 23.54
C GLY D 217 21.69 -13.23 24.96
N PHE D 218 20.66 -14.04 25.16
CA PHE D 218 20.06 -14.23 26.47
C PHE D 218 20.58 -15.55 27.02
N ASP D 219 20.94 -15.54 28.29
CA ASP D 219 21.41 -16.74 28.96
C ASP D 219 20.21 -17.61 29.27
N PHE D 220 20.28 -18.86 28.87
CA PHE D 220 19.21 -19.80 29.14
C PHE D 220 19.21 -20.11 30.62
N LEU D 221 18.10 -19.83 31.29
CA LEU D 221 18.03 -20.15 32.69
C LEU D 221 17.46 -21.57 32.81
N ARG D 222 16.24 -21.78 32.33
CA ARG D 222 15.60 -23.10 32.39
C ARG D 222 14.22 -23.07 31.73
N ASP D 223 13.58 -24.23 31.69
CA ASP D 223 12.23 -24.34 31.14
C ASP D 223 11.31 -23.90 32.27
N VAL D 224 10.13 -23.39 31.91
CA VAL D 224 9.16 -22.99 32.93
C VAL D 224 8.51 -24.32 33.27
N ALA D 225 8.39 -24.60 34.55
CA ALA D 225 7.81 -25.85 35.02
C ALA D 225 6.28 -25.94 34.91
N PRO D 226 5.76 -27.13 34.57
CA PRO D 226 4.33 -27.44 34.42
C PRO D 226 3.52 -26.89 35.59
N GLY D 227 2.64 -25.93 35.31
CA GLY D 227 1.83 -25.35 36.36
C GLY D 227 2.50 -24.20 37.04
N GLU D 228 3.71 -23.85 36.62
CA GLU D 228 4.42 -22.75 37.23
C GLU D 228 4.14 -21.42 36.57
N ALA D 229 4.16 -20.37 37.38
CA ALA D 229 3.92 -19.00 36.97
C ALA D 229 5.15 -18.14 37.32
N ILE D 230 5.62 -17.35 36.36
CA ILE D 230 6.76 -16.46 36.53
C ILE D 230 6.17 -15.06 36.57
N TYR D 231 6.81 -14.15 37.28
CA TYR D 231 6.33 -12.78 37.30
C TYR D 231 7.52 -11.82 37.46
N ILE D 232 7.79 -11.04 36.42
CA ILE D 232 8.87 -10.08 36.46
C ILE D 232 8.17 -8.75 36.67
N THR D 233 8.62 -7.97 37.64
CA THR D 233 7.99 -6.69 37.90
C THR D 233 8.58 -5.65 36.98
N GLU D 234 8.02 -4.45 37.02
CA GLU D 234 8.55 -3.37 36.20
C GLU D 234 9.94 -2.96 36.71
N GLU D 235 10.28 -3.35 37.94
CA GLU D 235 11.58 -2.98 38.50
C GLU D 235 12.65 -4.03 38.23
N GLY D 236 12.30 -5.08 37.50
CA GLY D 236 13.29 -6.07 37.16
C GLY D 236 13.37 -7.30 38.03
N GLN D 237 12.53 -7.41 39.05
CA GLN D 237 12.60 -8.61 39.85
C GLN D 237 11.76 -9.75 39.39
N LEU D 238 12.36 -10.93 39.48
CA LEU D 238 11.74 -12.16 39.06
C LEU D 238 11.22 -12.98 40.23
N PHE D 239 9.92 -13.27 40.20
CA PHE D 239 9.30 -14.09 41.23
C PHE D 239 8.77 -15.34 40.57
N THR D 240 8.60 -16.38 41.35
CA THR D 240 8.07 -17.62 40.80
C THR D 240 7.18 -18.28 41.83
N ARG D 241 6.35 -19.21 41.34
CA ARG D 241 5.44 -19.93 42.18
C ARG D 241 4.77 -21.04 41.41
N GLN D 242 4.45 -22.12 42.12
CA GLN D 242 3.77 -23.25 41.53
C GLN D 242 2.30 -22.85 41.68
N CYS D 243 1.59 -22.70 40.57
CA CYS D 243 0.18 -22.32 40.59
C CYS D 243 -0.80 -23.44 40.26
N ALA D 244 -0.30 -24.64 40.03
CA ALA D 244 -1.15 -25.78 39.73
C ALA D 244 -1.07 -26.74 40.92
N ASP D 245 -1.95 -27.75 40.94
CA ASP D 245 -1.98 -28.72 42.03
C ASP D 245 -1.16 -29.96 41.82
N ASN D 246 -1.35 -30.64 40.69
CA ASN D 246 -0.57 -31.84 40.42
C ASN D 246 0.23 -31.71 39.14
N PRO D 247 1.23 -30.82 39.15
CA PRO D 247 2.05 -30.61 37.96
C PRO D 247 2.74 -31.90 37.52
N VAL D 248 2.68 -32.16 36.22
CA VAL D 248 3.27 -33.34 35.62
C VAL D 248 3.84 -32.93 34.27
N SER D 249 4.96 -33.54 33.89
CA SER D 249 5.60 -33.25 32.62
C SER D 249 5.23 -34.23 31.51
N ASN D 250 4.33 -33.80 30.63
CA ASN D 250 3.90 -34.60 29.49
C ASN D 250 4.11 -33.71 28.26
N PRO D 251 5.38 -33.46 27.90
CA PRO D 251 5.73 -32.62 26.75
C PRO D 251 5.14 -33.12 25.45
N CYS D 252 4.75 -32.18 24.61
CA CYS D 252 4.19 -32.50 23.30
C CYS D 252 5.24 -33.21 22.43
N LEU D 253 4.99 -34.47 22.14
CA LEU D 253 5.91 -35.25 21.33
C LEU D 253 6.04 -34.68 19.92
N PHE D 254 5.05 -33.93 19.47
CA PHE D 254 5.12 -33.39 18.12
C PHE D 254 6.19 -32.33 17.93
N GLU D 255 6.40 -31.52 18.99
CA GLU D 255 7.41 -30.47 18.98
C GLU D 255 8.75 -31.07 18.55
N TYR D 256 9.09 -32.21 19.15
CA TYR D 256 10.33 -32.90 18.85
C TYR D 256 10.28 -33.51 17.45
N VAL D 257 9.11 -34.02 17.05
CA VAL D 257 8.97 -34.66 15.75
C VAL D 257 9.25 -33.76 14.56
N TYR D 258 8.72 -32.54 14.56
CA TYR D 258 9.00 -31.65 13.42
C TYR D 258 8.62 -30.18 13.60
N PHE D 259 7.76 -29.89 14.55
CA PHE D 259 7.31 -28.52 14.75
C PHE D 259 8.35 -27.55 15.32
N ALA D 260 9.28 -28.07 16.12
CA ALA D 260 10.30 -27.21 16.71
C ALA D 260 11.60 -27.24 15.94
N ARG D 261 12.35 -26.14 15.98
CA ARG D 261 13.65 -26.07 15.32
C ARG D 261 14.61 -27.04 16.01
N PRO D 262 15.45 -27.73 15.21
CA PRO D 262 16.42 -28.71 15.73
C PRO D 262 17.41 -28.19 16.76
N ASP D 263 17.75 -26.91 16.68
CA ASP D 263 18.71 -26.34 17.61
C ASP D 263 18.09 -25.85 18.92
N SER D 264 16.91 -26.37 19.23
CA SER D 264 16.20 -26.00 20.45
C SER D 264 16.27 -27.11 21.49
N PHE D 265 16.30 -26.68 22.75
CA PHE D 265 16.34 -27.61 23.87
C PHE D 265 15.03 -27.48 24.64
N ILE D 266 14.13 -28.43 24.40
CA ILE D 266 12.84 -28.44 25.05
C ILE D 266 12.87 -29.39 26.23
N ASP D 267 12.67 -28.87 27.44
CA ASP D 267 12.67 -29.70 28.63
C ASP D 267 13.94 -30.57 28.69
N LYS D 268 15.09 -29.91 28.64
CA LYS D 268 16.38 -30.59 28.68
C LYS D 268 16.60 -31.58 27.52
N ILE D 269 15.70 -31.63 26.56
CA ILE D 269 15.89 -32.52 25.42
C ILE D 269 16.26 -31.72 24.17
N SER D 270 17.27 -32.20 23.46
CA SER D 270 17.74 -31.56 22.25
C SER D 270 16.91 -32.10 21.09
N VAL D 271 16.27 -31.20 20.35
CA VAL D 271 15.43 -31.58 19.21
C VAL D 271 16.27 -32.31 18.16
N TYR D 272 17.38 -31.69 17.77
CA TYR D 272 18.30 -32.27 16.79
C TYR D 272 18.66 -33.71 17.14
N SER D 273 19.25 -33.91 18.32
CA SER D 273 19.65 -35.26 18.73
C SER D 273 18.49 -36.20 18.70
N ALA D 274 17.36 -35.74 19.24
CA ALA D 274 16.14 -36.53 19.28
C ALA D 274 15.78 -37.06 17.90
N ARG D 275 15.84 -36.17 16.91
CA ARG D 275 15.53 -36.55 15.52
C ARG D 275 16.52 -37.54 14.95
N VAL D 276 17.80 -37.36 15.26
CA VAL D 276 18.85 -38.26 14.78
C VAL D 276 18.54 -39.66 15.28
N ASN D 277 18.17 -39.74 16.56
CA ASN D 277 17.83 -41.00 17.23
C ASN D 277 16.64 -41.65 16.55
N MET D 278 15.71 -40.83 16.05
CA MET D 278 14.56 -41.35 15.34
C MET D 278 15.07 -42.05 14.07
N GLY D 279 16.09 -41.46 13.44
CA GLY D 279 16.67 -42.08 12.26
C GLY D 279 17.28 -43.44 12.61
N THR D 280 17.94 -43.49 13.76
CA THR D 280 18.54 -44.73 14.23
C THR D 280 17.46 -45.80 14.42
N LYS D 281 16.44 -45.49 15.22
CA LYS D 281 15.35 -46.43 15.50
C LYS D 281 14.66 -46.92 14.24
N LEU D 282 14.26 -46.00 13.37
CA LEU D 282 13.59 -46.36 12.13
C LEU D 282 14.53 -47.12 11.20
N GLY D 283 15.77 -46.69 11.11
CA GLY D 283 16.72 -47.38 10.26
C GLY D 283 16.87 -48.84 10.65
N GLU D 284 16.92 -49.07 11.97
CA GLU D 284 17.04 -50.41 12.49
C GLU D 284 15.82 -51.24 12.16
N LYS D 285 14.64 -50.68 12.42
CA LYS D 285 13.40 -51.39 12.13
C LYS D 285 13.34 -51.74 10.68
N ILE D 286 13.76 -50.81 9.83
CA ILE D 286 13.77 -51.02 8.39
C ILE D 286 14.68 -52.19 8.00
N ALA D 287 15.86 -52.26 8.62
CA ALA D 287 16.82 -53.32 8.35
C ALA D 287 16.25 -54.67 8.76
N ARG D 288 15.55 -54.66 9.89
CA ARG D 288 14.93 -55.85 10.42
C ARG D 288 13.79 -56.33 9.51
N GLU D 289 12.77 -55.50 9.36
CA GLU D 289 11.60 -55.84 8.55
C GLU D 289 11.70 -55.82 7.02
N TRP D 290 12.41 -54.86 6.44
CA TRP D 290 12.54 -54.80 4.98
C TRP D 290 13.84 -55.42 4.44
N GLU D 291 14.24 -56.51 5.08
CA GLU D 291 15.46 -57.25 4.78
C GLU D 291 15.68 -57.68 3.32
N ASP D 292 14.67 -58.31 2.72
CA ASP D 292 14.78 -58.82 1.34
C ASP D 292 14.73 -57.88 0.14
N LEU D 293 14.07 -56.73 0.25
CA LEU D 293 13.97 -55.79 -0.87
C LEU D 293 15.22 -54.94 -1.07
N ASP D 294 15.63 -54.81 -2.32
CA ASP D 294 16.82 -54.06 -2.69
C ASP D 294 16.63 -52.60 -2.93
N ILE D 295 16.90 -51.76 -1.94
CA ILE D 295 16.78 -50.33 -2.12
C ILE D 295 18.17 -49.91 -2.60
N ASP D 296 18.24 -48.87 -3.43
CA ASP D 296 19.51 -48.40 -3.95
C ASP D 296 19.94 -47.08 -3.35
N VAL D 297 19.02 -46.38 -2.71
CA VAL D 297 19.30 -45.09 -2.10
C VAL D 297 18.22 -44.58 -1.16
N VAL D 298 18.64 -43.79 -0.17
CA VAL D 298 17.74 -43.18 0.80
C VAL D 298 17.64 -41.71 0.42
N ILE D 299 16.41 -41.23 0.26
CA ILE D 299 16.16 -39.86 -0.15
C ILE D 299 15.21 -39.16 0.80
N PRO D 300 15.68 -38.08 1.43
CA PRO D 300 14.81 -37.35 2.35
C PRO D 300 13.80 -36.46 1.63
N ILE D 301 12.69 -36.18 2.30
CA ILE D 301 11.67 -35.30 1.77
C ILE D 301 11.80 -34.08 2.66
N PRO D 302 12.40 -33.00 2.13
CA PRO D 302 12.62 -31.74 2.84
C PRO D 302 11.39 -31.28 3.62
N GLU D 303 11.61 -30.68 4.79
CA GLU D 303 12.93 -30.42 5.31
C GLU D 303 13.39 -31.35 6.43
N THR D 304 12.60 -31.41 7.50
CA THR D 304 12.88 -32.18 8.70
C THR D 304 13.57 -33.54 8.52
N SER D 305 13.16 -34.29 7.50
CA SER D 305 13.69 -35.63 7.21
C SER D 305 15.18 -35.79 6.92
N CYS D 306 15.84 -34.72 6.47
CA CYS D 306 17.25 -34.79 6.12
C CYS D 306 18.20 -35.53 7.07
N ASP D 307 18.34 -35.04 8.30
CA ASP D 307 19.23 -35.68 9.28
C ASP D 307 18.79 -37.08 9.66
N ILE D 308 17.49 -37.29 9.69
CA ILE D 308 16.91 -38.59 10.03
C ILE D 308 17.24 -39.62 8.95
N ALA D 309 16.95 -39.27 7.70
CA ALA D 309 17.23 -40.16 6.57
C ALA D 309 18.71 -40.48 6.49
N LEU D 310 19.55 -39.49 6.78
CA LEU D 310 21.00 -39.67 6.74
C LEU D 310 21.39 -40.81 7.66
N GLU D 311 20.80 -40.78 8.85
CA GLU D 311 21.01 -41.77 9.89
C GLU D 311 20.57 -43.16 9.43
N ILE D 312 19.41 -43.21 8.78
CA ILE D 312 18.83 -44.45 8.26
C ILE D 312 19.72 -44.99 7.15
N ALA D 313 20.24 -44.09 6.32
CA ALA D 313 21.14 -44.46 5.23
C ALA D 313 22.38 -45.09 5.83
N ARG D 314 22.83 -44.50 6.94
CA ARG D 314 24.00 -44.98 7.64
C ARG D 314 23.74 -46.39 8.13
N ILE D 315 22.66 -46.57 8.88
CA ILE D 315 22.29 -47.88 9.41
C ILE D 315 22.12 -48.91 8.30
N LEU D 316 21.41 -48.56 7.24
CA LEU D 316 21.21 -49.50 6.14
C LEU D 316 22.48 -49.64 5.31
N GLY D 317 23.46 -48.77 5.56
CA GLY D 317 24.70 -48.82 4.82
C GLY D 317 24.49 -48.58 3.34
N LYS D 318 23.58 -47.66 3.03
CA LYS D 318 23.27 -47.33 1.65
C LYS D 318 23.51 -45.84 1.47
N PRO D 319 23.75 -45.42 0.22
CA PRO D 319 24.00 -43.99 -0.05
C PRO D 319 22.80 -43.11 0.20
N TYR D 320 23.08 -41.89 0.59
CA TYR D 320 22.08 -40.88 0.86
C TYR D 320 22.26 -39.81 -0.20
N ARG D 321 21.22 -39.58 -0.99
CA ARG D 321 21.28 -38.57 -2.04
C ARG D 321 20.10 -37.63 -1.88
N GLN D 322 20.36 -36.36 -2.15
CA GLN D 322 19.36 -35.32 -2.09
C GLN D 322 18.62 -35.41 -3.43
N GLY D 323 17.49 -36.11 -3.43
CA GLY D 323 16.70 -36.25 -4.66
C GLY D 323 15.62 -35.21 -4.85
N PHE D 324 15.22 -34.59 -3.74
CA PHE D 324 14.19 -33.57 -3.74
C PHE D 324 14.79 -32.29 -3.19
N VAL D 325 14.52 -31.20 -3.89
CA VAL D 325 14.97 -29.89 -3.46
C VAL D 325 13.68 -29.13 -3.24
N LYS D 326 13.54 -28.50 -2.09
CA LYS D 326 12.34 -27.75 -1.79
C LYS D 326 12.44 -26.38 -2.39
N ASN D 327 11.35 -25.91 -2.99
CA ASN D 327 11.35 -24.58 -3.56
C ASN D 327 11.18 -23.63 -2.39
N ARG D 328 12.29 -23.06 -1.95
CA ARG D 328 12.28 -22.15 -0.82
C ARG D 328 11.28 -21.02 -1.03
N TYR D 329 11.19 -20.53 -2.26
CA TYR D 329 10.28 -19.44 -2.55
C TYR D 329 9.05 -19.97 -3.26
N VAL D 330 7.91 -19.89 -2.59
CA VAL D 330 6.64 -20.33 -3.15
C VAL D 330 5.79 -19.07 -3.35
N GLY D 331 5.40 -18.84 -4.60
CA GLY D 331 4.60 -17.68 -4.94
C GLY D 331 3.12 -17.99 -4.97
N ARG D 332 2.32 -16.94 -4.83
CA ARG D 332 0.88 -17.08 -4.84
C ARG D 332 0.33 -17.56 -6.20
N THR D 333 -0.78 -18.27 -6.15
CA THR D 333 -1.47 -18.77 -7.33
C THR D 333 -2.68 -17.85 -7.55
N PHE D 334 -2.65 -17.08 -8.63
CA PHE D 334 -3.76 -16.18 -8.93
C PHE D 334 -4.75 -16.96 -9.76
N ILE D 335 -6.00 -16.96 -9.33
CA ILE D 335 -7.06 -17.66 -10.04
C ILE D 335 -7.53 -16.79 -11.22
N MET D 336 -6.97 -17.05 -12.39
CA MET D 336 -7.29 -16.30 -13.61
C MET D 336 -8.23 -17.11 -14.51
N PRO D 337 -9.10 -16.41 -15.27
CA PRO D 337 -10.07 -17.00 -16.19
C PRO D 337 -9.56 -18.18 -17.03
N GLY D 338 -9.79 -19.40 -16.53
CA GLY D 338 -9.37 -20.60 -17.22
C GLY D 338 -7.86 -20.74 -17.29
N GLN D 339 -7.26 -21.14 -16.18
CA GLN D 339 -5.80 -21.30 -16.09
C GLN D 339 -5.29 -22.48 -16.93
N GLN D 340 -5.41 -22.34 -18.25
CA GLN D 340 -5.00 -23.33 -19.26
C GLN D 340 -4.27 -24.60 -18.78
N LEU D 341 -2.93 -24.55 -18.73
CA LEU D 341 -2.14 -25.70 -18.31
C LEU D 341 -1.35 -25.35 -17.05
N ARG D 342 -2.03 -25.49 -15.91
CA ARG D 342 -1.47 -25.19 -14.60
C ARG D 342 -0.29 -26.11 -14.25
N ARG D 343 0.59 -25.59 -13.39
CA ARG D 343 1.74 -26.31 -12.90
C ARG D 343 1.27 -27.19 -11.73
N LYS D 344 1.77 -28.42 -11.69
CA LYS D 344 1.42 -29.37 -10.64
C LYS D 344 1.63 -28.84 -9.22
N SER D 345 0.64 -29.09 -8.37
CA SER D 345 0.66 -28.65 -6.98
C SER D 345 1.89 -29.19 -6.22
N VAL D 346 2.22 -30.45 -6.49
CA VAL D 346 3.37 -31.07 -5.83
C VAL D 346 4.61 -30.30 -6.24
N ARG D 347 4.72 -29.98 -7.54
CA ARG D 347 5.88 -29.25 -8.05
C ARG D 347 5.94 -27.84 -7.50
N ARG D 348 4.82 -27.38 -6.97
CA ARG D 348 4.79 -26.06 -6.38
C ARG D 348 5.73 -26.07 -5.17
N LYS D 349 5.68 -27.15 -4.41
CA LYS D 349 6.50 -27.31 -3.20
C LYS D 349 7.91 -27.90 -3.37
N LEU D 350 8.01 -28.95 -4.18
CA LEU D 350 9.30 -29.62 -4.41
C LEU D 350 9.67 -29.80 -5.86
N ASN D 351 10.95 -30.07 -6.09
CA ASN D 351 11.45 -30.37 -7.43
C ASN D 351 12.31 -31.60 -7.32
N ALA D 352 12.15 -32.51 -8.27
CA ALA D 352 12.90 -33.75 -8.26
C ALA D 352 14.12 -33.70 -9.17
N ASN D 353 15.25 -34.16 -8.65
CA ASN D 353 16.47 -34.20 -9.43
C ASN D 353 16.43 -35.51 -10.18
N ARG D 354 15.97 -35.47 -11.44
CA ARG D 354 15.89 -36.66 -12.29
C ARG D 354 17.01 -37.69 -12.13
N ALA D 355 18.25 -37.21 -12.12
CA ALA D 355 19.43 -38.07 -12.01
C ALA D 355 19.49 -38.96 -10.77
N GLU D 356 18.77 -38.59 -9.72
CA GLU D 356 18.79 -39.38 -8.49
C GLU D 356 17.79 -40.53 -8.42
N PHE D 357 16.86 -40.58 -9.36
CA PHE D 357 15.82 -41.62 -9.35
C PHE D 357 15.92 -42.67 -10.45
N ARG D 358 16.42 -42.25 -11.63
CA ARG D 358 16.52 -43.13 -12.79
C ARG D 358 16.95 -44.57 -12.52
N ASP D 359 16.01 -45.49 -12.71
CA ASP D 359 16.24 -46.92 -12.54
C ASP D 359 16.70 -47.34 -11.15
N LYS D 360 16.35 -46.54 -10.15
CA LYS D 360 16.76 -46.85 -8.79
C LYS D 360 15.53 -47.14 -7.95
N ASN D 361 15.62 -48.21 -7.16
CA ASN D 361 14.56 -48.54 -6.23
C ASN D 361 14.90 -47.59 -5.08
N VAL D 362 14.09 -46.56 -4.90
CA VAL D 362 14.39 -45.57 -3.86
C VAL D 362 13.59 -45.70 -2.58
N LEU D 363 14.16 -45.21 -1.49
CA LEU D 363 13.49 -45.22 -0.20
C LEU D 363 13.38 -43.77 0.23
N LEU D 364 12.16 -43.27 0.28
CA LEU D 364 11.91 -41.89 0.67
C LEU D 364 11.65 -41.85 2.18
N VAL D 365 12.09 -40.76 2.82
CA VAL D 365 11.93 -40.62 4.25
C VAL D 365 11.21 -39.30 4.52
N ASP D 366 10.09 -39.39 5.21
CA ASP D 366 9.32 -38.20 5.52
C ASP D 366 9.03 -38.20 7.01
N ASP D 367 8.92 -37.02 7.59
CA ASP D 367 8.67 -36.90 9.01
C ASP D 367 7.32 -37.45 9.43
N SER D 368 6.30 -37.26 8.60
CA SER D 368 4.99 -37.75 8.95
C SER D 368 4.08 -37.82 7.74
N ILE D 369 2.98 -38.54 7.90
CA ILE D 369 1.98 -38.72 6.87
C ILE D 369 0.65 -38.36 7.51
N VAL D 370 0.08 -37.25 7.03
CA VAL D 370 -1.18 -36.76 7.55
C VAL D 370 -2.35 -37.06 6.61
N ARG D 371 -2.46 -36.33 5.50
CA ARG D 371 -3.56 -36.55 4.57
C ARG D 371 -3.27 -37.72 3.66
N GLY D 372 -2.06 -37.75 3.13
CA GLY D 372 -1.72 -38.84 2.24
C GLY D 372 -1.83 -38.46 0.78
N THR D 373 -2.60 -37.42 0.49
CA THR D 373 -2.74 -36.96 -0.88
C THR D 373 -1.35 -36.49 -1.29
N THR D 374 -0.71 -35.78 -0.36
CA THR D 374 0.62 -35.24 -0.54
C THR D 374 1.56 -36.40 -0.81
N SER D 375 1.55 -37.36 0.11
CA SER D 375 2.39 -38.54 0.03
C SER D 375 2.25 -39.21 -1.31
N GLU D 376 1.00 -39.45 -1.70
CA GLU D 376 0.69 -40.09 -2.96
C GLU D 376 1.38 -39.39 -4.13
N GLN D 377 1.37 -38.06 -4.11
CA GLN D 377 1.96 -37.30 -5.18
C GLN D 377 3.48 -37.30 -5.15
N ILE D 378 4.06 -37.26 -3.96
CA ILE D 378 5.51 -37.27 -3.86
C ILE D 378 5.98 -38.58 -4.45
N ILE D 379 5.27 -39.66 -4.15
CA ILE D 379 5.60 -40.98 -4.67
C ILE D 379 5.53 -40.94 -6.18
N GLU D 380 4.39 -40.43 -6.66
CA GLU D 380 4.11 -40.29 -8.08
C GLU D 380 5.21 -39.50 -8.78
N MET D 381 5.70 -38.46 -8.11
CA MET D 381 6.75 -37.62 -8.64
C MET D 381 8.02 -38.47 -8.82
N ALA D 382 8.28 -39.33 -7.84
CA ALA D 382 9.45 -40.20 -7.90
C ALA D 382 9.39 -41.16 -9.09
N ARG D 383 8.21 -41.72 -9.35
CA ARG D 383 8.02 -42.65 -10.48
C ARG D 383 8.20 -41.89 -11.79
N GLU D 384 7.72 -40.65 -11.81
CA GLU D 384 7.86 -39.79 -12.99
C GLU D 384 9.34 -39.59 -13.25
N ALA D 385 10.10 -39.43 -12.16
CA ALA D 385 11.54 -39.23 -12.24
C ALA D 385 12.34 -40.46 -12.69
N GLY D 386 11.65 -41.61 -12.79
CA GLY D 386 12.31 -42.83 -13.24
C GLY D 386 12.60 -43.87 -12.18
N ALA D 387 11.97 -43.78 -11.02
CA ALA D 387 12.21 -44.75 -9.96
C ALA D 387 11.42 -46.03 -10.23
N LYS D 388 12.08 -47.18 -10.12
CA LYS D 388 11.41 -48.45 -10.33
C LYS D 388 10.50 -48.69 -9.12
N LYS D 389 11.11 -49.00 -7.98
CA LYS D 389 10.36 -49.24 -6.74
C LYS D 389 10.47 -47.97 -5.89
N VAL D 390 9.34 -47.55 -5.34
CA VAL D 390 9.34 -46.37 -4.50
C VAL D 390 8.77 -46.79 -3.16
N TYR D 391 9.62 -46.76 -2.14
CA TYR D 391 9.23 -47.16 -0.79
C TYR D 391 9.22 -45.92 0.08
N LEU D 392 8.30 -45.86 1.04
CA LEU D 392 8.21 -44.71 1.94
C LEU D 392 8.36 -45.15 3.39
N ALA D 393 9.09 -44.36 4.16
CA ALA D 393 9.28 -44.65 5.54
C ALA D 393 8.93 -43.37 6.29
N SER D 394 8.11 -43.50 7.33
CA SER D 394 7.69 -42.33 8.12
C SER D 394 8.39 -42.30 9.48
N ALA D 395 9.04 -41.19 9.78
CA ALA D 395 9.76 -41.03 11.05
C ALA D 395 8.77 -41.02 12.23
N ALA D 396 7.52 -40.69 11.94
CA ALA D 396 6.51 -40.64 12.95
C ALA D 396 5.56 -41.82 12.82
N PRO D 397 5.01 -42.24 13.96
CA PRO D 397 4.07 -43.36 13.98
C PRO D 397 2.81 -42.89 13.26
N GLU D 398 1.92 -43.83 12.95
CA GLU D 398 0.66 -43.50 12.25
C GLU D 398 -0.10 -42.38 12.97
N ILE D 399 -0.46 -41.35 12.23
CA ILE D 399 -1.19 -40.24 12.81
C ILE D 399 -2.66 -40.62 12.65
N ARG D 400 -3.29 -40.96 13.78
CA ARG D 400 -4.67 -41.41 13.79
C ARG D 400 -5.66 -40.46 14.42
N PHE D 401 -5.21 -39.64 15.34
CA PHE D 401 -6.13 -38.73 16.02
C PHE D 401 -5.69 -37.30 15.89
N PRO D 402 -6.66 -36.39 15.88
CA PRO D 402 -6.38 -34.96 15.76
C PRO D 402 -5.77 -34.42 17.06
N ASN D 403 -5.00 -33.35 16.95
CA ASN D 403 -4.36 -32.73 18.09
C ASN D 403 -5.32 -31.64 18.57
N VAL D 404 -5.48 -31.51 19.88
CA VAL D 404 -6.38 -30.47 20.42
C VAL D 404 -5.69 -29.65 21.49
N TYR D 405 -4.36 -29.65 21.48
CA TYR D 405 -3.61 -28.88 22.47
C TYR D 405 -2.85 -27.69 21.90
N GLY D 406 -2.74 -27.62 20.58
CA GLY D 406 -2.05 -26.50 19.98
C GLY D 406 -1.56 -26.71 18.57
N ILE D 407 -1.48 -27.95 18.12
CA ILE D 407 -1.01 -28.27 16.77
C ILE D 407 -2.21 -28.42 15.82
N ASP D 408 -2.25 -27.63 14.76
CA ASP D 408 -3.34 -27.69 13.78
C ASP D 408 -3.29 -28.97 12.95
N MET D 409 -4.34 -29.77 13.09
CA MET D 409 -4.47 -31.04 12.40
C MET D 409 -5.86 -31.19 11.83
N PRO D 410 -5.98 -31.95 10.73
CA PRO D 410 -7.31 -32.15 10.13
C PRO D 410 -8.14 -33.09 11.02
N SER D 411 -9.45 -33.13 10.81
CA SER D 411 -10.30 -33.98 11.62
C SER D 411 -9.96 -35.46 11.43
N ALA D 412 -10.29 -36.25 12.44
CA ALA D 412 -10.00 -37.68 12.42
C ALA D 412 -10.28 -38.38 11.10
N THR D 413 -11.40 -38.05 10.48
CA THR D 413 -11.80 -38.65 9.21
C THR D 413 -10.91 -38.33 8.02
N GLU D 414 -10.16 -37.23 8.12
CA GLU D 414 -9.26 -36.80 7.06
C GLU D 414 -7.88 -37.47 7.18
N LEU D 415 -7.50 -37.84 8.41
CA LEU D 415 -6.22 -38.49 8.66
C LEU D 415 -6.30 -39.87 7.98
N ILE D 416 -5.49 -40.09 6.95
CA ILE D 416 -5.51 -41.36 6.23
C ILE D 416 -5.24 -42.60 7.10
N ALA D 417 -4.42 -42.44 8.14
CA ALA D 417 -4.08 -43.55 9.06
C ALA D 417 -5.22 -43.92 9.99
N HIS D 418 -6.17 -43.00 10.14
CA HIS D 418 -7.32 -43.21 11.00
C HIS D 418 -8.24 -44.31 10.49
N GLY D 419 -8.23 -45.44 11.16
CA GLY D 419 -9.07 -46.56 10.77
C GLY D 419 -8.51 -47.38 9.61
N ARG D 420 -7.20 -47.34 9.40
CA ARG D 420 -6.61 -48.11 8.31
C ARG D 420 -5.33 -48.80 8.76
N GLU D 421 -5.01 -49.90 8.09
CA GLU D 421 -3.81 -50.68 8.38
C GLU D 421 -2.71 -50.25 7.41
N VAL D 422 -1.46 -50.35 7.86
CA VAL D 422 -0.30 -49.97 7.05
C VAL D 422 -0.40 -50.39 5.58
N ASP D 423 -0.81 -51.62 5.32
CA ASP D 423 -0.92 -52.10 3.95
C ASP D 423 -1.97 -51.39 3.11
N GLU D 424 -3.07 -50.98 3.73
CA GLU D 424 -4.12 -50.27 3.02
C GLU D 424 -3.60 -48.90 2.61
N ILE D 425 -3.10 -48.17 3.60
CA ILE D 425 -2.54 -46.83 3.42
C ILE D 425 -1.51 -46.86 2.28
N ARG D 426 -0.71 -47.92 2.26
CA ARG D 426 0.32 -48.12 1.25
C ARG D 426 -0.28 -48.18 -0.15
N GLN D 427 -1.40 -48.90 -0.28
CA GLN D 427 -2.10 -49.08 -1.53
C GLN D 427 -2.75 -47.78 -2.00
N ILE D 428 -3.29 -47.03 -1.06
CA ILE D 428 -3.93 -45.75 -1.35
C ILE D 428 -2.93 -44.74 -1.91
N ILE D 429 -1.73 -44.72 -1.34
CA ILE D 429 -0.70 -43.79 -1.80
C ILE D 429 0.20 -44.35 -2.92
N GLY D 430 -0.01 -45.61 -3.29
CA GLY D 430 0.75 -46.21 -4.36
C GLY D 430 2.22 -46.48 -4.07
N ALA D 431 2.57 -46.57 -2.80
CA ALA D 431 3.95 -46.85 -2.41
C ALA D 431 4.17 -48.36 -2.59
N ASP D 432 5.33 -48.76 -3.11
CA ASP D 432 5.56 -50.18 -3.25
C ASP D 432 5.71 -50.80 -1.87
N GLY D 433 6.04 -49.97 -0.88
CA GLY D 433 6.21 -50.43 0.48
C GLY D 433 6.14 -49.25 1.41
N LEU D 434 5.45 -49.41 2.53
CA LEU D 434 5.32 -48.34 3.51
C LEU D 434 5.71 -48.87 4.89
N ILE D 435 6.21 -48.00 5.76
CA ILE D 435 6.62 -48.44 7.10
C ILE D 435 6.68 -47.24 8.04
N PHE D 436 6.16 -47.43 9.25
CA PHE D 436 6.13 -46.36 10.25
C PHE D 436 6.98 -46.63 11.47
N GLN D 437 7.36 -45.56 12.14
CA GLN D 437 8.13 -45.61 13.36
C GLN D 437 7.19 -46.15 14.45
N ASP D 438 7.60 -47.16 15.21
CA ASP D 438 6.74 -47.67 16.28
C ASP D 438 6.71 -46.59 17.36
N LEU D 439 5.58 -46.43 18.03
CA LEU D 439 5.47 -45.40 19.06
C LEU D 439 6.46 -45.55 20.22
N ASN D 440 6.65 -46.79 20.67
CA ASN D 440 7.57 -47.10 21.77
C ASN D 440 9.01 -46.68 21.40
N ASP D 441 9.35 -46.86 20.11
CA ASP D 441 10.66 -46.47 19.58
C ASP D 441 10.84 -44.96 19.68
N LEU D 442 9.90 -44.24 19.08
CA LEU D 442 9.91 -42.79 19.08
C LEU D 442 10.10 -42.29 20.50
N ILE D 443 9.37 -42.86 21.45
CA ILE D 443 9.46 -42.46 22.86
C ILE D 443 10.86 -42.70 23.43
N ASP D 444 11.41 -43.89 23.19
CA ASP D 444 12.75 -44.21 23.67
C ASP D 444 13.71 -43.18 23.10
N ALA D 445 13.60 -42.95 21.78
CA ALA D 445 14.45 -42.00 21.06
C ALA D 445 14.49 -40.61 21.66
N VAL D 446 13.35 -40.11 22.11
CA VAL D 446 13.29 -38.79 22.72
C VAL D 446 13.73 -38.86 24.18
N ARG D 447 13.19 -39.85 24.89
CA ARG D 447 13.44 -40.09 26.30
C ARG D 447 14.92 -40.33 26.56
N ALA D 448 15.63 -40.85 25.55
CA ALA D 448 17.04 -41.12 25.70
C ALA D 448 17.77 -39.87 26.11
N GLU D 449 17.33 -38.73 25.57
CA GLU D 449 17.95 -37.43 25.87
C GLU D 449 17.63 -36.90 27.26
N ASN D 450 16.63 -37.49 27.90
CA ASN D 450 16.22 -37.07 29.25
C ASN D 450 15.26 -38.11 29.83
N PRO D 451 15.80 -39.16 30.47
CA PRO D 451 15.02 -40.23 31.08
C PRO D 451 14.12 -39.77 32.21
N ASP D 452 14.31 -38.55 32.67
CA ASP D 452 13.45 -38.03 33.74
C ASP D 452 12.02 -37.95 33.21
N ILE D 453 11.87 -37.65 31.91
CA ILE D 453 10.54 -37.55 31.33
C ILE D 453 10.06 -38.99 31.14
N GLN D 454 8.98 -39.33 31.82
CA GLN D 454 8.44 -40.69 31.73
C GLN D 454 7.26 -40.81 30.79
N GLN D 455 6.52 -39.72 30.60
CA GLN D 455 5.39 -39.76 29.69
C GLN D 455 5.30 -38.48 28.87
N PHE D 456 5.11 -38.66 27.58
CA PHE D 456 4.99 -37.56 26.62
C PHE D 456 3.52 -37.45 26.18
N GLU D 457 3.12 -36.27 25.74
CA GLU D 457 1.76 -36.07 25.26
C GLU D 457 1.75 -36.57 23.82
N CYS D 458 1.12 -37.70 23.57
CA CYS D 458 1.07 -38.26 22.22
C CYS D 458 -0.29 -38.81 21.80
N SER D 459 -1.35 -38.03 22.08
CA SER D 459 -2.73 -38.37 21.74
C SER D 459 -3.00 -38.52 20.25
N VAL D 460 -2.25 -37.82 19.42
CA VAL D 460 -2.43 -37.89 17.97
C VAL D 460 -2.07 -39.26 17.46
N PHE D 461 -1.33 -40.01 18.28
CA PHE D 461 -0.90 -41.35 17.91
C PHE D 461 -1.70 -42.46 18.61
N ASN D 462 -1.86 -42.34 19.93
CA ASN D 462 -2.58 -43.33 20.73
C ASN D 462 -4.03 -43.00 21.06
N GLY D 463 -4.44 -41.77 20.79
CA GLY D 463 -5.80 -41.36 21.07
C GLY D 463 -6.05 -41.14 22.54
N VAL D 464 -5.00 -41.16 23.35
CA VAL D 464 -5.13 -40.95 24.78
C VAL D 464 -4.85 -39.51 25.15
N TYR D 465 -5.91 -38.76 25.41
CA TYR D 465 -5.76 -37.36 25.76
C TYR D 465 -5.58 -37.18 27.25
N VAL D 466 -4.43 -36.67 27.66
CA VAL D 466 -4.13 -36.47 29.08
C VAL D 466 -5.18 -35.69 29.86
N THR D 467 -5.88 -34.76 29.20
CA THR D 467 -6.91 -33.97 29.88
C THR D 467 -8.24 -34.72 30.00
N LYS D 468 -8.36 -35.82 29.23
CA LYS D 468 -9.55 -36.68 29.23
C LYS D 468 -10.87 -36.09 28.70
N ASP D 469 -10.99 -34.77 28.67
CA ASP D 469 -12.20 -34.09 28.22
C ASP D 469 -12.41 -33.98 26.70
N VAL D 470 -11.87 -34.93 25.95
CA VAL D 470 -12.02 -34.91 24.50
C VAL D 470 -12.91 -36.05 24.04
N ASP D 471 -13.93 -35.72 23.25
CA ASP D 471 -14.88 -36.70 22.74
C ASP D 471 -15.44 -36.16 21.43
N GLN D 472 -16.34 -36.91 20.81
CA GLN D 472 -16.92 -36.51 19.55
C GLN D 472 -17.80 -35.27 19.62
N GLY D 473 -18.39 -35.01 20.79
CA GLY D 473 -19.20 -33.82 20.92
C GLY D 473 -18.26 -32.64 20.71
N TYR D 474 -17.09 -32.74 21.33
CA TYR D 474 -16.05 -31.73 21.25
C TYR D 474 -15.37 -31.70 19.88
N LEU D 475 -15.02 -32.87 19.34
CA LEU D 475 -14.37 -32.95 18.04
C LEU D 475 -15.23 -32.32 16.95
N ASP D 476 -16.54 -32.49 17.07
CA ASP D 476 -17.48 -31.95 16.11
C ASP D 476 -17.63 -30.43 16.26
N PHE D 477 -17.51 -29.93 17.49
CA PHE D 477 -17.59 -28.48 17.76
C PHE D 477 -16.40 -27.77 17.11
N LEU D 478 -15.23 -28.42 17.12
CA LEU D 478 -14.04 -27.86 16.51
C LEU D 478 -14.28 -27.75 15.01
N ASP D 479 -15.03 -28.71 14.47
CA ASP D 479 -15.36 -28.73 13.05
C ASP D 479 -16.34 -27.62 12.67
N THR D 480 -17.18 -27.22 13.62
CA THR D 480 -18.12 -26.13 13.39
C THR D 480 -17.30 -24.83 13.26
N LEU D 481 -16.29 -24.69 14.12
CA LEU D 481 -15.40 -23.53 14.11
C LEU D 481 -14.64 -23.47 12.78
N ARG D 482 -14.11 -24.63 12.37
CA ARG D 482 -13.35 -24.76 11.13
C ARG D 482 -14.21 -24.38 9.92
N ASN D 483 -15.48 -24.76 9.95
CA ASN D 483 -16.42 -24.44 8.87
C ASN D 483 -16.68 -22.93 8.77
N ASP D 484 -16.92 -22.30 9.92
CA ASP D 484 -17.15 -20.85 9.97
C ASP D 484 -15.89 -20.10 9.52
N ASP D 485 -14.73 -20.72 9.76
CA ASP D 485 -13.45 -20.15 9.37
C ASP D 485 -13.29 -20.21 7.85
N ALA D 486 -13.78 -21.30 7.26
CA ALA D 486 -13.70 -21.51 5.81
C ALA D 486 -14.65 -20.60 5.03
N LYS D 487 -15.83 -20.34 5.57
CA LYS D 487 -16.79 -19.47 4.93
C LYS D 487 -16.35 -18.02 5.10
N ALA D 488 -15.61 -17.74 6.18
CA ALA D 488 -15.10 -16.40 6.44
C ALA D 488 -13.96 -16.10 5.47
N VAL D 489 -13.08 -17.09 5.30
CA VAL D 489 -11.95 -16.96 4.38
C VAL D 489 -12.46 -16.95 2.94
N GLN D 490 -13.47 -17.78 2.67
CA GLN D 490 -14.07 -17.87 1.33
C GLN D 490 -14.75 -16.53 0.97
N ARG D 491 -15.40 -15.93 1.96
CA ARG D 491 -16.08 -14.64 1.82
C ARG D 491 -15.08 -13.61 1.31
N GLN D 492 -13.92 -13.57 1.96
CA GLN D 492 -12.84 -12.65 1.64
C GLN D 492 -12.34 -12.86 0.20
#